data_2MTC
#
_entry.id   2MTC
#
_entity_poly.entity_id   1
_entity_poly.type   'polypeptide(L)'
_entity_poly.pdbx_seq_one_letter_code
;GLKGETKIILERSAKDITDEINKIKKDAADNNVNFAAFTDSETGSKVSENSFILEAKVRATTVAEKFVTAIEGEATKLKK
TGSSGEFSAMYNMMLEVSGPLEELGVLRMTKTVTDAAEQHPTTTAEGILEIAKIMKTKLQRVHTKNYCALEKKKNPNFTD
EKCKNN
;
_entity_poly.pdbx_strand_id   A
#
# COMPACT_ATOMS: atom_id res chain seq x y z
N GLY A 1 -14.43 7.34 -22.58
CA GLY A 1 -13.67 6.77 -23.73
C GLY A 1 -13.64 5.25 -23.62
N LEU A 2 -13.50 4.76 -22.38
CA LEU A 2 -13.45 3.32 -22.13
C LEU A 2 -14.87 2.76 -21.98
N LYS A 3 -15.16 1.70 -22.73
CA LYS A 3 -16.49 1.06 -22.68
C LYS A 3 -16.44 -0.18 -21.80
N GLY A 4 -17.61 -0.56 -21.31
CA GLY A 4 -17.73 -1.73 -20.44
C GLY A 4 -17.15 -1.44 -19.08
N GLU A 5 -16.86 -2.50 -18.34
CA GLU A 5 -16.29 -2.36 -17.01
C GLU A 5 -14.91 -1.71 -17.09
N THR A 6 -14.25 -1.86 -18.24
CA THR A 6 -12.92 -1.29 -18.44
C THR A 6 -12.84 0.15 -17.93
N LYS A 7 -13.99 0.80 -17.83
CA LYS A 7 -14.05 2.18 -17.35
C LYS A 7 -13.99 2.24 -15.82
N ILE A 8 -14.94 1.57 -15.17
CA ILE A 8 -15.01 1.56 -13.70
C ILE A 8 -14.02 0.57 -13.10
N ILE A 9 -13.48 -0.32 -13.93
CA ILE A 9 -12.53 -1.32 -13.46
C ILE A 9 -11.51 -0.71 -12.50
N LEU A 10 -11.02 0.48 -12.84
CA LEU A 10 -10.06 1.15 -11.99
C LEU A 10 -10.71 1.55 -10.67
N GLU A 11 -11.93 2.09 -10.75
CA GLU A 11 -12.64 2.53 -9.56
C GLU A 11 -13.02 1.35 -8.68
N ARG A 12 -13.33 0.22 -9.32
CA ARG A 12 -13.71 -0.99 -8.61
C ARG A 12 -12.58 -1.46 -7.69
N SER A 13 -11.36 -1.45 -8.21
CA SER A 13 -10.20 -1.89 -7.43
C SER A 13 -9.97 -0.95 -6.25
N ALA A 14 -10.11 0.36 -6.50
CA ALA A 14 -9.92 1.35 -5.46
C ALA A 14 -11.00 1.25 -4.40
N LYS A 15 -12.21 0.93 -4.83
CA LYS A 15 -13.33 0.81 -3.90
C LYS A 15 -13.07 -0.28 -2.87
N ASP A 16 -12.52 -1.40 -3.32
CA ASP A 16 -12.22 -2.51 -2.42
C ASP A 16 -11.27 -2.06 -1.31
N ILE A 17 -10.19 -1.39 -1.70
CA ILE A 17 -9.20 -0.91 -0.73
C ILE A 17 -9.83 0.11 0.22
N THR A 18 -10.62 1.01 -0.34
CA THR A 18 -11.27 2.03 0.48
C THR A 18 -12.15 1.38 1.53
N ASP A 19 -12.95 0.41 1.12
CA ASP A 19 -13.84 -0.30 2.04
C ASP A 19 -13.03 -1.21 2.98
N GLU A 20 -11.90 -1.71 2.50
CA GLU A 20 -11.07 -2.61 3.30
C GLU A 20 -10.73 -1.99 4.64
N ILE A 21 -10.45 -0.70 4.64
CA ILE A 21 -10.10 0.01 5.87
C ILE A 21 -11.25 -0.09 6.87
N ASN A 22 -12.47 0.11 6.38
CA ASN A 22 -13.65 0.05 7.23
C ASN A 22 -13.83 -1.36 7.80
N LYS A 23 -13.55 -2.37 6.97
CA LYS A 23 -13.71 -3.78 7.39
C LYS A 23 -12.84 -4.07 8.62
N ILE A 24 -11.62 -3.55 8.64
CA ILE A 24 -10.72 -3.78 9.77
C ILE A 24 -11.20 -3.01 11.00
N LYS A 25 -11.67 -1.78 10.80
CA LYS A 25 -12.15 -0.95 11.91
C LYS A 25 -13.27 -1.65 12.67
N LYS A 26 -14.26 -2.16 11.95
CA LYS A 26 -15.38 -2.85 12.60
C LYS A 26 -14.88 -4.11 13.29
N ASP A 27 -13.88 -4.75 12.69
CA ASP A 27 -13.31 -5.97 13.25
C ASP A 27 -12.50 -5.67 14.50
N ALA A 28 -11.75 -4.56 14.44
CA ALA A 28 -10.93 -4.16 15.57
C ALA A 28 -11.81 -3.83 16.78
N ALA A 29 -12.93 -3.14 16.53
CA ALA A 29 -13.85 -2.77 17.60
C ALA A 29 -14.49 -4.01 18.23
N ASP A 30 -14.77 -5.00 17.38
CA ASP A 30 -15.39 -6.23 17.85
C ASP A 30 -14.49 -6.93 18.86
N ASN A 31 -13.19 -6.90 18.62
CA ASN A 31 -12.22 -7.53 19.51
C ASN A 31 -11.82 -6.56 20.64
N ASN A 32 -12.37 -5.35 20.58
CA ASN A 32 -12.08 -4.35 21.60
C ASN A 32 -10.58 -4.14 21.75
N VAL A 33 -9.90 -3.85 20.64
CA VAL A 33 -8.44 -3.64 20.63
C VAL A 33 -8.11 -2.22 20.22
N ASN A 34 -7.17 -1.60 20.93
CA ASN A 34 -6.75 -0.23 20.64
C ASN A 34 -6.45 -0.06 19.15
N PHE A 35 -7.39 0.54 18.44
CA PHE A 35 -7.22 0.78 17.00
C PHE A 35 -6.05 1.71 16.74
N ALA A 36 -5.98 2.79 17.52
CA ALA A 36 -4.90 3.77 17.35
C ALA A 36 -3.54 3.13 17.53
N ALA A 37 -3.52 1.88 17.97
CA ALA A 37 -2.27 1.16 18.19
C ALA A 37 -1.51 1.01 16.87
N PHE A 38 -2.22 1.10 15.75
CA PHE A 38 -1.59 0.96 14.45
C PHE A 38 -0.39 1.90 14.33
N THR A 39 -0.64 3.19 14.58
CA THR A 39 0.43 4.22 14.50
C THR A 39 0.79 4.69 15.90
N ASP A 40 -0.17 4.63 16.81
CA ASP A 40 0.05 5.05 18.19
C ASP A 40 0.67 6.44 18.23
N SER A 41 2.00 6.50 18.18
CA SER A 41 2.71 7.77 18.20
C SER A 41 4.11 7.61 17.63
N GLU A 42 4.70 8.71 17.15
CA GLU A 42 6.05 8.67 16.59
C GLU A 42 7.09 8.78 17.70
N THR A 43 7.87 7.72 17.86
CA THR A 43 8.91 7.70 18.89
C THR A 43 9.78 6.45 18.75
N GLY A 44 10.63 6.45 17.73
CA GLY A 44 11.51 5.31 17.48
C GLY A 44 10.71 4.08 17.08
N SER A 45 11.01 2.95 17.72
CA SER A 45 10.29 1.71 17.41
C SER A 45 8.84 1.81 17.86
N LYS A 46 7.93 1.41 16.99
CA LYS A 46 6.50 1.45 17.30
C LYS A 46 6.10 0.25 18.15
N VAL A 47 5.25 0.49 19.14
CA VAL A 47 4.80 -0.58 20.02
C VAL A 47 4.03 -1.64 19.22
N SER A 48 2.69 -1.58 19.26
CA SER A 48 1.86 -2.53 18.53
C SER A 48 2.40 -3.95 18.64
N GLU A 49 2.89 -4.30 19.83
CA GLU A 49 3.44 -5.62 20.08
C GLU A 49 2.41 -6.70 19.76
N ASN A 50 1.14 -6.33 19.84
CA ASN A 50 0.06 -7.28 19.55
C ASN A 50 0.14 -7.74 18.10
N SER A 51 0.09 -9.05 17.90
CA SER A 51 0.15 -9.60 16.56
C SER A 51 -1.04 -9.16 15.73
N PHE A 52 -2.16 -8.88 16.38
CA PHE A 52 -3.35 -8.45 15.67
C PHE A 52 -3.06 -7.19 14.83
N ILE A 53 -2.44 -6.20 15.46
CA ILE A 53 -2.12 -4.96 14.77
C ILE A 53 -1.16 -5.22 13.61
N LEU A 54 -0.09 -5.95 13.88
CA LEU A 54 0.90 -6.24 12.86
C LEU A 54 0.31 -7.15 11.79
N GLU A 55 -0.45 -8.16 12.21
CA GLU A 55 -1.07 -9.09 11.27
C GLU A 55 -2.12 -8.37 10.43
N ALA A 56 -2.93 -7.56 11.09
CA ALA A 56 -3.98 -6.83 10.41
C ALA A 56 -3.39 -5.84 9.42
N LYS A 57 -2.22 -5.32 9.74
CA LYS A 57 -1.55 -4.36 8.87
C LYS A 57 -1.24 -4.99 7.51
N VAL A 58 -0.87 -6.26 7.53
CA VAL A 58 -0.56 -6.98 6.30
C VAL A 58 -1.79 -7.03 5.40
N ARG A 59 -2.95 -7.29 6.00
CA ARG A 59 -4.20 -7.37 5.26
C ARG A 59 -4.41 -6.08 4.46
N ALA A 60 -4.10 -4.95 5.07
CA ALA A 60 -4.26 -3.65 4.41
C ALA A 60 -3.13 -3.45 3.39
N THR A 61 -2.04 -4.20 3.56
CA THR A 61 -0.90 -4.11 2.66
C THR A 61 -1.08 -4.98 1.43
N THR A 62 -1.22 -6.29 1.64
CA THR A 62 -1.40 -7.24 0.54
C THR A 62 -2.40 -6.74 -0.49
N VAL A 63 -3.51 -6.20 0.00
CA VAL A 63 -4.55 -5.68 -0.89
C VAL A 63 -4.01 -4.47 -1.66
N ALA A 64 -3.25 -3.63 -0.97
CA ALA A 64 -2.67 -2.44 -1.59
C ALA A 64 -1.62 -2.83 -2.64
N GLU A 65 -0.85 -3.88 -2.34
CA GLU A 65 0.18 -4.34 -3.26
C GLU A 65 -0.43 -4.63 -4.63
N LYS A 66 -1.67 -5.07 -4.63
CA LYS A 66 -2.35 -5.37 -5.88
C LYS A 66 -2.49 -4.10 -6.72
N PHE A 67 -2.73 -2.98 -6.05
CA PHE A 67 -2.89 -1.73 -6.78
C PHE A 67 -1.60 -1.35 -7.50
N VAL A 68 -0.47 -1.41 -6.78
CA VAL A 68 0.82 -1.06 -7.36
C VAL A 68 1.19 -1.99 -8.52
N THR A 69 1.07 -3.30 -8.28
CA THR A 69 1.40 -4.27 -9.30
C THR A 69 0.41 -4.16 -10.47
N ALA A 70 -0.83 -3.81 -10.13
CA ALA A 70 -1.86 -3.65 -11.14
C ALA A 70 -1.52 -2.50 -12.09
N ILE A 71 -0.93 -1.44 -11.57
CA ILE A 71 -0.58 -0.31 -12.42
C ILE A 71 0.38 -0.76 -13.52
N GLU A 72 1.38 -1.54 -13.15
CA GLU A 72 2.36 -2.02 -14.12
C GLU A 72 1.68 -2.93 -15.15
N GLY A 73 0.76 -3.77 -14.69
CA GLY A 73 0.05 -4.70 -15.58
C GLY A 73 -1.04 -3.97 -16.39
N GLU A 74 -1.90 -3.24 -15.67
CA GLU A 74 -2.99 -2.50 -16.30
C GLU A 74 -2.45 -1.63 -17.43
N ALA A 75 -1.16 -1.32 -17.38
CA ALA A 75 -0.53 -0.50 -18.42
C ALA A 75 -1.02 -0.91 -19.81
N THR A 76 -1.13 -2.22 -20.02
CA THR A 76 -1.62 -2.77 -21.28
C THR A 76 -1.08 -1.96 -22.46
N LYS A 77 -1.93 -1.09 -23.01
CA LYS A 77 -1.54 -0.25 -24.12
C LYS A 77 -2.62 0.79 -24.40
N LEU A 78 -3.87 0.40 -24.15
CA LEU A 78 -5.01 1.30 -24.40
C LEU A 78 -6.23 0.88 -23.60
N LYS A 79 -6.39 -0.42 -23.39
CA LYS A 79 -7.54 -0.93 -22.66
C LYS A 79 -7.79 -0.12 -21.38
N LYS A 80 -6.77 -0.02 -20.54
CA LYS A 80 -6.87 0.74 -19.29
C LYS A 80 -6.40 2.19 -19.50
N THR A 81 -5.24 2.33 -20.13
CA THR A 81 -4.65 3.65 -20.38
C THR A 81 -5.29 4.32 -21.59
N GLY A 82 -6.63 4.24 -21.66
CA GLY A 82 -7.40 4.85 -22.76
C GLY A 82 -6.75 6.12 -23.30
N SER A 83 -7.14 7.26 -22.76
CA SER A 83 -6.57 8.55 -23.20
C SER A 83 -5.15 8.70 -22.66
N SER A 84 -4.45 9.72 -23.15
CA SER A 84 -3.09 9.96 -22.71
C SER A 84 -3.05 10.35 -21.23
N GLY A 85 -4.18 10.83 -20.72
CA GLY A 85 -4.28 11.25 -19.32
C GLY A 85 -4.57 10.05 -18.41
N GLU A 86 -5.09 8.98 -19.00
CA GLU A 86 -5.43 7.78 -18.24
C GLU A 86 -4.16 7.14 -17.66
N PHE A 87 -3.04 7.32 -18.34
CA PHE A 87 -1.77 6.74 -17.88
C PHE A 87 -1.42 7.25 -16.48
N SER A 88 -1.48 8.56 -16.29
CA SER A 88 -1.17 9.18 -15.00
C SER A 88 -2.34 9.10 -14.04
N ALA A 89 -3.55 8.98 -14.60
CA ALA A 89 -4.75 8.90 -13.78
C ALA A 89 -4.65 7.74 -12.81
N MET A 90 -4.06 6.64 -13.25
CA MET A 90 -3.93 5.48 -12.39
C MET A 90 -3.04 5.78 -11.19
N TYR A 91 -1.91 6.44 -11.46
CA TYR A 91 -0.97 6.79 -10.39
C TYR A 91 -1.55 7.91 -9.52
N ASN A 92 -2.42 8.72 -10.10
CA ASN A 92 -2.99 9.84 -9.37
C ASN A 92 -3.74 9.34 -8.14
N MET A 93 -4.49 8.25 -8.31
CA MET A 93 -5.24 7.68 -7.21
C MET A 93 -4.30 7.14 -6.14
N MET A 94 -3.25 6.47 -6.58
CA MET A 94 -2.27 5.90 -5.65
C MET A 94 -1.74 6.96 -4.72
N LEU A 95 -1.54 8.16 -5.25
CA LEU A 95 -1.04 9.26 -4.44
C LEU A 95 -2.03 9.56 -3.31
N GLU A 96 -3.31 9.58 -3.66
CA GLU A 96 -4.36 9.86 -2.68
C GLU A 96 -4.50 8.70 -1.69
N VAL A 97 -4.39 7.48 -2.20
CA VAL A 97 -4.51 6.29 -1.35
C VAL A 97 -3.45 6.33 -0.25
N SER A 98 -2.43 7.14 -0.44
CA SER A 98 -1.36 7.25 0.55
C SER A 98 -1.93 7.65 1.92
N GLY A 99 -3.12 8.26 1.91
CA GLY A 99 -3.76 8.70 3.16
C GLY A 99 -4.37 7.51 3.92
N PRO A 100 -5.41 6.91 3.38
CA PRO A 100 -6.08 5.74 4.04
C PRO A 100 -5.07 4.74 4.63
N LEU A 101 -4.04 4.40 3.86
CA LEU A 101 -3.01 3.47 4.34
C LEU A 101 -2.27 4.06 5.54
N GLU A 102 -1.99 5.36 5.48
CA GLU A 102 -1.28 6.02 6.56
C GLU A 102 -2.07 5.88 7.87
N GLU A 103 -3.40 5.90 7.74
CA GLU A 103 -4.26 5.77 8.91
C GLU A 103 -4.16 4.38 9.51
N LEU A 104 -4.37 3.35 8.67
CA LEU A 104 -4.32 1.97 9.14
C LEU A 104 -2.89 1.61 9.54
N GLY A 105 -1.91 2.22 8.88
CA GLY A 105 -0.51 1.96 9.19
C GLY A 105 0.37 2.29 8.00
N VAL A 106 1.20 1.33 7.59
CA VAL A 106 2.09 1.51 6.45
C VAL A 106 3.00 2.71 6.68
N LEU A 107 4.21 2.65 6.14
CA LEU A 107 5.18 3.74 6.29
C LEU A 107 4.92 4.81 5.23
N ARG A 108 5.02 6.07 5.65
CA ARG A 108 4.80 7.20 4.75
C ARG A 108 6.06 7.49 3.96
N MET A 109 5.89 7.86 2.69
CA MET A 109 7.03 8.17 1.84
C MET A 109 6.55 8.79 0.54
N THR A 110 5.51 9.61 0.63
CA THR A 110 4.95 10.24 -0.56
C THR A 110 5.99 11.16 -1.20
N LYS A 111 6.99 11.54 -0.41
CA LYS A 111 8.03 12.42 -0.93
C LYS A 111 8.79 11.75 -2.07
N THR A 112 9.15 10.49 -1.88
CA THR A 112 9.88 9.75 -2.90
C THR A 112 9.06 9.65 -4.19
N VAL A 113 7.80 9.24 -4.06
CA VAL A 113 6.94 9.10 -5.23
C VAL A 113 6.71 10.46 -5.89
N THR A 114 6.40 11.46 -5.07
CA THR A 114 6.16 12.81 -5.58
C THR A 114 7.42 13.36 -6.24
N ASP A 115 8.56 13.15 -5.59
CA ASP A 115 9.83 13.64 -6.12
C ASP A 115 10.11 13.01 -7.47
N ALA A 116 9.64 11.79 -7.66
CA ALA A 116 9.84 11.08 -8.94
C ALA A 116 9.36 11.94 -10.10
N ALA A 117 8.33 12.75 -9.85
CA ALA A 117 7.79 13.63 -10.88
C ALA A 117 8.84 14.66 -11.32
N GLU A 118 9.67 15.10 -10.37
CA GLU A 118 10.69 16.10 -10.67
C GLU A 118 11.63 15.59 -11.76
N GLN A 119 12.32 14.50 -11.49
CA GLN A 119 13.24 13.92 -12.46
C GLN A 119 12.45 13.22 -13.58
N HIS A 120 11.77 12.14 -13.22
CA HIS A 120 10.96 11.38 -14.18
C HIS A 120 9.67 12.13 -14.50
N PRO A 121 9.06 11.93 -15.66
CA PRO A 121 7.79 12.62 -16.02
C PRO A 121 6.76 12.56 -14.89
N THR A 122 6.00 11.48 -14.84
CA THR A 122 4.98 11.29 -13.81
C THR A 122 4.51 9.84 -13.81
N THR A 123 4.12 9.36 -14.99
CA THR A 123 3.64 7.99 -15.14
C THR A 123 3.15 7.75 -16.57
N THR A 124 4.04 8.00 -17.52
CA THR A 124 3.74 7.79 -18.93
C THR A 124 3.88 6.31 -19.23
N ALA A 125 3.56 5.89 -20.45
CA ALA A 125 3.65 4.49 -20.83
C ALA A 125 4.90 3.84 -20.28
N GLU A 126 6.07 4.31 -20.72
CA GLU A 126 7.35 3.78 -20.23
C GLU A 126 7.69 4.37 -18.86
N GLY A 127 7.15 5.56 -18.57
CA GLY A 127 7.43 6.23 -17.30
C GLY A 127 7.00 5.35 -16.12
N ILE A 128 5.87 4.68 -16.27
CA ILE A 128 5.37 3.81 -15.21
C ILE A 128 6.36 2.68 -14.96
N LEU A 129 6.87 2.09 -16.03
CA LEU A 129 7.82 1.00 -15.90
C LEU A 129 9.09 1.48 -15.19
N GLU A 130 9.54 2.69 -15.53
CA GLU A 130 10.74 3.25 -14.91
C GLU A 130 10.46 3.67 -13.47
N ILE A 131 9.50 4.57 -13.29
CA ILE A 131 9.15 5.07 -11.95
C ILE A 131 8.74 3.91 -11.04
N ALA A 132 8.26 2.82 -11.63
CA ALA A 132 7.83 1.66 -10.85
C ALA A 132 8.96 1.16 -9.94
N LYS A 133 10.20 1.46 -10.33
CA LYS A 133 11.36 1.03 -9.55
C LYS A 133 11.28 1.57 -8.12
N ILE A 134 10.87 2.82 -8.00
CA ILE A 134 10.76 3.46 -6.69
C ILE A 134 9.65 2.80 -5.88
N MET A 135 8.53 2.51 -6.54
CA MET A 135 7.40 1.93 -5.85
C MET A 135 7.77 0.59 -5.20
N LYS A 136 8.40 -0.28 -5.98
CA LYS A 136 8.82 -1.60 -5.49
C LYS A 136 9.56 -1.48 -4.16
N THR A 137 10.26 -0.37 -3.99
CA THR A 137 11.01 -0.17 -2.76
C THR A 137 10.07 -0.21 -1.56
N LYS A 138 8.93 0.46 -1.68
CA LYS A 138 7.95 0.51 -0.61
C LYS A 138 7.39 -0.89 -0.32
N LEU A 139 7.19 -1.68 -1.37
CA LEU A 139 6.63 -3.03 -1.22
C LEU A 139 7.55 -3.89 -0.37
N GLN A 140 8.86 -3.73 -0.55
CA GLN A 140 9.83 -4.51 0.21
C GLN A 140 10.00 -3.97 1.62
N ARG A 141 10.09 -2.64 1.75
CA ARG A 141 10.27 -2.01 3.05
C ARG A 141 9.05 -2.25 3.96
N VAL A 142 7.86 -2.15 3.39
CA VAL A 142 6.63 -2.33 4.16
C VAL A 142 6.44 -3.80 4.54
N HIS A 143 6.64 -4.69 3.56
CA HIS A 143 6.46 -6.11 3.77
C HIS A 143 7.54 -6.68 4.69
N THR A 144 8.80 -6.42 4.37
CA THR A 144 9.91 -6.93 5.18
C THR A 144 9.76 -6.51 6.64
N LYS A 145 9.34 -5.27 6.85
CA LYS A 145 9.19 -4.74 8.21
C LYS A 145 8.11 -5.52 8.98
N ASN A 146 6.97 -5.75 8.36
CA ASN A 146 5.86 -6.46 9.01
C ASN A 146 6.04 -7.96 8.90
N TYR A 147 6.78 -8.39 7.88
CA TYR A 147 6.99 -9.81 7.65
C TYR A 147 7.73 -10.46 8.82
N CYS A 148 8.84 -9.85 9.21
CA CYS A 148 9.64 -10.40 10.29
C CYS A 148 8.80 -10.69 11.51
N ALA A 149 8.19 -9.64 12.04
CA ALA A 149 7.35 -9.79 13.21
C ALA A 149 6.26 -10.83 12.97
N LEU A 150 5.98 -11.11 11.70
CA LEU A 150 4.92 -12.05 11.35
C LEU A 150 5.28 -13.47 11.77
N GLU A 151 6.37 -13.98 11.21
CA GLU A 151 6.83 -15.34 11.53
C GLU A 151 7.60 -15.35 12.85
N LYS A 152 7.83 -14.17 13.40
CA LYS A 152 8.55 -14.07 14.66
C LYS A 152 7.78 -14.78 15.77
N LYS A 153 6.47 -14.54 15.82
CA LYS A 153 5.63 -15.15 16.84
C LYS A 153 5.66 -16.68 16.72
N LYS A 154 5.78 -17.17 15.49
CA LYS A 154 5.78 -18.61 15.27
C LYS A 154 6.97 -19.25 15.98
N ASN A 155 8.15 -18.63 15.86
CA ASN A 155 9.35 -19.17 16.51
C ASN A 155 10.42 -18.07 16.69
N PRO A 156 11.19 -18.11 17.76
CA PRO A 156 12.26 -17.10 18.02
C PRO A 156 13.47 -17.30 17.10
N ASN A 157 13.47 -18.40 16.36
CA ASN A 157 14.57 -18.70 15.45
C ASN A 157 14.62 -17.70 14.30
N PHE A 158 13.50 -17.02 14.08
CA PHE A 158 13.43 -16.04 13.00
C PHE A 158 14.48 -14.93 13.22
N THR A 159 15.20 -14.59 12.16
CA THR A 159 16.22 -13.54 12.23
C THR A 159 16.51 -12.99 10.85
N ASP A 160 16.74 -11.68 10.78
CA ASP A 160 17.05 -11.03 9.51
C ASP A 160 17.58 -9.61 9.75
N GLU A 161 18.64 -9.26 9.03
CA GLU A 161 19.25 -7.94 9.18
C GLU A 161 18.30 -6.85 8.68
N LYS A 162 17.47 -7.19 7.69
CA LYS A 162 16.53 -6.23 7.12
C LYS A 162 15.58 -5.71 8.20
N CYS A 163 15.07 -6.62 9.02
CA CYS A 163 14.14 -6.25 10.10
C CYS A 163 14.89 -6.19 11.43
N LYS A 164 14.67 -5.11 12.17
CA LYS A 164 15.32 -4.91 13.46
C LYS A 164 14.40 -5.37 14.58
N ASN A 165 14.98 -5.96 15.62
CA ASN A 165 14.21 -6.43 16.76
C ASN A 165 13.94 -5.30 17.75
N ASN A 166 12.70 -4.83 17.77
CA ASN A 166 12.31 -3.75 18.67
C ASN A 166 13.26 -2.55 18.51
N GLY A 1 -14.17 9.82 -25.02
CA GLY A 1 -15.22 9.51 -24.00
C GLY A 1 -15.26 8.00 -23.76
N LEU A 2 -14.93 7.59 -22.55
CA LEU A 2 -14.94 6.16 -22.19
C LEU A 2 -16.37 5.69 -21.97
N LYS A 3 -16.60 4.41 -22.21
CA LYS A 3 -17.93 3.80 -22.04
C LYS A 3 -17.80 2.38 -21.52
N GLY A 4 -18.85 1.89 -20.89
CA GLY A 4 -18.85 0.54 -20.33
C GLY A 4 -18.12 0.49 -19.01
N GLU A 5 -17.79 -0.71 -18.58
CA GLU A 5 -17.07 -0.91 -17.32
C GLU A 5 -15.65 -0.34 -17.41
N THR A 6 -15.08 -0.38 -18.61
CA THR A 6 -13.72 0.12 -18.83
C THR A 6 -13.54 1.51 -18.22
N LYS A 7 -14.65 2.21 -18.03
CA LYS A 7 -14.59 3.57 -17.46
C LYS A 7 -14.42 3.51 -15.94
N ILE A 8 -15.33 2.79 -15.27
CA ILE A 8 -15.29 2.66 -13.80
C ILE A 8 -14.33 1.55 -13.36
N ILE A 9 -13.89 0.73 -14.31
CA ILE A 9 -12.99 -0.37 -13.99
C ILE A 9 -11.90 0.07 -13.02
N LEU A 10 -11.34 1.25 -13.27
CA LEU A 10 -10.29 1.77 -12.42
C LEU A 10 -10.86 2.12 -11.05
N GLU A 11 -12.02 2.76 -11.03
CA GLU A 11 -12.66 3.16 -9.78
C GLU A 11 -13.04 1.94 -8.97
N ARG A 12 -13.50 0.90 -9.64
CA ARG A 12 -13.90 -0.33 -8.97
C ARG A 12 -12.70 -0.96 -8.27
N SER A 13 -11.54 -0.93 -8.90
CA SER A 13 -10.34 -1.50 -8.32
C SER A 13 -9.98 -0.79 -7.02
N ALA A 14 -10.05 0.54 -7.03
CA ALA A 14 -9.73 1.33 -5.84
C ALA A 14 -10.88 1.29 -4.83
N LYS A 15 -12.09 1.04 -5.32
CA LYS A 15 -13.26 0.99 -4.45
C LYS A 15 -13.12 -0.15 -3.44
N ASP A 16 -12.69 -1.31 -3.91
CA ASP A 16 -12.53 -2.46 -3.04
C ASP A 16 -11.51 -2.17 -1.95
N ILE A 17 -10.38 -1.58 -2.34
CA ILE A 17 -9.32 -1.26 -1.39
C ILE A 17 -9.85 -0.29 -0.33
N THR A 18 -10.61 0.70 -0.78
CA THR A 18 -11.15 1.67 0.15
C THR A 18 -12.05 0.97 1.18
N ASP A 19 -12.87 0.04 0.71
CA ASP A 19 -13.79 -0.69 1.59
C ASP A 19 -13.03 -1.62 2.54
N GLU A 20 -11.94 -2.23 2.05
CA GLU A 20 -11.15 -3.15 2.87
C GLU A 20 -10.79 -2.51 4.21
N ILE A 21 -10.48 -1.22 4.20
CA ILE A 21 -10.13 -0.52 5.42
C ILE A 21 -11.31 -0.52 6.38
N ASN A 22 -12.50 -0.28 5.86
CA ASN A 22 -13.71 -0.28 6.69
C ASN A 22 -13.93 -1.65 7.32
N LYS A 23 -13.59 -2.70 6.59
CA LYS A 23 -13.79 -4.06 7.10
C LYS A 23 -12.98 -4.27 8.37
N ILE A 24 -11.73 -3.80 8.37
CA ILE A 24 -10.86 -3.96 9.53
C ILE A 24 -11.42 -3.20 10.73
N LYS A 25 -11.94 -2.01 10.49
CA LYS A 25 -12.49 -1.19 11.57
C LYS A 25 -13.50 -2.01 12.38
N LYS A 26 -14.34 -2.76 11.70
CA LYS A 26 -15.34 -3.58 12.39
C LYS A 26 -14.64 -4.64 13.23
N ASP A 27 -13.62 -5.29 12.65
CA ASP A 27 -12.88 -6.33 13.36
C ASP A 27 -12.17 -5.74 14.58
N ALA A 28 -11.50 -4.60 14.37
CA ALA A 28 -10.79 -3.94 15.46
C ALA A 28 -11.76 -3.38 16.49
N ALA A 29 -12.86 -2.81 16.01
CA ALA A 29 -13.88 -2.23 16.89
C ALA A 29 -14.51 -3.32 17.75
N ASP A 30 -14.77 -4.47 17.14
CA ASP A 30 -15.38 -5.58 17.86
C ASP A 30 -14.48 -6.04 19.00
N ASN A 31 -13.19 -6.17 18.69
CA ASN A 31 -12.21 -6.60 19.69
C ASN A 31 -11.89 -5.46 20.66
N ASN A 32 -12.35 -4.26 20.34
CA ASN A 32 -12.12 -3.10 21.19
C ASN A 32 -10.63 -2.92 21.45
N VAL A 33 -9.84 -2.83 20.37
CA VAL A 33 -8.39 -2.65 20.48
C VAL A 33 -7.97 -1.29 19.95
N ASN A 34 -6.84 -0.81 20.44
CA ASN A 34 -6.33 0.49 20.03
C ASN A 34 -6.06 0.51 18.53
N PHE A 35 -7.02 1.02 17.78
CA PHE A 35 -6.88 1.10 16.33
C PHE A 35 -5.71 2.00 15.96
N ALA A 36 -5.61 3.14 16.63
CA ALA A 36 -4.53 4.09 16.36
C ALA A 36 -3.16 3.40 16.45
N ALA A 37 -3.16 2.16 16.93
CA ALA A 37 -1.92 1.41 17.06
C ALA A 37 -1.22 1.27 15.71
N PHE A 38 -2.01 1.22 14.64
CA PHE A 38 -1.44 1.09 13.31
C PHE A 38 -0.49 2.25 13.02
N THR A 39 -0.94 3.46 13.32
CA THR A 39 -0.13 4.65 13.08
C THR A 39 0.97 4.76 14.13
N ASP A 40 0.58 4.65 15.41
CA ASP A 40 1.53 4.76 16.51
C ASP A 40 2.54 5.88 16.28
N SER A 41 2.17 6.83 15.41
CA SER A 41 3.04 7.96 15.10
C SER A 41 3.21 8.87 16.31
N GLU A 42 2.09 9.27 16.90
CA GLU A 42 2.12 10.15 18.08
C GLU A 42 2.32 9.34 19.35
N THR A 43 2.71 10.01 20.42
CA THR A 43 2.94 9.34 21.69
C THR A 43 3.93 8.19 21.53
N GLY A 44 5.16 8.41 21.95
CA GLY A 44 6.20 7.38 21.85
C GLY A 44 5.83 6.16 22.68
N SER A 45 5.25 6.40 23.86
CA SER A 45 4.86 5.32 24.74
C SER A 45 3.77 4.48 24.09
N LYS A 46 3.72 3.20 24.45
CA LYS A 46 2.72 2.29 23.88
C LYS A 46 2.82 2.26 22.36
N VAL A 47 3.30 1.14 21.82
CA VAL A 47 3.44 0.99 20.37
C VAL A 47 2.90 -0.36 19.91
N SER A 48 2.59 -0.45 18.63
CA SER A 48 2.06 -1.69 18.07
C SER A 48 2.95 -2.87 18.42
N GLU A 49 2.67 -3.50 19.57
CA GLU A 49 3.44 -4.66 20.03
C GLU A 49 2.64 -5.94 19.86
N ASN A 50 1.32 -5.81 19.82
CA ASN A 50 0.44 -6.97 19.66
C ASN A 50 0.54 -7.53 18.26
N SER A 51 0.49 -8.85 18.15
CA SER A 51 0.57 -9.51 16.85
C SER A 51 -0.64 -9.16 16.00
N PHE A 52 -1.76 -8.86 16.64
CA PHE A 52 -2.97 -8.52 15.91
C PHE A 52 -2.71 -7.32 14.99
N ILE A 53 -2.13 -6.26 15.53
CA ILE A 53 -1.85 -5.07 14.75
C ILE A 53 -0.90 -5.37 13.60
N LEU A 54 0.21 -6.03 13.91
CA LEU A 54 1.19 -6.38 12.89
C LEU A 54 0.63 -7.41 11.91
N GLU A 55 -0.09 -8.38 12.45
CA GLU A 55 -0.69 -9.44 11.63
C GLU A 55 -1.81 -8.88 10.77
N ALA A 56 -2.44 -7.80 11.24
CA ALA A 56 -3.52 -7.17 10.47
C ALA A 56 -2.95 -6.15 9.50
N LYS A 57 -1.74 -5.66 9.80
CA LYS A 57 -1.10 -4.67 8.94
C LYS A 57 -0.76 -5.27 7.57
N VAL A 58 -0.21 -6.48 7.59
CA VAL A 58 0.17 -7.14 6.35
C VAL A 58 -1.06 -7.38 5.46
N ARG A 59 -2.21 -7.56 6.09
CA ARG A 59 -3.46 -7.78 5.36
C ARG A 59 -3.75 -6.58 4.45
N ALA A 60 -3.58 -5.39 5.00
CA ALA A 60 -3.84 -4.17 4.24
C ALA A 60 -2.86 -4.07 3.07
N THR A 61 -1.62 -4.48 3.30
CA THR A 61 -0.60 -4.43 2.26
C THR A 61 -0.84 -5.51 1.21
N THR A 62 -1.59 -6.54 1.58
CA THR A 62 -1.86 -7.64 0.65
C THR A 62 -2.62 -7.15 -0.58
N VAL A 63 -3.74 -6.46 -0.35
CA VAL A 63 -4.56 -5.95 -1.45
C VAL A 63 -3.89 -4.74 -2.11
N ALA A 64 -3.33 -3.87 -1.29
CA ALA A 64 -2.66 -2.68 -1.81
C ALA A 64 -1.50 -3.06 -2.73
N GLU A 65 -0.90 -4.21 -2.48
CA GLU A 65 0.21 -4.67 -3.30
C GLU A 65 -0.26 -4.87 -4.74
N LYS A 66 -1.47 -5.39 -4.89
CA LYS A 66 -2.02 -5.62 -6.21
C LYS A 66 -2.17 -4.31 -6.97
N PHE A 67 -2.57 -3.26 -6.26
CA PHE A 67 -2.75 -1.97 -6.90
C PHE A 67 -1.44 -1.46 -7.52
N VAL A 68 -0.38 -1.47 -6.73
CA VAL A 68 0.92 -1.01 -7.22
C VAL A 68 1.42 -1.90 -8.34
N THR A 69 1.34 -3.20 -8.13
CA THR A 69 1.79 -4.17 -9.13
C THR A 69 0.89 -4.10 -10.36
N ALA A 70 -0.41 -3.94 -10.14
CA ALA A 70 -1.35 -3.86 -11.25
C ALA A 70 -1.02 -2.67 -12.16
N ILE A 71 -0.75 -1.50 -11.56
CA ILE A 71 -0.43 -0.30 -12.34
C ILE A 71 0.59 -0.62 -13.44
N GLU A 72 1.56 -1.46 -13.12
CA GLU A 72 2.56 -1.83 -14.09
C GLU A 72 1.93 -2.59 -15.26
N GLY A 73 0.88 -3.36 -14.96
CA GLY A 73 0.19 -4.15 -15.98
C GLY A 73 -0.96 -3.36 -16.62
N GLU A 74 -1.53 -2.42 -15.87
CA GLU A 74 -2.65 -1.62 -16.38
C GLU A 74 -2.20 -0.78 -17.57
N ALA A 75 -0.90 -0.48 -17.65
CA ALA A 75 -0.38 0.33 -18.75
C ALA A 75 -0.94 -0.19 -20.09
N THR A 76 -0.87 -1.52 -20.28
CA THR A 76 -1.37 -2.16 -21.49
C THR A 76 -1.09 -1.31 -22.73
N LYS A 77 -2.12 -0.61 -23.22
CA LYS A 77 -1.96 0.24 -24.39
C LYS A 77 -3.15 1.18 -24.51
N LEU A 78 -4.36 0.61 -24.54
CA LEU A 78 -5.58 1.40 -24.67
C LEU A 78 -6.72 0.80 -23.86
N LYS A 79 -6.79 -0.53 -23.84
CA LYS A 79 -7.87 -1.21 -23.12
C LYS A 79 -8.07 -0.60 -21.72
N LYS A 80 -6.98 -0.53 -20.96
CA LYS A 80 -7.02 0.06 -19.61
C LYS A 80 -6.78 1.56 -19.70
N THR A 81 -5.78 1.95 -20.49
CA THR A 81 -5.43 3.36 -20.65
C THR A 81 -6.38 4.04 -21.63
N GLY A 82 -7.67 3.74 -21.51
CA GLY A 82 -8.71 4.31 -22.39
C GLY A 82 -8.37 5.75 -22.80
N SER A 83 -8.55 6.70 -21.87
CA SER A 83 -8.25 8.10 -22.16
C SER A 83 -6.73 8.30 -22.18
N SER A 84 -6.29 9.35 -22.85
CA SER A 84 -4.88 9.66 -22.95
C SER A 84 -4.29 9.94 -21.57
N GLY A 85 -5.07 10.63 -20.74
CA GLY A 85 -4.64 10.98 -19.38
C GLY A 85 -4.83 9.80 -18.42
N GLU A 86 -5.64 8.83 -18.81
CA GLU A 86 -5.90 7.67 -17.96
C GLU A 86 -4.61 7.09 -17.39
N PHE A 87 -3.74 6.60 -18.27
CA PHE A 87 -2.47 6.02 -17.86
C PHE A 87 -1.78 6.86 -16.79
N SER A 88 -1.91 8.18 -16.89
CA SER A 88 -1.31 9.11 -15.93
C SER A 88 -2.17 9.23 -14.68
N ALA A 89 -3.47 8.96 -14.82
CA ALA A 89 -4.39 9.06 -13.70
C ALA A 89 -4.29 7.84 -12.79
N MET A 90 -3.73 6.75 -13.32
CA MET A 90 -3.60 5.52 -12.52
C MET A 90 -2.71 5.77 -11.31
N TYR A 91 -1.61 6.46 -11.52
CA TYR A 91 -0.70 6.77 -10.43
C TYR A 91 -1.35 7.72 -9.43
N ASN A 92 -2.04 8.73 -9.95
CA ASN A 92 -2.70 9.71 -9.09
C ASN A 92 -3.48 9.03 -7.97
N MET A 93 -4.03 7.86 -8.29
CA MET A 93 -4.79 7.11 -7.31
C MET A 93 -3.90 6.65 -6.16
N MET A 94 -2.69 6.22 -6.49
CA MET A 94 -1.76 5.76 -5.47
C MET A 94 -1.52 6.86 -4.45
N LEU A 95 -1.35 8.08 -4.94
CA LEU A 95 -1.10 9.21 -4.05
C LEU A 95 -2.31 9.42 -3.15
N GLU A 96 -3.52 9.28 -3.71
CA GLU A 96 -4.74 9.46 -2.94
C GLU A 96 -4.97 8.29 -1.98
N VAL A 97 -4.86 7.06 -2.50
CA VAL A 97 -5.05 5.86 -1.69
C VAL A 97 -4.06 5.85 -0.53
N SER A 98 -3.06 6.73 -0.60
CA SER A 98 -2.06 6.80 0.47
C SER A 98 -2.73 7.12 1.81
N GLY A 99 -3.68 8.07 1.79
CA GLY A 99 -4.38 8.45 3.01
C GLY A 99 -5.01 7.23 3.69
N PRO A 100 -5.99 6.61 3.08
CA PRO A 100 -6.65 5.40 3.66
C PRO A 100 -5.63 4.41 4.25
N LEU A 101 -4.57 4.14 3.50
CA LEU A 101 -3.53 3.21 3.94
C LEU A 101 -2.82 3.77 5.17
N GLU A 102 -2.56 5.08 5.16
CA GLU A 102 -1.87 5.72 6.28
C GLU A 102 -2.57 5.40 7.59
N GLU A 103 -3.89 5.29 7.54
CA GLU A 103 -4.67 4.98 8.72
C GLU A 103 -4.35 3.57 9.20
N LEU A 104 -4.16 2.65 8.25
CA LEU A 104 -3.86 1.25 8.55
C LEU A 104 -2.34 1.02 8.51
N GLY A 105 -1.57 2.10 8.54
CA GLY A 105 -0.11 2.01 8.49
C GLY A 105 0.38 1.85 7.06
N VAL A 106 1.44 2.57 6.72
CA VAL A 106 2.02 2.51 5.38
C VAL A 106 3.34 3.25 5.34
N LEU A 107 3.88 3.57 6.52
CA LEU A 107 5.14 4.30 6.59
C LEU A 107 5.01 5.62 5.83
N ARG A 108 5.96 6.52 6.07
CA ARG A 108 5.97 7.83 5.42
C ARG A 108 6.86 7.81 4.18
N MET A 109 7.30 6.61 3.80
CA MET A 109 8.17 6.48 2.62
C MET A 109 7.49 7.07 1.40
N THR A 110 6.18 7.32 1.50
CA THR A 110 5.42 7.88 0.39
C THR A 110 6.13 9.10 -0.20
N LYS A 111 7.07 9.65 0.57
CA LYS A 111 7.83 10.81 0.11
C LYS A 111 8.78 10.42 -1.00
N THR A 112 9.31 9.22 -0.92
CA THR A 112 10.25 8.73 -1.93
C THR A 112 9.55 8.62 -3.28
N VAL A 113 8.35 8.05 -3.29
CA VAL A 113 7.60 7.89 -4.51
C VAL A 113 7.28 9.25 -5.14
N THR A 114 6.81 10.17 -4.30
CA THR A 114 6.46 11.50 -4.76
C THR A 114 7.70 12.22 -5.31
N ASP A 115 8.83 12.04 -4.62
CA ASP A 115 10.07 12.70 -5.03
C ASP A 115 10.44 12.26 -6.45
N ALA A 116 9.89 11.13 -6.89
CA ALA A 116 10.18 10.64 -8.24
C ALA A 116 9.62 11.61 -9.28
N ALA A 117 8.45 12.17 -8.99
CA ALA A 117 7.82 13.10 -9.92
C ALA A 117 8.70 14.34 -10.13
N GLU A 118 9.58 14.60 -9.16
CA GLU A 118 10.46 15.77 -9.26
C GLU A 118 11.26 15.74 -10.56
N GLN A 119 12.07 14.70 -10.72
CA GLN A 119 12.89 14.54 -11.93
C GLN A 119 12.17 13.66 -12.96
N HIS A 120 11.93 12.41 -12.58
CA HIS A 120 11.27 11.47 -13.48
C HIS A 120 9.88 11.98 -13.87
N PRO A 121 9.39 11.65 -15.05
CA PRO A 121 8.02 12.09 -15.48
C PRO A 121 6.93 11.53 -14.57
N THR A 122 5.90 12.31 -14.31
CA THR A 122 4.83 11.86 -13.43
C THR A 122 4.21 10.57 -13.95
N THR A 123 4.84 9.45 -13.62
CA THR A 123 4.36 8.12 -14.04
C THR A 123 3.70 8.18 -15.43
N THR A 124 4.53 8.13 -16.47
CA THR A 124 4.04 8.15 -17.85
C THR A 124 4.21 6.77 -18.48
N ALA A 125 4.09 6.69 -19.79
CA ALA A 125 4.22 5.42 -20.48
C ALA A 125 5.46 4.68 -20.01
N GLU A 126 6.63 5.25 -20.28
CA GLU A 126 7.89 4.65 -19.84
C GLU A 126 8.16 5.01 -18.37
N GLY A 127 7.58 6.12 -17.91
CA GLY A 127 7.77 6.54 -16.53
C GLY A 127 7.27 5.47 -15.58
N ILE A 128 6.09 4.92 -15.85
CA ILE A 128 5.53 3.88 -15.00
C ILE A 128 6.45 2.66 -15.00
N LEU A 129 6.92 2.28 -16.17
CA LEU A 129 7.80 1.13 -16.29
C LEU A 129 9.11 1.37 -15.55
N GLU A 130 9.61 2.61 -15.56
CA GLU A 130 10.86 2.96 -14.88
C GLU A 130 10.62 3.31 -13.40
N ILE A 131 9.81 4.34 -13.16
CA ILE A 131 9.51 4.78 -11.80
C ILE A 131 9.02 3.61 -10.95
N ALA A 132 8.50 2.58 -11.61
CA ALA A 132 8.00 1.40 -10.92
C ALA A 132 9.10 0.79 -10.06
N LYS A 133 10.34 1.04 -10.43
CA LYS A 133 11.46 0.51 -9.68
C LYS A 133 11.41 1.00 -8.24
N ILE A 134 11.09 2.28 -8.07
CA ILE A 134 11.01 2.86 -6.74
C ILE A 134 9.81 2.28 -6.00
N MET A 135 8.73 2.04 -6.74
CA MET A 135 7.52 1.51 -6.13
C MET A 135 7.77 0.15 -5.47
N LYS A 136 8.46 -0.74 -6.20
CA LYS A 136 8.78 -2.07 -5.68
C LYS A 136 9.40 -1.97 -4.30
N THR A 137 10.11 -0.88 -4.05
CA THR A 137 10.76 -0.69 -2.76
C THR A 137 9.72 -0.72 -1.64
N LYS A 138 8.60 -0.04 -1.88
CA LYS A 138 7.53 0.01 -0.88
C LYS A 138 6.96 -1.38 -0.61
N LEU A 139 6.85 -2.20 -1.67
CA LEU A 139 6.28 -3.53 -1.53
C LEU A 139 7.11 -4.35 -0.55
N GLN A 140 8.42 -4.29 -0.66
CA GLN A 140 9.31 -5.05 0.22
C GLN A 140 9.51 -4.31 1.54
N ARG A 141 9.02 -3.07 1.62
CA ARG A 141 9.18 -2.28 2.85
C ARG A 141 8.10 -2.62 3.87
N VAL A 142 6.85 -2.34 3.51
CA VAL A 142 5.73 -2.60 4.42
C VAL A 142 5.51 -4.10 4.60
N HIS A 143 5.63 -4.85 3.51
CA HIS A 143 5.41 -6.28 3.56
C HIS A 143 6.41 -6.96 4.49
N THR A 144 7.68 -6.64 4.29
CA THR A 144 8.74 -7.24 5.10
C THR A 144 8.65 -6.77 6.55
N LYS A 145 8.31 -5.50 6.74
CA LYS A 145 8.22 -4.94 8.09
C LYS A 145 7.36 -5.81 8.99
N ASN A 146 6.15 -6.11 8.55
CA ASN A 146 5.25 -6.95 9.34
C ASN A 146 5.79 -8.37 9.45
N TYR A 147 6.21 -8.92 8.32
CA TYR A 147 6.75 -10.29 8.28
C TYR A 147 7.78 -10.50 9.39
N CYS A 148 8.27 -9.39 9.95
CA CYS A 148 9.25 -9.48 11.01
C CYS A 148 8.66 -10.11 12.27
N ALA A 149 7.39 -9.81 12.53
CA ALA A 149 6.69 -10.35 13.71
C ALA A 149 6.15 -11.74 13.45
N LEU A 150 5.99 -12.09 12.18
CA LEU A 150 5.45 -13.40 11.82
C LEU A 150 6.41 -14.51 12.25
N GLU A 151 7.54 -14.61 11.55
CA GLU A 151 8.51 -15.65 11.88
C GLU A 151 8.94 -15.55 13.35
N LYS A 152 8.77 -14.37 13.93
CA LYS A 152 9.14 -14.16 15.32
C LYS A 152 8.32 -15.06 16.24
N LYS A 153 7.04 -15.19 15.95
CA LYS A 153 6.18 -16.03 16.77
C LYS A 153 6.71 -17.46 16.81
N LYS A 154 7.19 -17.92 15.66
CA LYS A 154 7.72 -19.28 15.57
C LYS A 154 8.99 -19.42 16.41
N ASN A 155 9.85 -18.42 16.37
CA ASN A 155 11.10 -18.44 17.13
C ASN A 155 11.52 -17.01 17.51
N PRO A 156 11.27 -16.57 18.74
CA PRO A 156 11.65 -15.19 19.18
C PRO A 156 13.09 -14.84 18.83
N ASN A 157 13.97 -15.84 18.85
CA ASN A 157 15.37 -15.63 18.53
C ASN A 157 15.56 -15.33 17.05
N PHE A 158 14.45 -15.10 16.37
CA PHE A 158 14.50 -14.80 14.93
C PHE A 158 15.09 -13.41 14.72
N THR A 159 16.12 -13.33 13.89
CA THR A 159 16.77 -12.06 13.57
C THR A 159 17.10 -11.98 12.09
N ASP A 160 17.22 -10.76 11.58
CA ASP A 160 17.52 -10.56 10.16
C ASP A 160 17.84 -9.09 9.90
N GLU A 161 18.78 -8.84 9.00
CA GLU A 161 19.16 -7.48 8.67
C GLU A 161 18.00 -6.73 8.03
N LYS A 162 17.17 -7.46 7.29
CA LYS A 162 16.02 -6.87 6.62
C LYS A 162 15.04 -6.28 7.64
N CYS A 163 14.89 -6.99 8.77
CA CYS A 163 13.99 -6.55 9.84
C CYS A 163 14.76 -5.72 10.87
N LYS A 164 14.11 -4.66 11.34
CA LYS A 164 14.73 -3.78 12.32
C LYS A 164 14.97 -4.52 13.62
N ASN A 165 16.14 -4.31 14.20
CA ASN A 165 16.49 -4.97 15.46
C ASN A 165 15.50 -4.59 16.55
N ASN A 166 15.12 -5.58 17.35
CA ASN A 166 14.17 -5.35 18.44
C ASN A 166 14.77 -4.41 19.48
N GLY A 1 -15.18 10.15 -22.57
CA GLY A 1 -16.51 9.55 -22.90
C GLY A 1 -16.41 8.03 -22.87
N LEU A 2 -15.98 7.50 -21.73
CA LEU A 2 -15.85 6.05 -21.57
C LEU A 2 -17.22 5.42 -21.35
N LYS A 3 -17.34 4.14 -21.72
CA LYS A 3 -18.59 3.41 -21.59
C LYS A 3 -18.31 1.97 -21.13
N GLY A 4 -19.31 1.37 -20.50
CA GLY A 4 -19.17 0.00 -20.00
C GLY A 4 -18.40 -0.03 -18.69
N GLU A 5 -18.01 -1.22 -18.28
CA GLU A 5 -17.27 -1.39 -17.04
C GLU A 5 -15.88 -0.74 -17.15
N THR A 6 -15.38 -0.63 -18.38
CA THR A 6 -14.07 -0.04 -18.62
C THR A 6 -13.97 1.33 -17.98
N LYS A 7 -15.11 1.96 -17.71
CA LYS A 7 -15.14 3.28 -17.10
C LYS A 7 -14.88 3.20 -15.59
N ILE A 8 -15.65 2.34 -14.91
CA ILE A 8 -15.52 2.17 -13.45
C ILE A 8 -14.43 1.17 -13.10
N ILE A 9 -13.98 0.40 -14.10
CA ILE A 9 -12.92 -0.61 -13.87
C ILE A 9 -11.83 -0.04 -12.97
N LEU A 10 -11.42 1.19 -13.24
CA LEU A 10 -10.38 1.83 -12.45
C LEU A 10 -10.89 2.10 -11.03
N GLU A 11 -12.11 2.60 -10.93
CA GLU A 11 -12.69 2.92 -9.63
C GLU A 11 -12.92 1.65 -8.81
N ARG A 12 -13.26 0.57 -9.50
CA ARG A 12 -13.50 -0.69 -8.83
C ARG A 12 -12.22 -1.20 -8.15
N SER A 13 -11.09 -1.02 -8.82
CA SER A 13 -9.82 -1.45 -8.26
C SER A 13 -9.52 -0.71 -6.96
N ALA A 14 -9.79 0.60 -6.95
CA ALA A 14 -9.55 1.43 -5.77
C ALA A 14 -10.69 1.27 -4.76
N LYS A 15 -11.83 0.78 -5.24
CA LYS A 15 -12.98 0.59 -4.36
C LYS A 15 -12.67 -0.44 -3.29
N ASP A 16 -12.01 -1.52 -3.69
CA ASP A 16 -11.68 -2.59 -2.74
C ASP A 16 -10.83 -2.03 -1.60
N ILE A 17 -9.76 -1.32 -1.96
CA ILE A 17 -8.86 -0.73 -0.96
C ILE A 17 -9.61 0.29 -0.10
N THR A 18 -10.41 1.12 -0.74
CA THR A 18 -11.16 2.13 -0.03
C THR A 18 -12.05 1.50 1.04
N ASP A 19 -12.74 0.42 0.66
CA ASP A 19 -13.63 -0.28 1.59
C ASP A 19 -12.82 -1.17 2.53
N GLU A 20 -11.62 -1.55 2.11
CA GLU A 20 -10.77 -2.42 2.92
C GLU A 20 -10.49 -1.77 4.27
N ILE A 21 -10.35 -0.46 4.28
CA ILE A 21 -10.06 0.25 5.51
C ILE A 21 -11.16 0.02 6.54
N ASN A 22 -12.41 0.15 6.11
CA ASN A 22 -13.54 -0.07 7.00
C ASN A 22 -13.59 -1.52 7.47
N LYS A 23 -13.23 -2.44 6.57
CA LYS A 23 -13.26 -3.86 6.90
C LYS A 23 -12.41 -4.16 8.14
N ILE A 24 -11.19 -3.63 8.16
CA ILE A 24 -10.30 -3.86 9.30
C ILE A 24 -10.85 -3.18 10.55
N LYS A 25 -11.37 -1.97 10.40
CA LYS A 25 -11.93 -1.24 11.53
C LYS A 25 -13.09 -2.04 12.12
N LYS A 26 -13.96 -2.56 11.26
CA LYS A 26 -15.10 -3.35 11.72
C LYS A 26 -14.63 -4.64 12.38
N ASP A 27 -13.64 -5.29 11.77
CA ASP A 27 -13.11 -6.52 12.31
C ASP A 27 -12.52 -6.31 13.70
N ALA A 28 -11.74 -5.25 13.85
CA ALA A 28 -11.12 -4.95 15.13
C ALA A 28 -12.19 -4.60 16.17
N ALA A 29 -13.22 -3.87 15.74
CA ALA A 29 -14.30 -3.48 16.63
C ALA A 29 -15.03 -4.70 17.17
N ASP A 30 -15.36 -5.62 16.27
CA ASP A 30 -16.06 -6.84 16.66
C ASP A 30 -15.18 -7.70 17.57
N ASN A 31 -13.88 -7.72 17.28
CA ASN A 31 -12.94 -8.50 18.07
C ASN A 31 -12.69 -7.82 19.42
N ASN A 32 -13.19 -6.60 19.56
CA ASN A 32 -13.02 -5.87 20.81
C ASN A 32 -11.55 -5.77 21.19
N VAL A 33 -10.72 -5.25 20.28
CA VAL A 33 -9.28 -5.11 20.51
C VAL A 33 -8.87 -3.65 20.40
N ASN A 34 -7.78 -3.30 21.09
CA ASN A 34 -7.29 -1.93 21.08
C ASN A 34 -6.89 -1.52 19.68
N PHE A 35 -7.84 -0.94 18.95
CA PHE A 35 -7.59 -0.50 17.59
C PHE A 35 -6.55 0.61 17.57
N ALA A 36 -6.65 1.53 18.53
CA ALA A 36 -5.71 2.65 18.62
C ALA A 36 -4.27 2.16 18.58
N ALA A 37 -4.05 0.94 19.02
CA ALA A 37 -2.71 0.36 19.04
C ALA A 37 -2.13 0.35 17.64
N PHE A 38 -2.97 0.60 16.64
CA PHE A 38 -2.53 0.61 15.25
C PHE A 38 -1.41 1.63 15.07
N THR A 39 -1.60 2.82 15.65
CA THR A 39 -0.60 3.89 15.55
C THR A 39 0.31 3.88 16.76
N ASP A 40 -0.29 3.79 17.94
CA ASP A 40 0.47 3.77 19.19
C ASP A 40 1.36 5.02 19.29
N SER A 41 1.10 5.83 20.31
CA SER A 41 1.87 7.05 20.50
C SER A 41 3.36 6.73 20.62
N GLU A 42 4.21 7.71 20.30
CA GLU A 42 5.65 7.51 20.37
C GLU A 42 6.09 7.30 21.82
N THR A 43 6.13 6.05 22.26
CA THR A 43 6.54 5.73 23.62
C THR A 43 6.85 4.24 23.75
N GLY A 44 8.11 3.92 23.99
CA GLY A 44 8.52 2.53 24.13
C GLY A 44 8.25 1.75 22.85
N SER A 45 8.46 2.40 21.71
CA SER A 45 8.24 1.76 20.42
C SER A 45 6.80 1.25 20.31
N LYS A 46 6.56 0.39 19.34
CA LYS A 46 5.22 -0.18 19.14
C LYS A 46 4.88 -1.10 20.30
N VAL A 47 4.04 -0.62 21.21
CA VAL A 47 3.64 -1.41 22.36
C VAL A 47 2.76 -2.59 21.93
N SER A 48 2.12 -2.45 20.77
CA SER A 48 1.25 -3.51 20.26
C SER A 48 1.91 -4.88 20.39
N GLU A 49 1.72 -5.50 21.55
CA GLU A 49 2.32 -6.81 21.81
C GLU A 49 1.67 -7.89 20.96
N ASN A 50 0.37 -7.72 20.72
CA ASN A 50 -0.39 -8.69 19.92
C ASN A 50 0.07 -8.68 18.47
N SER A 51 0.10 -9.87 17.86
CA SER A 51 0.51 -9.99 16.47
C SER A 51 -0.63 -9.59 15.54
N PHE A 52 -1.85 -9.63 16.05
CA PHE A 52 -3.01 -9.25 15.25
C PHE A 52 -2.85 -7.82 14.73
N ILE A 53 -2.46 -6.91 15.61
CA ILE A 53 -2.31 -5.51 15.23
C ILE A 53 -1.30 -5.37 14.11
N LEU A 54 -0.13 -5.97 14.29
CA LEU A 54 0.93 -5.91 13.29
C LEU A 54 0.56 -6.73 12.05
N GLU A 55 -0.07 -7.88 12.29
CA GLU A 55 -0.48 -8.74 11.19
C GLU A 55 -1.57 -8.08 10.36
N ALA A 56 -2.40 -7.30 11.02
CA ALA A 56 -3.50 -6.61 10.33
C ALA A 56 -2.95 -5.66 9.27
N LYS A 57 -1.77 -5.11 9.53
CA LYS A 57 -1.14 -4.19 8.60
C LYS A 57 -0.94 -4.86 7.25
N VAL A 58 -0.68 -6.15 7.28
CA VAL A 58 -0.45 -6.91 6.06
C VAL A 58 -1.68 -6.81 5.15
N ARG A 59 -2.85 -6.91 5.74
CA ARG A 59 -4.08 -6.85 4.98
C ARG A 59 -4.21 -5.50 4.26
N ALA A 60 -3.92 -4.42 4.99
CA ALA A 60 -3.98 -3.07 4.42
C ALA A 60 -2.81 -2.84 3.47
N THR A 61 -1.71 -3.54 3.70
CA THR A 61 -0.52 -3.39 2.86
C THR A 61 -0.60 -4.29 1.63
N THR A 62 -0.68 -5.60 1.84
CA THR A 62 -0.75 -6.56 0.74
C THR A 62 -1.79 -6.15 -0.30
N VAL A 63 -2.96 -5.73 0.16
CA VAL A 63 -4.02 -5.33 -0.74
C VAL A 63 -3.56 -4.14 -1.59
N ALA A 64 -2.93 -3.17 -0.94
CA ALA A 64 -2.45 -1.97 -1.61
C ALA A 64 -1.33 -2.29 -2.59
N GLU A 65 -0.45 -3.22 -2.21
CA GLU A 65 0.66 -3.60 -3.06
C GLU A 65 0.18 -4.01 -4.45
N LYS A 66 -1.02 -4.59 -4.50
CA LYS A 66 -1.58 -5.03 -5.77
C LYS A 66 -1.78 -3.85 -6.70
N PHE A 67 -2.16 -2.70 -6.13
CA PHE A 67 -2.40 -1.52 -6.93
C PHE A 67 -1.14 -1.13 -7.71
N VAL A 68 0.00 -1.12 -7.03
CA VAL A 68 1.25 -0.77 -7.67
C VAL A 68 1.58 -1.75 -8.79
N THR A 69 1.47 -3.03 -8.49
CA THR A 69 1.76 -4.07 -9.49
C THR A 69 0.71 -4.02 -10.59
N ALA A 70 -0.52 -3.65 -10.22
CA ALA A 70 -1.61 -3.56 -11.18
C ALA A 70 -1.33 -2.47 -12.21
N ILE A 71 -0.73 -1.38 -11.78
CA ILE A 71 -0.41 -0.29 -12.69
C ILE A 71 0.54 -0.77 -13.79
N GLU A 72 1.56 -1.51 -13.41
CA GLU A 72 2.54 -2.00 -14.37
C GLU A 72 1.85 -2.79 -15.48
N GLY A 73 0.77 -3.51 -15.12
CA GLY A 73 0.02 -4.33 -16.08
C GLY A 73 -1.12 -3.52 -16.70
N GLU A 74 -2.00 -2.97 -15.85
CA GLU A 74 -3.14 -2.19 -16.31
C GLU A 74 -2.71 -1.16 -17.37
N ALA A 75 -1.42 -0.79 -17.36
CA ALA A 75 -0.91 0.18 -18.33
C ALA A 75 -1.39 -0.18 -19.74
N THR A 76 -1.18 -1.45 -20.13
CA THR A 76 -1.59 -1.93 -21.45
C THR A 76 -1.32 -0.88 -22.53
N LYS A 77 -2.37 -0.21 -22.98
CA LYS A 77 -2.23 0.84 -23.99
C LYS A 77 -3.51 1.66 -24.06
N LEU A 78 -4.66 0.99 -23.95
CA LEU A 78 -5.94 1.66 -24.01
C LEU A 78 -7.06 0.79 -23.45
N LYS A 79 -6.86 -0.52 -23.47
CA LYS A 79 -7.87 -1.45 -22.98
C LYS A 79 -8.39 -1.00 -21.60
N LYS A 80 -7.47 -0.82 -20.66
CA LYS A 80 -7.81 -0.39 -19.30
C LYS A 80 -7.75 1.13 -19.20
N THR A 81 -6.71 1.71 -19.82
CA THR A 81 -6.49 3.15 -19.79
C THR A 81 -7.39 3.85 -20.79
N GLY A 82 -8.67 3.45 -20.83
CA GLY A 82 -9.67 4.03 -21.76
C GLY A 82 -9.29 5.44 -22.21
N SER A 83 -9.40 6.41 -21.29
CA SER A 83 -9.01 7.78 -21.61
C SER A 83 -7.49 7.86 -21.71
N SER A 84 -7.01 8.68 -22.64
CA SER A 84 -5.57 8.83 -22.84
C SER A 84 -4.88 9.32 -21.57
N GLY A 85 -5.59 10.14 -20.81
CA GLY A 85 -5.06 10.70 -19.56
C GLY A 85 -5.23 9.71 -18.40
N GLU A 86 -6.09 8.71 -18.58
CA GLU A 86 -6.34 7.72 -17.53
C GLU A 86 -5.05 7.23 -16.90
N PHE A 87 -4.14 6.74 -17.74
CA PHE A 87 -2.87 6.25 -17.27
C PHE A 87 -2.10 7.33 -16.51
N SER A 88 -2.34 8.59 -16.86
CA SER A 88 -1.65 9.71 -16.22
C SER A 88 -2.16 9.90 -14.80
N ALA A 89 -3.49 9.87 -14.64
CA ALA A 89 -4.14 10.05 -13.34
C ALA A 89 -4.17 8.74 -12.56
N MET A 90 -3.99 7.61 -13.26
CA MET A 90 -3.99 6.32 -12.60
C MET A 90 -2.96 6.28 -11.50
N TYR A 91 -1.76 6.80 -11.78
CA TYR A 91 -0.72 6.84 -10.77
C TYR A 91 -1.09 7.80 -9.64
N ASN A 92 -1.67 8.93 -10.00
CA ASN A 92 -2.05 9.95 -9.02
C ASN A 92 -2.92 9.35 -7.92
N MET A 93 -3.59 8.24 -8.23
CA MET A 93 -4.45 7.59 -7.26
C MET A 93 -3.64 7.11 -6.05
N MET A 94 -2.49 6.52 -6.32
CA MET A 94 -1.65 6.02 -5.23
C MET A 94 -1.20 7.16 -4.32
N LEU A 95 -0.96 8.31 -4.93
CA LEU A 95 -0.52 9.47 -4.17
C LEU A 95 -1.58 9.84 -3.14
N GLU A 96 -2.85 9.80 -3.55
CA GLU A 96 -3.96 10.14 -2.65
C GLU A 96 -4.23 9.01 -1.66
N VAL A 97 -4.31 7.78 -2.17
CA VAL A 97 -4.56 6.62 -1.32
C VAL A 97 -3.50 6.52 -0.22
N SER A 98 -2.46 7.34 -0.33
CA SER A 98 -1.39 7.33 0.66
C SER A 98 -1.92 7.74 2.03
N GLY A 99 -3.07 8.44 2.05
CA GLY A 99 -3.67 8.89 3.30
C GLY A 99 -4.39 7.75 4.02
N PRO A 100 -5.45 7.22 3.45
CA PRO A 100 -6.21 6.09 4.06
C PRO A 100 -5.29 5.01 4.64
N LEU A 101 -4.18 4.76 3.96
CA LEU A 101 -3.22 3.75 4.40
C LEU A 101 -2.45 4.24 5.63
N GLU A 102 -2.27 5.55 5.73
CA GLU A 102 -1.54 6.12 6.84
C GLU A 102 -2.21 5.80 8.18
N GLU A 103 -3.50 6.12 8.27
CA GLU A 103 -4.24 5.87 9.51
C GLU A 103 -4.16 4.39 9.88
N LEU A 104 -4.07 3.53 8.86
CA LEU A 104 -4.01 2.08 9.08
C LEU A 104 -2.54 1.64 9.26
N GLY A 105 -1.67 2.61 9.55
CA GLY A 105 -0.25 2.32 9.75
C GLY A 105 0.53 2.55 8.47
N VAL A 106 1.28 1.55 8.04
CA VAL A 106 2.08 1.65 6.82
C VAL A 106 3.06 2.81 6.92
N LEU A 107 4.34 2.50 6.76
CA LEU A 107 5.38 3.52 6.86
C LEU A 107 5.25 4.49 5.67
N ARG A 108 5.42 5.77 5.96
CA ARG A 108 5.33 6.79 4.92
C ARG A 108 6.59 6.78 4.05
N MET A 109 6.40 6.75 2.73
CA MET A 109 7.53 6.74 1.81
C MET A 109 7.09 7.30 0.44
N THR A 110 5.94 7.94 0.43
CA THR A 110 5.43 8.53 -0.81
C THR A 110 6.38 9.59 -1.34
N LYS A 111 7.26 10.08 -0.46
CA LYS A 111 8.21 11.11 -0.85
C LYS A 111 9.17 10.57 -1.89
N THR A 112 9.62 9.34 -1.69
CA THR A 112 10.54 8.71 -2.62
C THR A 112 9.89 8.56 -4.00
N VAL A 113 8.67 8.04 -4.00
CA VAL A 113 7.95 7.85 -5.25
C VAL A 113 7.67 9.19 -5.92
N THR A 114 7.20 10.16 -5.12
CA THR A 114 6.89 11.48 -5.64
C THR A 114 8.15 12.15 -6.19
N ASP A 115 9.25 12.04 -5.44
CA ASP A 115 10.51 12.64 -5.86
C ASP A 115 10.88 12.18 -7.26
N ALA A 116 10.46 10.98 -7.63
CA ALA A 116 10.74 10.45 -8.95
C ALA A 116 10.15 11.37 -10.03
N ALA A 117 8.97 11.89 -9.75
CA ALA A 117 8.31 12.78 -10.70
C ALA A 117 9.17 14.00 -11.00
N GLU A 118 10.17 14.25 -10.15
CA GLU A 118 11.04 15.40 -10.34
C GLU A 118 11.87 15.26 -11.62
N GLN A 119 12.69 14.23 -11.68
CA GLN A 119 13.53 13.97 -12.86
C GLN A 119 12.79 13.10 -13.86
N HIS A 120 12.27 11.98 -13.38
CA HIS A 120 11.56 11.06 -14.27
C HIS A 120 10.19 11.63 -14.67
N PRO A 121 9.69 11.32 -15.85
CA PRO A 121 8.36 11.83 -16.31
C PRO A 121 7.22 11.28 -15.49
N THR A 122 6.81 12.04 -14.47
CA THR A 122 5.71 11.65 -13.57
C THR A 122 5.42 10.15 -13.63
N THR A 123 4.59 9.77 -14.60
CA THR A 123 4.25 8.37 -14.82
C THR A 123 3.64 8.20 -16.21
N THR A 124 4.46 8.47 -17.23
CA THR A 124 4.02 8.33 -18.62
C THR A 124 4.09 6.86 -19.04
N ALA A 125 3.94 6.59 -20.32
CA ALA A 125 3.96 5.21 -20.80
C ALA A 125 5.24 4.50 -20.37
N GLU A 126 6.38 5.07 -20.76
CA GLU A 126 7.67 4.49 -20.40
C GLU A 126 8.03 4.82 -18.96
N GLY A 127 7.51 5.94 -18.47
CA GLY A 127 7.80 6.37 -17.11
C GLY A 127 7.30 5.36 -16.09
N ILE A 128 6.09 4.84 -16.31
CA ILE A 128 5.54 3.85 -15.38
C ILE A 128 6.41 2.61 -15.34
N LEU A 129 6.80 2.11 -16.50
CA LEU A 129 7.63 0.92 -16.56
C LEU A 129 8.98 1.16 -15.88
N GLU A 130 9.57 2.33 -16.12
CA GLU A 130 10.87 2.66 -15.54
C GLU A 130 10.74 3.05 -14.06
N ILE A 131 9.95 4.08 -13.79
CA ILE A 131 9.74 4.56 -12.43
C ILE A 131 9.21 3.43 -11.54
N ALA A 132 8.59 2.43 -12.15
CA ALA A 132 8.03 1.31 -11.40
C ALA A 132 9.11 0.66 -10.54
N LYS A 133 10.35 0.83 -10.94
CA LYS A 133 11.47 0.26 -10.21
C LYS A 133 11.50 0.81 -8.79
N ILE A 134 11.33 2.11 -8.65
CA ILE A 134 11.35 2.75 -7.34
C ILE A 134 10.15 2.30 -6.52
N MET A 135 8.99 2.27 -7.17
CA MET A 135 7.76 1.88 -6.50
C MET A 135 7.83 0.42 -6.07
N LYS A 136 8.37 -0.43 -6.93
CA LYS A 136 8.49 -1.85 -6.62
C LYS A 136 9.31 -2.06 -5.36
N THR A 137 10.27 -1.18 -5.13
CA THR A 137 11.11 -1.28 -3.94
C THR A 137 10.25 -1.15 -2.69
N LYS A 138 9.20 -0.35 -2.78
CA LYS A 138 8.31 -0.15 -1.65
C LYS A 138 7.59 -1.44 -1.28
N LEU A 139 7.20 -2.23 -2.27
CA LEU A 139 6.48 -3.48 -2.02
C LEU A 139 7.30 -4.40 -1.12
N GLN A 140 8.58 -4.53 -1.41
CA GLN A 140 9.44 -5.38 -0.61
C GLN A 140 9.73 -4.74 0.75
N ARG A 141 9.87 -3.41 0.76
CA ARG A 141 10.18 -2.70 1.99
C ARG A 141 9.05 -2.85 3.02
N VAL A 142 7.85 -2.48 2.63
CA VAL A 142 6.69 -2.55 3.53
C VAL A 142 6.43 -3.99 3.94
N HIS A 143 6.52 -4.90 2.99
CA HIS A 143 6.27 -6.31 3.27
C HIS A 143 7.23 -6.84 4.31
N THR A 144 8.51 -6.53 4.12
CA THR A 144 9.53 -7.01 5.04
C THR A 144 9.32 -6.45 6.45
N LYS A 145 9.02 -5.16 6.53
CA LYS A 145 8.83 -4.50 7.82
C LYS A 145 7.89 -5.31 8.72
N ASN A 146 6.69 -5.56 8.24
CA ASN A 146 5.71 -6.31 9.02
C ASN A 146 6.17 -7.76 9.19
N TYR A 147 6.64 -8.36 8.10
CA TYR A 147 7.11 -9.74 8.12
C TYR A 147 8.03 -9.99 9.31
N CYS A 148 8.54 -8.92 9.89
CA CYS A 148 9.41 -9.03 11.03
C CYS A 148 8.66 -9.57 12.25
N ALA A 149 7.39 -9.18 12.38
CA ALA A 149 6.56 -9.62 13.50
C ALA A 149 5.95 -11.00 13.23
N LEU A 150 5.87 -11.37 11.96
CA LEU A 150 5.28 -12.65 11.59
C LEU A 150 6.08 -13.81 12.16
N GLU A 151 7.24 -14.06 11.60
CA GLU A 151 8.06 -15.16 12.05
C GLU A 151 8.33 -15.04 13.56
N LYS A 152 8.24 -13.82 14.07
CA LYS A 152 8.45 -13.57 15.49
C LYS A 152 7.39 -14.27 16.32
N LYS A 153 6.19 -14.38 15.77
CA LYS A 153 5.10 -15.03 16.48
C LYS A 153 5.50 -16.44 16.91
N LYS A 154 6.30 -17.10 16.08
CA LYS A 154 6.75 -18.46 16.37
C LYS A 154 7.65 -18.45 17.61
N ASN A 155 8.56 -17.50 17.68
CA ASN A 155 9.47 -17.40 18.82
C ASN A 155 10.22 -16.06 18.81
N PRO A 156 10.57 -15.53 19.96
CA PRO A 156 11.33 -14.24 20.06
C PRO A 156 12.78 -14.37 19.56
N ASN A 157 13.25 -15.62 19.45
CA ASN A 157 14.62 -15.87 19.01
C ASN A 157 14.79 -15.49 17.54
N PHE A 158 13.67 -15.21 16.87
CA PHE A 158 13.72 -14.82 15.47
C PHE A 158 14.44 -13.49 15.31
N THR A 159 15.43 -13.47 14.42
CA THR A 159 16.20 -12.25 14.16
C THR A 159 16.74 -12.26 12.74
N ASP A 160 17.02 -11.07 12.20
CA ASP A 160 17.54 -10.94 10.85
C ASP A 160 18.03 -9.52 10.61
N GLU A 161 19.05 -9.39 9.76
CA GLU A 161 19.61 -8.08 9.44
C GLU A 161 18.57 -7.22 8.75
N LYS A 162 17.72 -7.86 7.95
CA LYS A 162 16.67 -7.13 7.22
C LYS A 162 15.71 -6.46 8.20
N CYS A 163 15.39 -7.16 9.29
CA CYS A 163 14.48 -6.64 10.31
C CYS A 163 15.27 -5.94 11.41
N LYS A 164 14.76 -4.81 11.85
CA LYS A 164 15.41 -4.03 12.90
C LYS A 164 15.41 -4.82 14.20
N ASN A 165 16.54 -4.75 14.92
CA ASN A 165 16.67 -5.47 16.19
C ASN A 165 16.08 -4.64 17.32
N ASN A 166 14.93 -5.08 17.82
CA ASN A 166 14.27 -4.38 18.91
C ASN A 166 15.20 -4.21 20.09
N GLY A 1 -16.05 8.90 -23.01
CA GLY A 1 -15.32 7.84 -23.77
C GLY A 1 -15.37 6.54 -22.98
N LEU A 2 -14.70 5.52 -23.52
CA LEU A 2 -14.67 4.19 -22.89
C LEU A 2 -16.09 3.66 -22.74
N LYS A 3 -16.24 2.34 -22.89
CA LYS A 3 -17.55 1.70 -22.78
C LYS A 3 -17.45 0.41 -21.99
N GLY A 4 -18.53 0.04 -21.31
CA GLY A 4 -18.57 -1.17 -20.50
C GLY A 4 -17.89 -0.94 -19.16
N GLU A 5 -17.59 -2.03 -18.47
CA GLU A 5 -16.95 -1.94 -17.17
C GLU A 5 -15.55 -1.35 -17.28
N THR A 6 -14.94 -1.48 -18.45
CA THR A 6 -13.59 -0.96 -18.69
C THR A 6 -13.48 0.49 -18.24
N LYS A 7 -14.61 1.18 -18.18
CA LYS A 7 -14.62 2.58 -17.77
C LYS A 7 -14.50 2.72 -16.25
N ILE A 8 -15.40 2.04 -15.53
CA ILE A 8 -15.41 2.09 -14.07
C ILE A 8 -14.42 1.09 -13.46
N ILE A 9 -13.91 0.17 -14.28
CA ILE A 9 -12.97 -0.85 -13.80
C ILE A 9 -11.94 -0.25 -12.85
N LEU A 10 -11.39 0.91 -13.22
CA LEU A 10 -10.41 1.57 -12.38
C LEU A 10 -11.06 2.04 -11.07
N GLU A 11 -12.26 2.60 -11.19
CA GLU A 11 -12.97 3.10 -10.02
C GLU A 11 -13.36 1.95 -9.08
N ARG A 12 -13.80 0.85 -9.66
CA ARG A 12 -14.22 -0.30 -8.86
C ARG A 12 -13.06 -0.79 -8.01
N SER A 13 -11.86 -0.84 -8.58
CA SER A 13 -10.70 -1.29 -7.84
C SER A 13 -10.42 -0.35 -6.66
N ALA A 14 -10.56 0.95 -6.89
CA ALA A 14 -10.31 1.94 -5.84
C ALA A 14 -11.30 1.77 -4.69
N LYS A 15 -12.54 1.42 -5.02
CA LYS A 15 -13.57 1.23 -3.99
C LYS A 15 -13.17 0.09 -3.04
N ASP A 16 -12.60 -0.97 -3.59
CA ASP A 16 -12.20 -2.11 -2.78
C ASP A 16 -11.17 -1.69 -1.73
N ILE A 17 -10.18 -0.90 -2.16
CA ILE A 17 -9.14 -0.46 -1.25
C ILE A 17 -9.73 0.45 -0.16
N THR A 18 -10.59 1.38 -0.56
CA THR A 18 -11.19 2.29 0.39
C THR A 18 -12.09 1.54 1.38
N ASP A 19 -12.86 0.60 0.86
CA ASP A 19 -13.76 -0.17 1.70
C ASP A 19 -12.97 -1.09 2.62
N GLU A 20 -11.74 -1.38 2.22
CA GLU A 20 -10.87 -2.25 3.01
C GLU A 20 -10.47 -1.58 4.31
N ILE A 21 -10.36 -0.26 4.28
CA ILE A 21 -9.96 0.51 5.45
C ILE A 21 -10.96 0.32 6.58
N ASN A 22 -12.24 0.36 6.25
CA ASN A 22 -13.29 0.19 7.25
C ASN A 22 -13.24 -1.21 7.86
N LYS A 23 -12.94 -2.21 7.03
CA LYS A 23 -12.88 -3.59 7.51
C LYS A 23 -11.88 -3.75 8.65
N ILE A 24 -10.69 -3.19 8.47
CA ILE A 24 -9.66 -3.29 9.51
C ILE A 24 -10.09 -2.55 10.76
N LYS A 25 -10.62 -1.34 10.59
CA LYS A 25 -11.07 -0.55 11.73
C LYS A 25 -12.21 -1.26 12.45
N LYS A 26 -13.19 -1.75 11.69
CA LYS A 26 -14.31 -2.46 12.27
C LYS A 26 -13.85 -3.78 12.90
N ASP A 27 -12.98 -4.49 12.20
CA ASP A 27 -12.48 -5.77 12.72
C ASP A 27 -11.69 -5.54 14.01
N ALA A 28 -10.85 -4.52 14.02
CA ALA A 28 -10.06 -4.22 15.20
C ALA A 28 -10.96 -3.88 16.38
N ALA A 29 -11.94 -3.01 16.16
CA ALA A 29 -12.86 -2.61 17.21
C ALA A 29 -13.72 -3.80 17.64
N ASP A 30 -14.08 -4.64 16.68
CA ASP A 30 -14.90 -5.81 16.98
C ASP A 30 -14.18 -6.75 17.93
N ASN A 31 -12.86 -6.86 17.76
CA ASN A 31 -12.05 -7.74 18.60
C ASN A 31 -11.70 -7.03 19.92
N ASN A 32 -12.19 -5.80 20.06
CA ASN A 32 -11.94 -5.03 21.27
C ASN A 32 -10.43 -4.91 21.53
N VAL A 33 -9.67 -4.60 20.48
CA VAL A 33 -8.21 -4.46 20.59
C VAL A 33 -7.80 -2.99 20.44
N ASN A 34 -6.67 -2.64 21.03
CA ASN A 34 -6.17 -1.27 20.96
C ASN A 34 -5.80 -0.90 19.54
N PHE A 35 -6.74 -0.30 18.82
CA PHE A 35 -6.51 0.12 17.45
C PHE A 35 -5.41 1.17 17.39
N ALA A 36 -5.45 2.12 18.31
CA ALA A 36 -4.47 3.20 18.35
C ALA A 36 -3.04 2.65 18.24
N ALA A 37 -2.89 1.37 18.55
CA ALA A 37 -1.59 0.72 18.49
C ALA A 37 -1.03 0.78 17.07
N PHE A 38 -1.92 1.00 16.11
CA PHE A 38 -1.50 1.08 14.71
C PHE A 38 -0.44 2.16 14.54
N THR A 39 -0.68 3.33 15.14
CA THR A 39 0.25 4.46 15.04
C THR A 39 1.09 4.56 16.30
N ASP A 40 0.48 4.26 17.45
CA ASP A 40 1.16 4.31 18.74
C ASP A 40 2.03 5.57 18.84
N SER A 41 2.88 5.63 19.87
CA SER A 41 3.76 6.79 20.06
C SER A 41 5.03 6.61 19.23
N GLU A 42 5.64 7.73 18.85
CA GLU A 42 6.87 7.69 18.06
C GLU A 42 8.01 7.12 18.89
N THR A 43 7.98 7.37 20.19
CA THR A 43 9.03 6.88 21.09
C THR A 43 8.89 5.38 21.29
N GLY A 44 9.91 4.78 21.92
CA GLY A 44 9.89 3.34 22.16
C GLY A 44 8.78 2.96 23.14
N SER A 45 8.07 3.97 23.64
CA SER A 45 6.98 3.73 24.58
C SER A 45 5.85 2.96 23.89
N LYS A 46 5.86 2.96 22.57
CA LYS A 46 4.84 2.26 21.80
C LYS A 46 4.73 0.81 22.24
N VAL A 47 3.55 0.22 22.02
CA VAL A 47 3.31 -1.18 22.39
C VAL A 47 2.45 -1.87 21.34
N SER A 48 2.81 -3.10 21.01
CA SER A 48 2.06 -3.88 20.03
C SER A 48 2.58 -5.30 19.99
N GLU A 49 2.67 -5.94 21.15
CA GLU A 49 3.16 -7.30 21.24
C GLU A 49 2.32 -8.23 20.37
N ASN A 50 1.02 -7.91 20.26
CA ASN A 50 0.11 -8.73 19.46
C ASN A 50 0.49 -8.64 17.99
N SER A 51 0.74 -9.78 17.37
CA SER A 51 1.11 -9.84 15.97
C SER A 51 -0.05 -9.35 15.10
N PHE A 52 -1.25 -9.33 15.68
CA PHE A 52 -2.42 -8.89 14.93
C PHE A 52 -2.21 -7.46 14.39
N ILE A 53 -1.74 -6.57 15.25
CA ILE A 53 -1.52 -5.18 14.85
C ILE A 53 -0.56 -5.10 13.66
N LEU A 54 0.57 -5.77 13.80
CA LEU A 54 1.58 -5.78 12.73
C LEU A 54 1.07 -6.57 11.53
N GLU A 55 0.37 -7.65 11.78
CA GLU A 55 -0.16 -8.49 10.71
C GLU A 55 -1.18 -7.70 9.88
N ALA A 56 -1.92 -6.82 10.54
CA ALA A 56 -2.93 -6.02 9.85
C ALA A 56 -2.28 -5.13 8.78
N LYS A 57 -1.00 -4.81 8.97
CA LYS A 57 -0.29 -3.97 8.00
C LYS A 57 -0.24 -4.67 6.65
N VAL A 58 -0.08 -5.99 6.68
CA VAL A 58 -0.02 -6.79 5.45
C VAL A 58 -1.33 -6.68 4.68
N ARG A 59 -2.45 -6.76 5.40
CA ARG A 59 -3.77 -6.67 4.76
C ARG A 59 -3.87 -5.38 3.96
N ALA A 60 -3.46 -4.28 4.56
CA ALA A 60 -3.50 -2.98 3.88
C ALA A 60 -2.54 -3.00 2.68
N THR A 61 -1.38 -3.62 2.88
CA THR A 61 -0.37 -3.72 1.84
C THR A 61 -0.88 -4.58 0.68
N THR A 62 -1.69 -5.59 1.00
CA THR A 62 -2.22 -6.49 -0.02
C THR A 62 -3.02 -5.72 -1.07
N VAL A 63 -3.96 -4.92 -0.62
CA VAL A 63 -4.78 -4.13 -1.54
C VAL A 63 -3.93 -3.09 -2.26
N ALA A 64 -3.07 -2.41 -1.51
CA ALA A 64 -2.21 -1.39 -2.09
C ALA A 64 -1.22 -2.02 -3.06
N GLU A 65 -0.73 -3.21 -2.73
CA GLU A 65 0.21 -3.92 -3.60
C GLU A 65 -0.44 -4.21 -4.95
N LYS A 66 -1.71 -4.55 -4.91
CA LYS A 66 -2.43 -4.85 -6.13
C LYS A 66 -2.44 -3.65 -7.06
N PHE A 67 -2.74 -2.48 -6.52
CA PHE A 67 -2.79 -1.27 -7.33
C PHE A 67 -1.42 -0.98 -7.95
N VAL A 68 -0.38 -1.00 -7.11
CA VAL A 68 0.97 -0.72 -7.59
C VAL A 68 1.40 -1.79 -8.58
N THR A 69 1.18 -3.05 -8.23
CA THR A 69 1.54 -4.16 -9.10
C THR A 69 0.67 -4.16 -10.36
N ALA A 70 -0.60 -3.78 -10.20
CA ALA A 70 -1.53 -3.74 -11.32
C ALA A 70 -1.08 -2.71 -12.35
N ILE A 71 -0.51 -1.60 -11.89
CA ILE A 71 -0.05 -0.56 -12.80
C ILE A 71 0.99 -1.12 -13.78
N GLU A 72 1.96 -1.85 -13.25
CA GLU A 72 3.01 -2.41 -14.09
C GLU A 72 2.40 -3.34 -15.15
N GLY A 73 1.22 -3.90 -14.84
CA GLY A 73 0.54 -4.81 -15.77
C GLY A 73 -0.41 -4.05 -16.70
N GLU A 74 -1.33 -3.29 -16.10
CA GLU A 74 -2.32 -2.52 -16.87
C GLU A 74 -1.64 -1.70 -17.97
N ALA A 75 -0.41 -1.25 -17.71
CA ALA A 75 0.33 -0.47 -18.69
C ALA A 75 0.41 -1.24 -20.02
N THR A 76 0.10 -2.53 -19.97
CA THR A 76 0.15 -3.41 -21.16
C THR A 76 -0.58 -2.79 -22.36
N LYS A 77 -1.63 -3.46 -22.84
CA LYS A 77 -2.39 -2.96 -23.98
C LYS A 77 -3.36 -1.87 -23.54
N LEU A 78 -3.91 -1.16 -24.52
CA LEU A 78 -4.85 -0.09 -24.20
C LEU A 78 -6.10 -0.64 -23.55
N LYS A 79 -6.28 -1.96 -23.61
CA LYS A 79 -7.44 -2.61 -23.02
C LYS A 79 -7.71 -2.08 -21.60
N LYS A 80 -6.70 -2.14 -20.74
CA LYS A 80 -6.84 -1.66 -19.37
C LYS A 80 -6.79 -0.13 -19.32
N THR A 81 -5.77 0.44 -19.97
CA THR A 81 -5.58 1.89 -20.01
C THR A 81 -6.47 2.52 -21.07
N GLY A 82 -7.73 2.06 -21.14
CA GLY A 82 -8.72 2.56 -22.12
C GLY A 82 -8.46 4.01 -22.54
N SER A 83 -8.60 4.93 -21.59
CA SER A 83 -8.35 6.35 -21.88
C SER A 83 -6.85 6.60 -21.97
N SER A 84 -6.45 7.53 -22.82
CA SER A 84 -5.04 7.86 -22.99
C SER A 84 -4.45 8.36 -21.67
N GLY A 85 -5.26 9.09 -20.91
CA GLY A 85 -4.83 9.65 -19.62
C GLY A 85 -5.01 8.66 -18.48
N GLU A 86 -5.84 7.64 -18.70
CA GLU A 86 -6.12 6.63 -17.67
C GLU A 86 -4.83 6.13 -17.01
N PHE A 87 -3.87 5.73 -17.84
CA PHE A 87 -2.60 5.23 -17.33
C PHE A 87 -1.93 6.24 -16.38
N SER A 88 -2.00 7.52 -16.75
CA SER A 88 -1.40 8.58 -15.96
C SER A 88 -2.28 8.90 -14.75
N ALA A 89 -3.58 8.60 -14.87
CA ALA A 89 -4.53 8.86 -13.78
C ALA A 89 -4.36 7.86 -12.65
N MET A 90 -3.74 6.71 -12.95
CA MET A 90 -3.56 5.69 -11.93
C MET A 90 -2.68 6.21 -10.80
N TYR A 91 -1.60 6.88 -11.16
CA TYR A 91 -0.69 7.44 -10.16
C TYR A 91 -1.43 8.48 -9.32
N ASN A 92 -2.21 9.32 -9.98
CA ASN A 92 -2.95 10.36 -9.27
C ASN A 92 -3.92 9.74 -8.27
N MET A 93 -4.64 8.70 -8.68
CA MET A 93 -5.58 8.03 -7.80
C MET A 93 -4.84 7.45 -6.60
N MET A 94 -3.76 6.75 -6.87
CA MET A 94 -2.97 6.13 -5.81
C MET A 94 -2.40 7.17 -4.87
N LEU A 95 -2.15 8.36 -5.39
CA LEU A 95 -1.59 9.42 -4.59
C LEU A 95 -2.55 9.76 -3.43
N GLU A 96 -3.84 9.85 -3.74
CA GLU A 96 -4.84 10.14 -2.73
C GLU A 96 -4.93 9.00 -1.73
N VAL A 97 -4.83 7.77 -2.23
CA VAL A 97 -4.89 6.58 -1.37
C VAL A 97 -3.80 6.64 -0.31
N SER A 98 -2.87 7.58 -0.46
CA SER A 98 -1.78 7.71 0.49
C SER A 98 -2.32 7.97 1.89
N GLY A 99 -3.31 8.85 2.01
CA GLY A 99 -3.88 9.16 3.32
C GLY A 99 -4.58 7.95 3.93
N PRO A 100 -5.64 7.44 3.32
CA PRO A 100 -6.37 6.25 3.85
C PRO A 100 -5.43 5.09 4.18
N LEU A 101 -4.45 4.86 3.31
CA LEU A 101 -3.49 3.77 3.53
C LEU A 101 -2.61 4.07 4.74
N GLU A 102 -2.20 5.33 4.88
CA GLU A 102 -1.32 5.72 5.98
C GLU A 102 -1.99 5.56 7.34
N GLU A 103 -3.16 6.19 7.52
CA GLU A 103 -3.86 6.11 8.80
C GLU A 103 -4.02 4.66 9.23
N LEU A 104 -4.11 3.76 8.26
CA LEU A 104 -4.27 2.34 8.55
C LEU A 104 -2.92 1.72 8.92
N GLY A 105 -1.94 2.57 9.23
CA GLY A 105 -0.60 2.12 9.61
C GLY A 105 0.36 2.23 8.43
N VAL A 106 0.99 1.10 8.07
CA VAL A 106 1.93 1.08 6.96
C VAL A 106 3.06 2.07 7.20
N LEU A 107 4.22 1.78 6.62
CA LEU A 107 5.39 2.64 6.77
C LEU A 107 5.24 3.88 5.88
N ARG A 108 5.85 4.99 6.32
CA ARG A 108 5.79 6.24 5.57
C ARG A 108 6.86 6.26 4.47
N MET A 109 6.48 6.72 3.28
CA MET A 109 7.41 6.79 2.15
C MET A 109 6.79 7.57 0.99
N THR A 110 5.91 8.51 1.33
CA THR A 110 5.25 9.32 0.32
C THR A 110 6.21 10.37 -0.25
N LYS A 111 7.22 10.70 0.54
CA LYS A 111 8.20 11.69 0.11
C LYS A 111 8.94 11.22 -1.15
N THR A 112 9.32 9.95 -1.19
CA THR A 112 10.02 9.41 -2.35
C THR A 112 9.13 9.39 -3.57
N VAL A 113 7.92 8.89 -3.39
CA VAL A 113 6.97 8.80 -4.50
C VAL A 113 6.62 10.19 -5.00
N THR A 114 6.30 11.09 -4.07
CA THR A 114 5.93 12.46 -4.42
C THR A 114 7.10 13.18 -5.08
N ASP A 115 8.30 13.02 -4.51
CA ASP A 115 9.48 13.67 -5.04
C ASP A 115 9.76 13.18 -6.46
N ALA A 116 9.45 11.91 -6.72
CA ALA A 116 9.68 11.35 -8.04
C ALA A 116 9.01 12.22 -9.10
N ALA A 117 7.83 12.73 -8.79
CA ALA A 117 7.10 13.58 -9.72
C ALA A 117 7.92 14.81 -10.10
N GLU A 118 8.74 15.29 -9.17
CA GLU A 118 9.57 16.47 -9.44
C GLU A 118 10.55 16.21 -10.57
N GLN A 119 11.43 15.22 -10.37
CA GLN A 119 12.43 14.87 -11.38
C GLN A 119 11.82 13.99 -12.46
N HIS A 120 11.44 12.77 -12.07
CA HIS A 120 10.85 11.82 -13.02
C HIS A 120 9.49 12.32 -13.50
N PRO A 121 9.09 11.99 -14.72
CA PRO A 121 7.75 12.43 -15.25
C PRO A 121 6.61 11.83 -14.44
N THR A 122 5.45 12.45 -14.49
CA THR A 122 4.31 11.96 -13.71
C THR A 122 3.88 10.58 -14.19
N THR A 123 4.65 9.56 -13.81
CA THR A 123 4.34 8.17 -14.17
C THR A 123 3.85 8.07 -15.64
N THR A 124 4.77 8.35 -16.56
CA THR A 124 4.49 8.29 -18.00
C THR A 124 4.80 6.89 -18.51
N ALA A 125 4.49 6.60 -19.77
CA ALA A 125 4.72 5.27 -20.35
C ALA A 125 6.03 4.65 -19.85
N GLU A 126 7.14 5.32 -20.13
CA GLU A 126 8.44 4.84 -19.67
C GLU A 126 8.64 5.18 -18.20
N GLY A 127 7.96 6.24 -17.75
CA GLY A 127 8.06 6.68 -16.35
C GLY A 127 7.50 5.63 -15.40
N ILE A 128 6.45 4.93 -15.82
CA ILE A 128 5.85 3.94 -14.94
C ILE A 128 6.87 2.86 -14.57
N LEU A 129 7.55 2.31 -15.57
CA LEU A 129 8.55 1.27 -15.32
C LEU A 129 9.70 1.81 -14.47
N GLU A 130 10.15 3.03 -14.78
CA GLU A 130 11.26 3.63 -14.04
C GLU A 130 10.81 4.02 -12.63
N ILE A 131 9.74 4.80 -12.53
CA ILE A 131 9.22 5.24 -11.24
C ILE A 131 8.69 4.06 -10.43
N ALA A 132 8.32 2.99 -11.11
CA ALA A 132 7.79 1.81 -10.43
C ALA A 132 8.82 1.29 -9.43
N LYS A 133 10.09 1.58 -9.69
CA LYS A 133 11.15 1.14 -8.81
C LYS A 133 10.96 1.72 -7.43
N ILE A 134 10.64 3.01 -7.37
CA ILE A 134 10.43 3.68 -6.10
C ILE A 134 9.19 3.12 -5.41
N MET A 135 8.11 2.97 -6.16
CA MET A 135 6.86 2.44 -5.62
C MET A 135 7.03 0.99 -5.17
N LYS A 136 7.74 0.21 -5.98
CA LYS A 136 7.97 -1.20 -5.67
C LYS A 136 8.73 -1.36 -4.36
N THR A 137 9.57 -0.38 -4.05
CA THR A 137 10.34 -0.41 -2.81
C THR A 137 9.40 -0.62 -1.62
N LYS A 138 8.27 0.08 -1.66
CA LYS A 138 7.28 -0.02 -0.59
C LYS A 138 6.72 -1.44 -0.50
N LEU A 139 6.47 -2.06 -1.65
CA LEU A 139 5.91 -3.41 -1.67
C LEU A 139 6.86 -4.37 -0.96
N GLN A 140 8.15 -4.26 -1.23
CA GLN A 140 9.13 -5.15 -0.60
C GLN A 140 9.41 -4.73 0.84
N ARG A 141 9.65 -3.43 1.05
CA ARG A 141 9.96 -2.96 2.38
C ARG A 141 8.83 -3.24 3.37
N VAL A 142 7.61 -2.85 3.02
CA VAL A 142 6.47 -3.08 3.91
C VAL A 142 6.23 -4.57 4.12
N HIS A 143 6.25 -5.34 3.04
CA HIS A 143 6.02 -6.77 3.12
C HIS A 143 7.08 -7.44 3.98
N THR A 144 8.34 -7.12 3.68
CA THR A 144 9.45 -7.70 4.41
C THR A 144 9.43 -7.29 5.88
N LYS A 145 9.21 -6.00 6.13
CA LYS A 145 9.18 -5.49 7.49
C LYS A 145 8.07 -6.16 8.30
N ASN A 146 6.88 -6.23 7.71
CA ASN A 146 5.75 -6.86 8.38
C ASN A 146 6.00 -8.35 8.57
N TYR A 147 6.53 -8.99 7.54
CA TYR A 147 6.84 -10.43 7.60
C TYR A 147 7.62 -10.76 8.87
N CYS A 148 8.17 -9.74 9.49
CA CYS A 148 8.94 -9.94 10.72
C CYS A 148 8.06 -10.50 11.82
N ALA A 149 6.81 -10.03 11.88
CA ALA A 149 5.86 -10.47 12.91
C ALA A 149 5.19 -11.80 12.54
N LEU A 150 5.14 -12.10 11.25
CA LEU A 150 4.50 -13.33 10.78
C LEU A 150 5.18 -14.57 11.33
N GLU A 151 6.51 -14.61 11.22
CA GLU A 151 7.28 -15.76 11.69
C GLU A 151 7.59 -15.63 13.18
N LYS A 152 7.38 -14.42 13.70
CA LYS A 152 7.63 -14.16 15.13
C LYS A 152 6.73 -15.04 15.98
N LYS A 153 5.49 -15.25 15.51
CA LYS A 153 4.55 -16.06 16.25
C LYS A 153 5.16 -17.42 16.58
N LYS A 154 6.03 -17.90 15.68
CA LYS A 154 6.68 -19.18 15.89
C LYS A 154 7.55 -19.15 17.15
N ASN A 155 8.36 -18.10 17.30
CA ASN A 155 9.23 -17.96 18.48
C ASN A 155 9.64 -16.49 18.68
N PRO A 156 9.79 -16.04 19.91
CA PRO A 156 10.20 -14.62 20.19
C PRO A 156 11.66 -14.34 19.81
N ASN A 157 12.44 -15.41 19.67
CA ASN A 157 13.86 -15.27 19.31
C ASN A 157 14.03 -15.23 17.79
N PHE A 158 12.93 -15.05 17.08
CA PHE A 158 12.99 -15.00 15.62
C PHE A 158 13.72 -13.74 15.17
N THR A 159 14.74 -13.93 14.33
CA THR A 159 15.53 -12.81 13.82
C THR A 159 16.12 -13.18 12.46
N ASP A 160 16.49 -12.15 11.69
CA ASP A 160 17.06 -12.36 10.37
C ASP A 160 17.74 -11.09 9.87
N GLU A 161 18.68 -11.25 8.93
CA GLU A 161 19.39 -10.11 8.39
C GLU A 161 18.45 -9.21 7.60
N LYS A 162 17.47 -9.82 6.94
CA LYS A 162 16.50 -9.08 6.16
C LYS A 162 15.71 -8.13 7.05
N CYS A 163 15.33 -8.61 8.23
CA CYS A 163 14.56 -7.80 9.18
C CYS A 163 15.50 -7.13 10.18
N LYS A 164 15.27 -5.85 10.41
CA LYS A 164 16.10 -5.09 11.35
C LYS A 164 15.92 -5.63 12.77
N ASN A 165 17.04 -5.85 13.45
CA ASN A 165 17.01 -6.37 14.83
C ASN A 165 16.66 -5.27 15.81
N ASN A 166 15.48 -5.39 16.42
CA ASN A 166 15.02 -4.39 17.38
C ASN A 166 13.79 -4.90 18.13
N GLY A 1 -13.40 10.71 -21.75
CA GLY A 1 -14.64 10.12 -22.30
C GLY A 1 -14.75 8.67 -21.87
N LEU A 2 -14.10 7.79 -22.63
CA LEU A 2 -14.12 6.36 -22.34
C LEU A 2 -15.56 5.86 -22.28
N LYS A 3 -15.73 4.56 -22.55
CA LYS A 3 -17.07 3.95 -22.55
C LYS A 3 -16.96 2.51 -22.04
N GLY A 4 -18.07 2.02 -21.49
CA GLY A 4 -18.13 0.67 -20.96
C GLY A 4 -17.47 0.61 -19.59
N GLU A 5 -17.20 -0.62 -19.13
CA GLU A 5 -16.58 -0.81 -17.84
C GLU A 5 -15.17 -0.25 -17.82
N THR A 6 -14.50 -0.29 -18.98
CA THR A 6 -13.13 0.21 -19.09
C THR A 6 -12.98 1.57 -18.42
N LYS A 7 -14.10 2.27 -18.26
CA LYS A 7 -14.09 3.59 -17.63
C LYS A 7 -14.00 3.48 -16.10
N ILE A 8 -14.95 2.74 -15.52
CA ILE A 8 -15.00 2.57 -14.06
C ILE A 8 -14.08 1.44 -13.60
N ILE A 9 -13.64 0.61 -14.55
CA ILE A 9 -12.78 -0.53 -14.23
C ILE A 9 -11.74 -0.15 -13.19
N LEU A 10 -11.17 1.04 -13.35
CA LEU A 10 -10.17 1.51 -12.42
C LEU A 10 -10.81 1.81 -11.06
N GLU A 11 -11.95 2.49 -11.09
CA GLU A 11 -12.63 2.85 -9.86
C GLU A 11 -13.05 1.60 -9.10
N ARG A 12 -13.45 0.58 -9.85
CA ARG A 12 -13.88 -0.67 -9.24
C ARG A 12 -12.74 -1.31 -8.48
N SER A 13 -11.54 -1.28 -9.05
CA SER A 13 -10.38 -1.86 -8.40
C SER A 13 -10.04 -1.10 -7.11
N ALA A 14 -10.14 0.23 -7.18
CA ALA A 14 -9.84 1.08 -6.03
C ALA A 14 -10.95 1.03 -4.99
N LYS A 15 -12.13 0.60 -5.43
CA LYS A 15 -13.28 0.53 -4.53
C LYS A 15 -13.05 -0.48 -3.41
N ASP A 16 -12.52 -1.64 -3.78
CA ASP A 16 -12.25 -2.68 -2.79
C ASP A 16 -11.20 -2.22 -1.79
N ILE A 17 -10.20 -1.48 -2.27
CA ILE A 17 -9.14 -1.00 -1.39
C ILE A 17 -9.72 -0.06 -0.34
N THR A 18 -10.58 0.85 -0.77
CA THR A 18 -11.18 1.81 0.15
C THR A 18 -12.04 1.10 1.18
N ASP A 19 -12.83 0.15 0.73
CA ASP A 19 -13.71 -0.60 1.63
C ASP A 19 -12.89 -1.52 2.52
N GLU A 20 -11.69 -1.85 2.06
CA GLU A 20 -10.83 -2.76 2.82
C GLU A 20 -10.50 -2.17 4.20
N ILE A 21 -10.30 -0.87 4.25
CA ILE A 21 -9.97 -0.20 5.50
C ILE A 21 -11.12 -0.33 6.50
N ASN A 22 -12.34 -0.13 6.02
CA ASN A 22 -13.52 -0.23 6.88
C ASN A 22 -13.63 -1.62 7.50
N LYS A 23 -13.28 -2.64 6.72
CA LYS A 23 -13.36 -4.00 7.22
C LYS A 23 -12.49 -4.20 8.46
N ILE A 24 -11.29 -3.62 8.44
CA ILE A 24 -10.38 -3.73 9.57
C ILE A 24 -10.95 -3.02 10.79
N LYS A 25 -11.54 -1.85 10.58
CA LYS A 25 -12.11 -1.08 11.68
C LYS A 25 -13.10 -1.97 12.46
N LYS A 26 -13.94 -2.68 11.75
CA LYS A 26 -14.92 -3.56 12.39
C LYS A 26 -14.20 -4.68 13.13
N ASP A 27 -13.17 -5.24 12.50
CA ASP A 27 -12.43 -6.34 13.11
C ASP A 27 -11.79 -5.89 14.43
N ALA A 28 -11.09 -4.76 14.38
CA ALA A 28 -10.43 -4.23 15.57
C ALA A 28 -11.46 -3.84 16.62
N ALA A 29 -12.55 -3.23 16.17
CA ALA A 29 -13.60 -2.79 17.08
C ALA A 29 -14.23 -3.99 17.78
N ASP A 30 -14.47 -5.06 17.02
CA ASP A 30 -15.07 -6.26 17.57
C ASP A 30 -14.15 -6.89 18.61
N ASN A 31 -12.85 -6.87 18.32
CA ASN A 31 -11.85 -7.44 19.22
C ASN A 31 -11.62 -6.53 20.41
N ASN A 32 -12.19 -5.32 20.34
CA ASN A 32 -12.04 -4.35 21.43
C ASN A 32 -10.56 -4.10 21.74
N VAL A 33 -9.80 -3.71 20.72
CA VAL A 33 -8.36 -3.44 20.88
C VAL A 33 -8.05 -1.99 20.51
N ASN A 34 -6.98 -1.47 21.11
CA ASN A 34 -6.57 -0.10 20.85
C ASN A 34 -6.19 0.06 19.39
N PHE A 35 -7.09 0.67 18.63
CA PHE A 35 -6.85 0.90 17.21
C PHE A 35 -5.73 1.91 17.02
N ALA A 36 -5.70 2.94 17.86
CA ALA A 36 -4.68 3.99 17.76
C ALA A 36 -3.27 3.39 17.68
N ALA A 37 -3.09 2.24 18.30
CA ALA A 37 -1.79 1.56 18.28
C ALA A 37 -1.35 1.32 16.84
N PHE A 38 -2.25 1.55 15.89
CA PHE A 38 -1.94 1.33 14.48
C PHE A 38 -0.79 2.24 14.06
N THR A 39 -0.93 3.52 14.39
CA THR A 39 0.10 4.50 14.02
C THR A 39 1.34 4.30 14.89
N ASP A 40 1.11 4.13 16.19
CA ASP A 40 2.21 3.93 17.15
C ASP A 40 3.39 4.86 16.83
N SER A 41 3.12 6.16 16.82
CA SER A 41 4.15 7.14 16.52
C SER A 41 5.26 7.10 17.56
N GLU A 42 6.47 7.43 17.13
CA GLU A 42 7.62 7.41 18.04
C GLU A 42 7.37 8.33 19.22
N THR A 43 6.96 9.56 18.93
CA THR A 43 6.69 10.54 19.98
C THR A 43 5.43 10.16 20.74
N GLY A 44 4.46 9.59 20.03
CA GLY A 44 3.21 9.19 20.65
C GLY A 44 3.43 8.06 21.66
N SER A 45 4.29 7.11 21.30
CA SER A 45 4.58 5.98 22.18
C SER A 45 3.30 5.34 22.70
N LYS A 46 2.31 5.23 21.81
CA LYS A 46 1.01 4.64 22.18
C LYS A 46 1.16 3.14 22.39
N VAL A 47 2.36 2.62 22.13
CA VAL A 47 2.62 1.19 22.29
C VAL A 47 1.68 0.37 21.41
N SER A 48 2.07 -0.87 21.14
CA SER A 48 1.26 -1.76 20.31
C SER A 48 1.48 -3.21 20.70
N GLU A 49 2.74 -3.64 20.71
CA GLU A 49 3.07 -5.02 21.06
C GLU A 49 2.19 -6.00 20.29
N ASN A 50 2.16 -7.25 20.73
CA ASN A 50 1.36 -8.27 20.07
C ASN A 50 1.68 -8.32 18.59
N SER A 51 0.93 -9.15 17.85
CA SER A 51 1.13 -9.30 16.40
C SER A 51 -0.11 -8.84 15.64
N PHE A 52 -1.22 -8.71 16.34
CA PHE A 52 -2.45 -8.28 15.71
C PHE A 52 -2.28 -6.89 15.08
N ILE A 53 -1.76 -5.95 15.85
CA ILE A 53 -1.57 -4.59 15.34
C ILE A 53 -0.60 -4.58 14.16
N LEU A 54 0.53 -5.26 14.33
CA LEU A 54 1.53 -5.32 13.28
C LEU A 54 1.02 -6.14 12.10
N GLU A 55 0.30 -7.22 12.39
CA GLU A 55 -0.26 -8.06 11.34
C GLU A 55 -1.31 -7.31 10.55
N ALA A 56 -2.07 -6.47 11.24
CA ALA A 56 -3.12 -5.71 10.58
C ALA A 56 -2.55 -4.85 9.45
N LYS A 57 -1.32 -4.39 9.63
CA LYS A 57 -0.67 -3.56 8.62
C LYS A 57 -0.49 -4.37 7.33
N VAL A 58 -0.12 -5.64 7.47
CA VAL A 58 0.07 -6.50 6.31
C VAL A 58 -1.23 -6.67 5.55
N ARG A 59 -2.31 -6.88 6.29
CA ARG A 59 -3.62 -7.07 5.67
C ARG A 59 -3.96 -5.90 4.77
N ALA A 60 -3.45 -4.72 5.12
CA ALA A 60 -3.70 -3.51 4.34
C ALA A 60 -2.71 -3.43 3.17
N THR A 61 -1.55 -4.05 3.35
CA THR A 61 -0.53 -4.04 2.30
C THR A 61 -0.94 -4.94 1.14
N THR A 62 -1.77 -5.94 1.44
CA THR A 62 -2.21 -6.88 0.41
C THR A 62 -2.86 -6.13 -0.75
N VAL A 63 -3.97 -5.46 -0.46
CA VAL A 63 -4.68 -4.72 -1.49
C VAL A 63 -3.79 -3.66 -2.11
N ALA A 64 -3.04 -2.95 -1.29
CA ALA A 64 -2.16 -1.91 -1.79
C ALA A 64 -1.07 -2.50 -2.66
N GLU A 65 -0.58 -3.67 -2.28
CA GLU A 65 0.48 -4.34 -3.04
C GLU A 65 -0.03 -4.72 -4.41
N LYS A 66 -1.28 -5.18 -4.47
CA LYS A 66 -1.86 -5.58 -5.74
C LYS A 66 -1.98 -4.39 -6.68
N PHE A 67 -2.41 -3.25 -6.14
CA PHE A 67 -2.58 -2.07 -6.95
C PHE A 67 -1.25 -1.62 -7.56
N VAL A 68 -0.23 -1.50 -6.73
CA VAL A 68 1.08 -1.06 -7.22
C VAL A 68 1.62 -2.04 -8.25
N THR A 69 1.56 -3.33 -7.92
CA THR A 69 2.05 -4.36 -8.83
C THR A 69 1.14 -4.44 -10.06
N ALA A 70 -0.16 -4.25 -9.86
CA ALA A 70 -1.11 -4.32 -10.95
C ALA A 70 -0.83 -3.23 -11.97
N ILE A 71 -0.42 -2.06 -11.51
CA ILE A 71 -0.12 -0.95 -12.41
C ILE A 71 0.91 -1.38 -13.45
N GLU A 72 1.92 -2.12 -13.01
CA GLU A 72 2.97 -2.55 -13.90
C GLU A 72 2.39 -3.40 -15.04
N GLY A 73 1.41 -4.24 -14.72
CA GLY A 73 0.78 -5.11 -15.72
C GLY A 73 -0.39 -4.41 -16.43
N GLU A 74 -1.27 -3.81 -15.63
CA GLU A 74 -2.42 -3.09 -16.16
C GLU A 74 -1.99 -2.10 -17.24
N ALA A 75 -0.73 -1.68 -17.19
CA ALA A 75 -0.20 -0.73 -18.18
C ALA A 75 -0.68 -1.10 -19.58
N THR A 76 -0.82 -2.40 -19.84
CA THR A 76 -1.28 -2.90 -21.14
C THR A 76 -0.63 -2.10 -22.27
N LYS A 77 -1.42 -1.26 -22.92
CA LYS A 77 -0.93 -0.44 -24.00
C LYS A 77 -1.99 0.57 -24.42
N LEU A 78 -3.25 0.24 -24.15
CA LEU A 78 -4.35 1.12 -24.51
C LEU A 78 -5.63 0.73 -23.79
N LYS A 79 -5.89 -0.58 -23.71
CA LYS A 79 -7.12 -1.06 -23.09
C LYS A 79 -7.40 -0.33 -21.76
N LYS A 80 -6.46 -0.42 -20.84
CA LYS A 80 -6.57 0.23 -19.53
C LYS A 80 -5.92 1.61 -19.55
N THR A 81 -5.33 1.98 -20.69
CA THR A 81 -4.63 3.27 -20.84
C THR A 81 -5.11 4.01 -22.08
N GLY A 82 -6.42 4.00 -22.30
CA GLY A 82 -7.03 4.68 -23.46
C GLY A 82 -6.39 6.05 -23.70
N SER A 83 -6.94 7.08 -23.06
CA SER A 83 -6.43 8.43 -23.21
C SER A 83 -5.02 8.53 -22.62
N SER A 84 -4.31 9.59 -23.01
CA SER A 84 -2.95 9.81 -22.51
C SER A 84 -2.96 10.02 -21.00
N GLY A 85 -3.96 10.74 -20.52
CA GLY A 85 -4.08 11.02 -19.09
C GLY A 85 -4.47 9.76 -18.32
N GLU A 86 -5.02 8.78 -19.03
CA GLU A 86 -5.44 7.54 -18.41
C GLU A 86 -4.24 6.79 -17.83
N PHE A 87 -3.08 6.92 -18.48
CA PHE A 87 -1.87 6.26 -18.02
C PHE A 87 -1.55 6.66 -16.59
N SER A 88 -1.59 7.97 -16.32
CA SER A 88 -1.30 8.48 -14.99
C SER A 88 -2.50 8.34 -14.06
N ALA A 89 -3.69 8.25 -14.65
CA ALA A 89 -4.91 8.13 -13.86
C ALA A 89 -4.83 6.93 -12.94
N MET A 90 -4.10 5.90 -13.37
CA MET A 90 -3.97 4.70 -12.56
C MET A 90 -3.21 5.00 -11.28
N TYR A 91 -2.12 5.77 -11.40
CA TYR A 91 -1.32 6.13 -10.23
C TYR A 91 -2.00 7.25 -9.46
N ASN A 92 -2.86 8.01 -10.12
CA ASN A 92 -3.54 9.12 -9.48
C ASN A 92 -4.27 8.64 -8.25
N MET A 93 -4.89 7.48 -8.36
CA MET A 93 -5.61 6.90 -7.24
C MET A 93 -4.65 6.58 -6.10
N MET A 94 -3.46 6.12 -6.46
CA MET A 94 -2.46 5.77 -5.46
C MET A 94 -2.17 6.99 -4.58
N LEU A 95 -2.10 8.15 -5.22
CA LEU A 95 -1.83 9.37 -4.47
C LEU A 95 -2.95 9.61 -3.46
N GLU A 96 -4.20 9.40 -3.89
CA GLU A 96 -5.34 9.59 -3.01
C GLU A 96 -5.37 8.53 -1.93
N VAL A 97 -5.08 7.28 -2.32
CA VAL A 97 -5.07 6.17 -1.39
C VAL A 97 -3.90 6.32 -0.41
N SER A 98 -2.95 7.18 -0.74
CA SER A 98 -1.79 7.39 0.10
C SER A 98 -2.22 7.74 1.52
N GLY A 99 -3.35 8.43 1.65
CA GLY A 99 -3.85 8.82 2.96
C GLY A 99 -4.43 7.61 3.70
N PRO A 100 -5.53 7.07 3.24
CA PRO A 100 -6.16 5.88 3.90
C PRO A 100 -5.13 4.80 4.23
N LEU A 101 -4.23 4.53 3.30
CA LEU A 101 -3.22 3.51 3.52
C LEU A 101 -2.32 3.90 4.68
N GLU A 102 -1.92 5.17 4.70
CA GLU A 102 -1.05 5.66 5.76
C GLU A 102 -1.77 5.65 7.11
N GLU A 103 -3.05 6.01 7.07
CA GLU A 103 -3.85 6.04 8.29
C GLU A 103 -3.82 4.68 8.98
N LEU A 104 -4.04 3.63 8.19
CA LEU A 104 -4.03 2.28 8.75
C LEU A 104 -2.62 1.92 9.22
N GLY A 105 -1.60 2.46 8.57
CA GLY A 105 -0.20 2.20 8.93
C GLY A 105 0.66 2.04 7.68
N VAL A 106 1.29 0.88 7.56
CA VAL A 106 2.14 0.60 6.41
C VAL A 106 3.20 1.68 6.27
N LEU A 107 3.75 2.12 7.40
CA LEU A 107 4.78 3.16 7.39
C LEU A 107 4.33 4.33 6.52
N ARG A 108 5.25 5.27 6.29
CA ARG A 108 4.98 6.46 5.46
C ARG A 108 5.94 6.50 4.28
N MET A 109 5.44 6.95 3.15
CA MET A 109 6.25 7.03 1.94
C MET A 109 5.51 7.79 0.85
N THR A 110 4.47 8.52 1.24
CA THR A 110 3.68 9.27 0.29
C THR A 110 4.52 10.36 -0.37
N LYS A 111 5.50 10.86 0.38
CA LYS A 111 6.38 11.90 -0.12
C LYS A 111 7.37 11.32 -1.12
N THR A 112 7.72 10.05 -0.96
CA THR A 112 8.66 9.41 -1.85
C THR A 112 8.13 9.38 -3.27
N VAL A 113 6.89 8.89 -3.42
CA VAL A 113 6.28 8.79 -4.74
C VAL A 113 5.98 10.18 -5.30
N THR A 114 5.47 11.05 -4.46
CA THR A 114 5.14 12.41 -4.88
C THR A 114 6.38 13.10 -5.42
N ASP A 115 7.50 12.95 -4.74
CA ASP A 115 8.74 13.57 -5.16
C ASP A 115 9.16 13.05 -6.53
N ALA A 116 8.88 11.78 -6.79
CA ALA A 116 9.23 11.18 -8.07
C ALA A 116 8.48 11.88 -9.21
N ALA A 117 7.25 12.29 -8.94
CA ALA A 117 6.45 12.98 -9.94
C ALA A 117 7.09 14.29 -10.38
N GLU A 118 7.71 14.97 -9.42
CA GLU A 118 8.34 16.26 -9.72
C GLU A 118 9.40 16.09 -10.80
N GLN A 119 10.34 15.18 -10.58
CA GLN A 119 11.41 14.93 -11.55
C GLN A 119 10.90 14.00 -12.64
N HIS A 120 10.59 12.77 -12.27
CA HIS A 120 10.13 11.78 -13.23
C HIS A 120 8.71 12.10 -13.71
N PRO A 121 8.36 11.76 -14.94
CA PRO A 121 6.98 12.03 -15.47
C PRO A 121 5.94 11.27 -14.66
N THR A 122 5.17 12.02 -13.85
CA THR A 122 4.10 11.44 -12.99
C THR A 122 3.98 9.93 -13.15
N THR A 123 3.39 9.52 -14.26
CA THR A 123 3.26 8.11 -14.58
C THR A 123 2.82 7.94 -16.04
N THR A 124 3.81 8.02 -16.94
CA THR A 124 3.57 7.85 -18.37
C THR A 124 3.87 6.42 -18.76
N ALA A 125 3.59 6.06 -20.01
CA ALA A 125 3.83 4.69 -20.49
C ALA A 125 5.15 4.15 -19.96
N GLU A 126 6.26 4.81 -20.30
CA GLU A 126 7.57 4.39 -19.82
C GLU A 126 7.80 4.88 -18.40
N GLY A 127 7.19 6.02 -18.05
CA GLY A 127 7.35 6.61 -16.72
C GLY A 127 6.92 5.63 -15.64
N ILE A 128 5.81 4.92 -15.87
CA ILE A 128 5.32 3.97 -14.89
C ILE A 128 6.35 2.88 -14.64
N LEU A 129 6.91 2.34 -15.71
CA LEU A 129 7.90 1.28 -15.56
C LEU A 129 9.12 1.78 -14.81
N GLU A 130 9.56 2.99 -15.11
CA GLU A 130 10.72 3.56 -14.45
C GLU A 130 10.41 3.95 -13.01
N ILE A 131 9.35 4.74 -12.84
CA ILE A 131 8.95 5.19 -11.51
C ILE A 131 8.50 4.00 -10.65
N ALA A 132 8.06 2.93 -11.32
CA ALA A 132 7.59 1.75 -10.59
C ALA A 132 8.69 1.20 -9.71
N LYS A 133 9.94 1.49 -10.07
CA LYS A 133 11.06 1.00 -9.29
C LYS A 133 11.02 1.55 -7.87
N ILE A 134 10.72 2.83 -7.74
CA ILE A 134 10.66 3.46 -6.43
C ILE A 134 9.52 2.86 -5.61
N MET A 135 8.35 2.75 -6.22
CA MET A 135 7.19 2.22 -5.53
C MET A 135 7.37 0.74 -5.22
N LYS A 136 7.88 -0.01 -6.19
CA LYS A 136 8.09 -1.45 -6.01
C LYS A 136 9.05 -1.72 -4.86
N THR A 137 10.02 -0.82 -4.68
CA THR A 137 10.99 -0.99 -3.61
C THR A 137 10.29 -0.98 -2.25
N LYS A 138 9.15 -0.32 -2.19
CA LYS A 138 8.39 -0.21 -0.95
C LYS A 138 7.68 -1.51 -0.62
N LEU A 139 7.23 -2.23 -1.64
CA LEU A 139 6.52 -3.48 -1.44
C LEU A 139 7.40 -4.46 -0.66
N GLN A 140 8.68 -4.52 -1.01
CA GLN A 140 9.59 -5.43 -0.33
C GLN A 140 10.13 -4.79 0.95
N ARG A 141 9.84 -3.50 1.16
CA ARG A 141 10.32 -2.80 2.36
C ARG A 141 9.37 -3.00 3.53
N VAL A 142 8.13 -2.55 3.37
CA VAL A 142 7.13 -2.67 4.42
C VAL A 142 6.77 -4.13 4.68
N HIS A 143 6.65 -4.89 3.60
CA HIS A 143 6.29 -6.30 3.72
C HIS A 143 7.29 -7.05 4.57
N THR A 144 8.56 -6.88 4.24
CA THR A 144 9.61 -7.56 4.96
C THR A 144 9.65 -7.11 6.42
N LYS A 145 9.54 -5.80 6.63
CA LYS A 145 9.59 -5.24 7.98
C LYS A 145 8.48 -5.84 8.83
N ASN A 146 7.26 -5.84 8.31
CA ASN A 146 6.13 -6.38 9.05
C ASN A 146 6.28 -7.89 9.23
N TYR A 147 6.72 -8.57 8.18
CA TYR A 147 6.92 -10.02 8.23
C TYR A 147 7.84 -10.39 9.38
N CYS A 148 8.53 -9.41 9.92
CA CYS A 148 9.45 -9.65 11.01
C CYS A 148 8.69 -10.08 12.27
N ALA A 149 7.51 -9.52 12.46
CA ALA A 149 6.68 -9.83 13.63
C ALA A 149 5.87 -11.10 13.41
N LEU A 150 5.68 -11.49 12.15
CA LEU A 150 4.90 -12.67 11.84
C LEU A 150 5.54 -13.92 12.45
N GLU A 151 6.63 -14.37 11.86
CA GLU A 151 7.29 -15.57 12.33
C GLU A 151 7.67 -15.42 13.80
N LYS A 152 7.79 -14.18 14.26
CA LYS A 152 8.15 -13.92 15.65
C LYS A 152 7.08 -14.48 16.58
N LYS A 153 5.83 -14.45 16.13
CA LYS A 153 4.72 -14.94 16.94
C LYS A 153 4.97 -16.40 17.31
N LYS A 154 5.55 -17.15 16.38
CA LYS A 154 5.83 -18.55 16.63
C LYS A 154 6.86 -18.70 17.75
N ASN A 155 7.90 -17.87 17.71
CA ASN A 155 8.93 -17.91 18.73
C ASN A 155 9.88 -16.71 18.60
N PRO A 156 10.42 -16.22 19.70
CA PRO A 156 11.37 -15.05 19.67
C PRO A 156 12.72 -15.43 19.03
N ASN A 157 12.98 -16.72 18.93
CA ASN A 157 14.23 -17.20 18.34
C ASN A 157 14.26 -16.93 16.84
N PHE A 158 13.18 -16.34 16.33
CA PHE A 158 13.10 -16.04 14.91
C PHE A 158 14.10 -14.95 14.53
N THR A 159 14.91 -15.23 13.52
CA THR A 159 15.91 -14.27 13.04
C THR A 159 16.00 -14.31 11.51
N ASP A 160 16.46 -13.21 10.92
CA ASP A 160 16.60 -13.12 9.47
C ASP A 160 17.37 -11.86 9.09
N GLU A 161 18.38 -12.04 8.24
CA GLU A 161 19.19 -10.91 7.80
C GLU A 161 18.36 -9.94 6.97
N LYS A 162 17.30 -10.46 6.36
CA LYS A 162 16.43 -9.64 5.53
C LYS A 162 15.78 -8.53 6.36
N CYS A 163 15.51 -8.83 7.63
CA CYS A 163 14.89 -7.86 8.53
C CYS A 163 15.96 -7.12 9.32
N LYS A 164 15.68 -5.85 9.59
CA LYS A 164 16.61 -5.01 10.33
C LYS A 164 16.70 -5.45 11.78
N ASN A 165 17.90 -5.38 12.34
CA ASN A 165 18.11 -5.77 13.72
C ASN A 165 17.47 -4.76 14.67
N ASN A 166 16.99 -5.24 15.81
CA ASN A 166 16.35 -4.37 16.78
C ASN A 166 16.17 -5.10 18.11
N GLY A 1 -13.42 10.45 -21.53
CA GLY A 1 -14.70 9.86 -22.01
C GLY A 1 -14.80 8.43 -21.53
N LEU A 2 -14.30 7.49 -22.35
CA LEU A 2 -14.33 6.07 -22.02
C LEU A 2 -15.79 5.63 -21.79
N LYS A 3 -16.04 4.35 -22.08
CA LYS A 3 -17.38 3.78 -21.92
C LYS A 3 -17.28 2.33 -21.45
N GLY A 4 -18.34 1.85 -20.82
CA GLY A 4 -18.38 0.48 -20.32
C GLY A 4 -17.64 0.35 -19.01
N GLU A 5 -17.30 -0.88 -18.64
CA GLU A 5 -16.60 -1.13 -17.39
C GLU A 5 -15.18 -0.52 -17.44
N THR A 6 -14.58 -0.53 -18.62
CA THR A 6 -13.23 0.01 -18.80
C THR A 6 -13.10 1.40 -18.17
N LYS A 7 -14.23 2.08 -17.98
CA LYS A 7 -14.23 3.42 -17.40
C LYS A 7 -14.12 3.36 -15.87
N ILE A 8 -15.04 2.61 -15.24
CA ILE A 8 -15.05 2.46 -13.78
C ILE A 8 -14.04 1.42 -13.31
N ILE A 9 -13.55 0.60 -14.25
CA ILE A 9 -12.59 -0.45 -13.91
C ILE A 9 -11.54 0.07 -12.93
N LEU A 10 -11.03 1.27 -13.19
CA LEU A 10 -10.04 1.88 -12.31
C LEU A 10 -10.65 2.19 -10.94
N GLU A 11 -11.85 2.76 -10.95
CA GLU A 11 -12.51 3.12 -9.69
C GLU A 11 -12.85 1.88 -8.89
N ARG A 12 -13.20 0.82 -9.58
CA ARG A 12 -13.55 -0.44 -8.92
C ARG A 12 -12.35 -0.99 -8.15
N SER A 13 -11.17 -0.91 -8.77
CA SER A 13 -9.95 -1.41 -8.13
C SER A 13 -9.67 -0.64 -6.84
N ALA A 14 -9.86 0.68 -6.89
CA ALA A 14 -9.63 1.52 -5.72
C ALA A 14 -10.61 1.19 -4.61
N LYS A 15 -11.82 0.81 -4.98
CA LYS A 15 -12.85 0.47 -4.01
C LYS A 15 -12.40 -0.70 -3.14
N ASP A 16 -11.70 -1.65 -3.75
CA ASP A 16 -11.23 -2.82 -3.03
C ASP A 16 -10.30 -2.41 -1.87
N ILE A 17 -9.33 -1.56 -2.19
CA ILE A 17 -8.37 -1.11 -1.18
C ILE A 17 -9.08 -0.27 -0.11
N THR A 18 -9.92 0.65 -0.55
CA THR A 18 -10.65 1.51 0.36
C THR A 18 -11.55 0.68 1.27
N ASP A 19 -12.25 -0.27 0.68
CA ASP A 19 -13.16 -1.12 1.44
C ASP A 19 -12.40 -1.93 2.50
N GLU A 20 -11.18 -2.32 2.17
CA GLU A 20 -10.36 -3.10 3.10
C GLU A 20 -10.16 -2.36 4.42
N ILE A 21 -9.90 -1.05 4.32
CA ILE A 21 -9.67 -0.24 5.50
C ILE A 21 -10.89 -0.31 6.42
N ASN A 22 -12.08 -0.21 5.83
CA ASN A 22 -13.31 -0.26 6.60
C ASN A 22 -13.47 -1.63 7.26
N LYS A 23 -13.08 -2.68 6.54
CA LYS A 23 -13.20 -4.05 7.05
C LYS A 23 -12.41 -4.22 8.35
N ILE A 24 -11.15 -3.77 8.33
CA ILE A 24 -10.30 -3.87 9.51
C ILE A 24 -10.85 -3.00 10.65
N LYS A 25 -11.31 -1.81 10.30
CA LYS A 25 -11.84 -0.89 11.30
C LYS A 25 -13.01 -1.54 12.03
N LYS A 26 -13.94 -2.11 11.27
CA LYS A 26 -15.11 -2.76 11.86
C LYS A 26 -14.65 -3.96 12.69
N ASP A 27 -13.71 -4.74 12.15
CA ASP A 27 -13.21 -5.90 12.85
C ASP A 27 -12.53 -5.48 14.15
N ALA A 28 -11.75 -4.42 14.08
CA ALA A 28 -11.03 -3.92 15.25
C ALA A 28 -12.03 -3.48 16.33
N ALA A 29 -13.02 -2.69 15.92
CA ALA A 29 -14.03 -2.20 16.85
C ALA A 29 -14.87 -3.34 17.40
N ASP A 30 -15.16 -4.32 16.54
CA ASP A 30 -15.96 -5.47 16.94
C ASP A 30 -15.26 -6.26 18.03
N ASN A 31 -13.93 -6.34 17.94
CA ASN A 31 -13.13 -7.09 18.92
C ASN A 31 -12.72 -6.16 20.07
N ASN A 32 -13.22 -4.93 20.03
CA ASN A 32 -12.93 -3.95 21.07
C ASN A 32 -11.42 -3.78 21.26
N VAL A 33 -10.68 -3.85 20.16
CA VAL A 33 -9.22 -3.71 20.20
C VAL A 33 -8.82 -2.25 20.04
N ASN A 34 -7.66 -1.90 20.57
CA ASN A 34 -7.16 -0.53 20.49
C ASN A 34 -6.72 -0.21 19.06
N PHE A 35 -7.61 0.39 18.30
CA PHE A 35 -7.32 0.75 16.91
C PHE A 35 -6.16 1.76 16.87
N ALA A 36 -6.22 2.74 17.76
CA ALA A 36 -5.20 3.79 17.81
C ALA A 36 -3.80 3.18 17.80
N ALA A 37 -3.71 1.90 18.15
CA ALA A 37 -2.43 1.22 18.17
C ALA A 37 -1.78 1.25 16.80
N PHE A 38 -2.60 1.40 15.77
CA PHE A 38 -2.08 1.46 14.41
C PHE A 38 -1.15 2.66 14.26
N THR A 39 -1.62 3.83 14.71
CA THR A 39 -0.83 5.05 14.61
C THR A 39 0.30 5.03 15.63
N ASP A 40 -0.01 4.54 16.83
CA ASP A 40 0.98 4.47 17.91
C ASP A 40 1.87 5.71 17.96
N SER A 41 1.25 6.87 18.15
CA SER A 41 1.97 8.12 18.19
C SER A 41 3.01 8.11 19.30
N GLU A 42 4.13 8.79 19.07
CA GLU A 42 5.20 8.84 20.06
C GLU A 42 4.67 9.37 21.38
N THR A 43 4.39 8.46 22.30
CA THR A 43 3.89 8.83 23.61
C THR A 43 4.06 7.69 24.60
N GLY A 44 4.54 8.03 25.80
CA GLY A 44 4.77 7.02 26.83
C GLY A 44 5.67 5.90 26.32
N SER A 45 5.06 4.84 25.81
CA SER A 45 5.81 3.70 25.29
C SER A 45 5.03 3.04 24.16
N LYS A 46 5.75 2.63 23.12
CA LYS A 46 5.11 1.99 21.96
C LYS A 46 4.73 0.55 22.33
N VAL A 47 3.42 0.29 22.38
CA VAL A 47 2.91 -1.05 22.71
C VAL A 47 2.70 -1.86 21.43
N SER A 48 1.49 -1.81 20.88
CA SER A 48 1.18 -2.55 19.65
C SER A 48 1.75 -3.97 19.72
N GLU A 49 1.97 -4.45 20.94
CA GLU A 49 2.51 -5.79 21.14
C GLU A 49 1.59 -6.84 20.53
N ASN A 50 0.32 -6.46 20.34
CA ASN A 50 -0.65 -7.36 19.77
C ASN A 50 -0.31 -7.67 18.32
N SER A 51 -0.28 -8.95 17.98
CA SER A 51 0.04 -9.37 16.62
C SER A 51 -1.06 -8.92 15.65
N PHE A 52 -2.24 -8.65 16.18
CA PHE A 52 -3.35 -8.22 15.35
C PHE A 52 -3.00 -6.93 14.59
N ILE A 53 -2.50 -5.95 15.31
CA ILE A 53 -2.14 -4.67 14.69
C ILE A 53 -1.05 -4.87 13.65
N LEU A 54 0.02 -5.56 14.02
CA LEU A 54 1.13 -5.81 13.12
C LEU A 54 0.72 -6.73 11.98
N GLU A 55 -0.03 -7.78 12.31
CA GLU A 55 -0.49 -8.74 11.31
C GLU A 55 -1.52 -8.10 10.39
N ALA A 56 -2.31 -7.19 10.94
CA ALA A 56 -3.34 -6.50 10.17
C ALA A 56 -2.71 -5.70 9.02
N LYS A 57 -1.51 -5.17 9.25
CA LYS A 57 -0.84 -4.38 8.23
C LYS A 57 -0.68 -5.20 6.96
N VAL A 58 -0.44 -6.50 7.12
CA VAL A 58 -0.28 -7.39 5.98
C VAL A 58 -1.57 -7.41 5.16
N ARG A 59 -2.70 -7.50 5.85
CA ARG A 59 -3.99 -7.56 5.18
C ARG A 59 -4.21 -6.29 4.36
N ALA A 60 -3.90 -5.15 4.94
CA ALA A 60 -4.06 -3.87 4.26
C ALA A 60 -3.08 -3.77 3.09
N THR A 61 -1.86 -4.26 3.31
CA THR A 61 -0.84 -4.22 2.28
C THR A 61 -1.18 -5.20 1.16
N THR A 62 -1.92 -6.24 1.50
CA THR A 62 -2.29 -7.25 0.50
C THR A 62 -3.10 -6.61 -0.63
N VAL A 63 -4.13 -5.85 -0.27
CA VAL A 63 -4.98 -5.19 -1.26
C VAL A 63 -4.20 -4.08 -1.98
N ALA A 64 -3.43 -3.31 -1.22
CA ALA A 64 -2.66 -2.22 -1.79
C ALA A 64 -1.54 -2.75 -2.68
N GLU A 65 -0.96 -3.88 -2.29
CA GLU A 65 0.11 -4.49 -3.07
C GLU A 65 -0.40 -4.82 -4.48
N LYS A 66 -1.61 -5.35 -4.55
CA LYS A 66 -2.19 -5.70 -5.83
C LYS A 66 -2.38 -4.46 -6.69
N PHE A 67 -2.83 -3.37 -6.06
CA PHE A 67 -3.05 -2.12 -6.80
C PHE A 67 -1.76 -1.64 -7.45
N VAL A 68 -0.70 -1.58 -6.65
CA VAL A 68 0.58 -1.11 -7.15
C VAL A 68 1.11 -2.06 -8.24
N THR A 69 1.07 -3.35 -7.94
CA THR A 69 1.54 -4.36 -8.89
C THR A 69 0.62 -4.41 -10.11
N ALA A 70 -0.67 -4.15 -9.87
CA ALA A 70 -1.65 -4.17 -10.96
C ALA A 70 -1.32 -3.07 -11.97
N ILE A 71 -0.86 -1.93 -11.50
CA ILE A 71 -0.53 -0.83 -12.40
C ILE A 71 0.55 -1.27 -13.40
N GLU A 72 1.56 -1.97 -12.92
CA GLU A 72 2.63 -2.43 -13.77
C GLU A 72 2.08 -3.28 -14.93
N GLY A 73 1.08 -4.12 -14.63
CA GLY A 73 0.47 -4.98 -15.66
C GLY A 73 -0.68 -4.27 -16.37
N GLU A 74 -1.62 -3.74 -15.60
CA GLU A 74 -2.78 -3.04 -16.15
C GLU A 74 -2.33 -2.01 -17.20
N ALA A 75 -1.07 -1.57 -17.12
CA ALA A 75 -0.53 -0.61 -18.08
C ALA A 75 -0.96 -0.98 -19.50
N THR A 76 -0.91 -2.29 -19.81
CA THR A 76 -1.30 -2.80 -21.12
C THR A 76 -0.82 -1.87 -22.24
N LYS A 77 -1.72 -1.01 -22.72
CA LYS A 77 -1.37 -0.08 -23.78
C LYS A 77 -2.47 0.98 -23.91
N LEU A 78 -3.70 0.53 -24.23
CA LEU A 78 -4.83 1.45 -24.41
C LEU A 78 -6.07 0.91 -23.72
N LYS A 79 -6.19 -0.41 -23.63
CA LYS A 79 -7.36 -1.01 -23.01
C LYS A 79 -7.67 -0.34 -21.66
N LYS A 80 -6.68 -0.27 -20.79
CA LYS A 80 -6.83 0.36 -19.47
C LYS A 80 -6.50 1.85 -19.54
N THR A 81 -5.31 2.16 -20.08
CA THR A 81 -4.83 3.54 -20.19
C THR A 81 -5.50 4.25 -21.36
N GLY A 82 -6.83 4.03 -21.49
CA GLY A 82 -7.63 4.65 -22.58
C GLY A 82 -7.07 6.00 -23.03
N SER A 83 -7.42 7.05 -22.31
CA SER A 83 -6.94 8.39 -22.65
C SER A 83 -5.44 8.49 -22.33
N SER A 84 -4.76 9.38 -23.01
CA SER A 84 -3.32 9.57 -22.80
C SER A 84 -3.05 10.05 -21.37
N GLY A 85 -4.02 10.76 -20.80
CA GLY A 85 -3.89 11.28 -19.44
C GLY A 85 -4.20 10.20 -18.41
N GLU A 86 -4.90 9.16 -18.85
CA GLU A 86 -5.29 8.09 -17.95
C GLU A 86 -4.05 7.36 -17.41
N PHE A 87 -2.94 7.49 -18.12
CA PHE A 87 -1.70 6.86 -17.70
C PHE A 87 -1.30 7.35 -16.31
N SER A 88 -1.45 8.66 -16.08
CA SER A 88 -1.10 9.25 -14.78
C SER A 88 -2.27 9.10 -13.79
N ALA A 89 -3.49 9.16 -14.32
CA ALA A 89 -4.69 9.06 -13.47
C ALA A 89 -4.64 7.81 -12.60
N MET A 90 -4.26 6.69 -13.20
CA MET A 90 -4.19 5.43 -12.47
C MET A 90 -3.28 5.58 -11.25
N TYR A 91 -2.16 6.29 -11.45
CA TYR A 91 -1.20 6.52 -10.38
C TYR A 91 -1.70 7.61 -9.43
N ASN A 92 -2.48 8.53 -9.96
CA ASN A 92 -3.00 9.62 -9.14
C ASN A 92 -3.85 9.07 -8.01
N MET A 93 -4.55 7.96 -8.28
CA MET A 93 -5.40 7.35 -7.27
C MET A 93 -4.59 6.90 -6.06
N MET A 94 -3.44 6.29 -6.31
CA MET A 94 -2.60 5.82 -5.22
C MET A 94 -2.15 6.98 -4.34
N LEU A 95 -1.90 8.12 -4.96
CA LEU A 95 -1.46 9.28 -4.20
C LEU A 95 -2.54 9.68 -3.20
N GLU A 96 -3.80 9.67 -3.65
CA GLU A 96 -4.91 10.03 -2.78
C GLU A 96 -5.14 8.96 -1.70
N VAL A 97 -5.01 7.70 -2.08
CA VAL A 97 -5.19 6.60 -1.13
C VAL A 97 -4.20 6.74 0.02
N SER A 98 -3.31 7.73 -0.06
CA SER A 98 -2.32 7.94 0.98
C SER A 98 -3.01 8.15 2.34
N GLY A 99 -4.08 8.93 2.34
CA GLY A 99 -4.80 9.19 3.57
C GLY A 99 -5.35 7.89 4.17
N PRO A 100 -6.30 7.24 3.53
CA PRO A 100 -6.86 5.95 4.04
C PRO A 100 -5.77 4.97 4.47
N LEU A 101 -4.74 4.85 3.65
CA LEU A 101 -3.64 3.93 3.94
C LEU A 101 -2.93 4.37 5.22
N GLU A 102 -2.76 5.68 5.38
CA GLU A 102 -2.09 6.22 6.55
C GLU A 102 -2.89 5.94 7.82
N GLU A 103 -4.21 6.03 7.71
CA GLU A 103 -5.08 5.78 8.87
C GLU A 103 -4.78 4.41 9.47
N LEU A 104 -4.67 3.40 8.61
CA LEU A 104 -4.38 2.04 9.07
C LEU A 104 -2.97 1.98 9.63
N GLY A 105 -2.10 2.89 9.18
CA GLY A 105 -0.72 2.92 9.67
C GLY A 105 0.11 1.79 9.07
N VAL A 106 1.04 2.15 8.20
CA VAL A 106 1.90 1.17 7.56
C VAL A 106 3.03 1.87 6.80
N LEU A 107 3.91 2.54 7.55
CA LEU A 107 5.04 3.25 6.94
C LEU A 107 4.58 4.07 5.73
N ARG A 108 4.32 5.35 5.95
CA ARG A 108 3.88 6.23 4.85
C ARG A 108 5.09 6.83 4.15
N MET A 109 5.67 6.07 3.22
CA MET A 109 6.84 6.52 2.46
C MET A 109 6.39 7.08 1.11
N THR A 110 5.22 7.70 1.10
CA THR A 110 4.69 8.27 -0.13
C THR A 110 5.59 9.39 -0.64
N LYS A 111 6.43 9.91 0.24
CA LYS A 111 7.33 10.98 -0.12
C LYS A 111 8.34 10.51 -1.16
N THR A 112 8.81 9.29 -1.00
CA THR A 112 9.77 8.73 -1.93
C THR A 112 9.16 8.58 -3.31
N VAL A 113 7.96 8.01 -3.36
CA VAL A 113 7.26 7.81 -4.62
C VAL A 113 6.90 9.15 -5.25
N THR A 114 6.38 10.06 -4.43
CA THR A 114 5.99 11.37 -4.92
C THR A 114 7.20 12.13 -5.45
N ASP A 115 8.32 12.02 -4.75
CA ASP A 115 9.54 12.70 -5.17
C ASP A 115 9.94 12.27 -6.57
N ALA A 116 9.69 11.01 -6.90
CA ALA A 116 10.03 10.49 -8.22
C ALA A 116 9.39 11.34 -9.31
N ALA A 117 8.27 11.97 -8.96
CA ALA A 117 7.55 12.82 -9.92
C ALA A 117 8.40 14.03 -10.31
N GLU A 118 9.17 14.54 -9.36
CA GLU A 118 10.01 15.71 -9.62
C GLU A 118 10.95 15.44 -10.79
N GLN A 119 11.68 14.33 -10.71
CA GLN A 119 12.63 13.96 -11.77
C GLN A 119 11.95 13.10 -12.83
N HIS A 120 11.69 11.85 -12.49
CA HIS A 120 11.06 10.93 -13.43
C HIS A 120 9.69 11.45 -13.85
N PRO A 121 9.23 11.16 -15.06
CA PRO A 121 7.88 11.61 -15.53
C PRO A 121 6.79 10.96 -14.70
N THR A 122 6.17 11.76 -13.81
CA THR A 122 5.08 11.30 -12.91
C THR A 122 4.84 9.80 -13.03
N THR A 123 4.09 9.40 -14.06
CA THR A 123 3.82 7.98 -14.33
C THR A 123 3.28 7.85 -15.75
N THR A 124 4.19 7.98 -16.71
CA THR A 124 3.85 7.86 -18.13
C THR A 124 3.98 6.40 -18.55
N ALA A 125 3.62 6.10 -19.79
CA ALA A 125 3.70 4.73 -20.29
C ALA A 125 5.00 4.04 -19.84
N GLU A 126 6.13 4.58 -20.27
CA GLU A 126 7.43 4.03 -19.89
C GLU A 126 7.80 4.45 -18.46
N GLY A 127 7.27 5.58 -18.02
CA GLY A 127 7.55 6.08 -16.68
C GLY A 127 7.06 5.12 -15.60
N ILE A 128 5.89 4.53 -15.82
CA ILE A 128 5.34 3.59 -14.84
C ILE A 128 6.25 2.38 -14.71
N LEU A 129 6.68 1.83 -15.83
CA LEU A 129 7.56 0.66 -15.80
C LEU A 129 8.88 1.00 -15.11
N GLU A 130 9.43 2.18 -15.41
CA GLU A 130 10.70 2.59 -14.81
C GLU A 130 10.52 3.01 -13.34
N ILE A 131 9.60 3.95 -13.10
CA ILE A 131 9.35 4.45 -11.75
C ILE A 131 8.82 3.32 -10.85
N ALA A 132 8.25 2.29 -11.47
CA ALA A 132 7.70 1.16 -10.72
C ALA A 132 8.77 0.57 -9.82
N LYS A 133 10.03 0.79 -10.18
CA LYS A 133 11.13 0.26 -9.39
C LYS A 133 11.09 0.83 -7.98
N ILE A 134 10.84 2.13 -7.87
CA ILE A 134 10.78 2.78 -6.57
C ILE A 134 9.56 2.29 -5.79
N MET A 135 8.42 2.21 -6.47
CA MET A 135 7.19 1.77 -5.82
C MET A 135 7.31 0.34 -5.33
N LYS A 136 7.93 -0.51 -6.14
CA LYS A 136 8.11 -1.92 -5.77
C LYS A 136 8.89 -2.04 -4.47
N THR A 137 9.77 -1.09 -4.22
CA THR A 137 10.55 -1.11 -2.99
C THR A 137 9.62 -1.11 -1.79
N LYS A 138 8.54 -0.34 -1.87
CA LYS A 138 7.57 -0.26 -0.79
C LYS A 138 6.93 -1.63 -0.54
N LEU A 139 6.63 -2.36 -1.61
CA LEU A 139 5.99 -3.66 -1.47
C LEU A 139 6.90 -4.60 -0.69
N GLN A 140 8.18 -4.62 -1.02
CA GLN A 140 9.14 -5.49 -0.33
C GLN A 140 9.43 -4.95 1.06
N ARG A 141 9.56 -3.63 1.18
CA ARG A 141 9.85 -3.01 2.46
C ARG A 141 8.72 -3.24 3.46
N VAL A 142 7.51 -2.86 3.07
CA VAL A 142 6.35 -3.03 3.96
C VAL A 142 6.14 -4.50 4.28
N HIS A 143 6.17 -5.34 3.26
CA HIS A 143 5.95 -6.76 3.46
C HIS A 143 6.94 -7.33 4.45
N THR A 144 8.21 -7.05 4.22
CA THR A 144 9.26 -7.56 5.09
C THR A 144 9.13 -6.97 6.50
N LYS A 145 8.93 -5.65 6.56
CA LYS A 145 8.83 -4.95 7.85
C LYS A 145 7.87 -5.66 8.81
N ASN A 146 6.62 -5.82 8.37
CA ASN A 146 5.62 -6.48 9.21
C ASN A 146 5.99 -7.95 9.42
N TYR A 147 6.44 -8.60 8.36
CA TYR A 147 6.82 -10.00 8.43
C TYR A 147 7.84 -10.23 9.54
N CYS A 148 8.46 -9.14 10.00
CA CYS A 148 9.46 -9.24 11.05
C CYS A 148 8.83 -9.74 12.34
N ALA A 149 7.57 -9.35 12.58
CA ALA A 149 6.85 -9.76 13.80
C ALA A 149 6.23 -11.16 13.64
N LEU A 150 6.04 -11.59 12.40
CA LEU A 150 5.45 -12.89 12.13
C LEU A 150 6.39 -14.01 12.57
N GLU A 151 7.48 -14.17 11.83
CA GLU A 151 8.44 -15.23 12.14
C GLU A 151 8.97 -15.07 13.57
N LYS A 152 8.82 -13.89 14.14
CA LYS A 152 9.29 -13.65 15.50
C LYS A 152 8.59 -14.59 16.47
N LYS A 153 7.27 -14.62 16.40
CA LYS A 153 6.50 -15.49 17.29
C LYS A 153 6.80 -16.96 16.98
N LYS A 154 6.83 -17.29 15.70
CA LYS A 154 7.10 -18.67 15.28
C LYS A 154 8.52 -19.08 15.66
N ASN A 155 9.45 -18.12 15.59
CA ASN A 155 10.85 -18.39 15.91
C ASN A 155 11.49 -17.15 16.56
N PRO A 156 11.44 -17.02 17.87
CA PRO A 156 12.05 -15.84 18.59
C PRO A 156 13.49 -15.59 18.16
N ASN A 157 14.14 -16.62 17.63
CA ASN A 157 15.52 -16.51 17.16
C ASN A 157 15.61 -15.66 15.90
N PHE A 158 14.62 -14.79 15.69
CA PHE A 158 14.59 -13.93 14.51
C PHE A 158 15.94 -13.27 14.27
N THR A 159 16.36 -13.26 13.02
CA THR A 159 17.64 -12.67 12.65
C THR A 159 17.70 -12.43 11.15
N ASP A 160 17.45 -11.20 10.72
CA ASP A 160 17.48 -10.84 9.30
C ASP A 160 18.06 -9.44 9.13
N GLU A 161 19.07 -9.33 8.28
CA GLU A 161 19.72 -8.04 8.02
C GLU A 161 18.77 -7.11 7.27
N LYS A 162 17.92 -7.69 6.43
CA LYS A 162 16.98 -6.91 5.64
C LYS A 162 16.03 -6.14 6.56
N CYS A 163 15.62 -6.79 7.66
CA CYS A 163 14.72 -6.17 8.63
C CYS A 163 15.51 -5.51 9.75
N LYS A 164 14.87 -4.59 10.43
CA LYS A 164 15.50 -3.88 11.54
C LYS A 164 15.95 -4.86 12.63
N ASN A 165 17.13 -4.62 13.17
CA ASN A 165 17.68 -5.47 14.23
C ASN A 165 16.98 -5.20 15.56
N ASN A 166 16.85 -6.23 16.38
CA ASN A 166 16.20 -6.08 17.67
C ASN A 166 16.96 -5.08 18.55
N GLY A 1 -14.54 11.57 -21.24
CA GLY A 1 -13.81 10.58 -22.09
C GLY A 1 -14.05 9.19 -21.52
N LEU A 2 -13.45 8.18 -22.17
CA LEU A 2 -13.60 6.79 -21.74
C LEU A 2 -15.07 6.39 -21.70
N LYS A 3 -15.36 5.19 -22.18
CA LYS A 3 -16.74 4.69 -22.21
C LYS A 3 -16.78 3.24 -21.74
N GLY A 4 -17.88 2.88 -21.09
CA GLY A 4 -18.06 1.52 -20.59
C GLY A 4 -17.34 1.35 -19.25
N GLU A 5 -17.03 0.10 -18.92
CA GLU A 5 -16.36 -0.20 -17.67
C GLU A 5 -14.97 0.42 -17.65
N THR A 6 -14.36 0.54 -18.83
CA THR A 6 -13.02 1.12 -18.94
C THR A 6 -12.93 2.43 -18.18
N LYS A 7 -14.07 3.06 -17.95
CA LYS A 7 -14.10 4.34 -17.23
C LYS A 7 -13.98 4.14 -15.72
N ILE A 8 -14.85 3.29 -15.17
CA ILE A 8 -14.86 3.01 -13.73
C ILE A 8 -13.84 1.92 -13.38
N ILE A 9 -13.34 1.22 -14.40
CA ILE A 9 -12.38 0.15 -14.17
C ILE A 9 -11.34 0.56 -13.12
N LEU A 10 -10.88 1.80 -13.23
CA LEU A 10 -9.90 2.31 -12.29
C LEU A 10 -10.52 2.43 -10.89
N GLU A 11 -11.75 2.94 -10.85
CA GLU A 11 -12.44 3.13 -9.58
C GLU A 11 -12.75 1.78 -8.93
N ARG A 12 -13.08 0.80 -9.77
CA ARG A 12 -13.41 -0.53 -9.27
C ARG A 12 -12.20 -1.11 -8.53
N SER A 13 -11.01 -0.89 -9.07
CA SER A 13 -9.80 -1.41 -8.44
C SER A 13 -9.58 -0.79 -7.06
N ALA A 14 -9.81 0.52 -6.97
CA ALA A 14 -9.64 1.25 -5.71
C ALA A 14 -10.82 0.99 -4.78
N LYS A 15 -11.91 0.47 -5.33
CA LYS A 15 -13.08 0.19 -4.52
C LYS A 15 -12.75 -0.82 -3.41
N ASP A 16 -12.04 -1.88 -3.78
CA ASP A 16 -11.68 -2.91 -2.83
C ASP A 16 -10.72 -2.34 -1.78
N ILE A 17 -9.88 -1.40 -2.19
CA ILE A 17 -8.90 -0.81 -1.28
C ILE A 17 -9.63 -0.09 -0.15
N THR A 18 -10.64 0.68 -0.50
CA THR A 18 -11.40 1.42 0.51
C THR A 18 -12.28 0.48 1.33
N ASP A 19 -12.87 -0.49 0.65
CA ASP A 19 -13.74 -1.45 1.33
C ASP A 19 -12.93 -2.31 2.29
N GLU A 20 -11.63 -2.41 2.04
CA GLU A 20 -10.76 -3.21 2.89
C GLU A 20 -10.61 -2.56 4.26
N ILE A 21 -10.50 -1.24 4.30
CA ILE A 21 -10.32 -0.52 5.55
C ILE A 21 -11.51 -0.74 6.47
N ASN A 22 -12.71 -0.66 5.91
CA ASN A 22 -13.92 -0.85 6.69
C ASN A 22 -13.97 -2.27 7.26
N LYS A 23 -13.50 -3.23 6.48
CA LYS A 23 -13.52 -4.62 6.91
C LYS A 23 -12.75 -4.80 8.23
N ILE A 24 -11.55 -4.23 8.30
CA ILE A 24 -10.73 -4.34 9.49
C ILE A 24 -11.39 -3.63 10.66
N LYS A 25 -11.95 -2.46 10.41
CA LYS A 25 -12.59 -1.70 11.48
C LYS A 25 -13.62 -2.57 12.18
N LYS A 26 -14.43 -3.27 11.41
CA LYS A 26 -15.45 -4.13 11.99
C LYS A 26 -14.81 -5.26 12.78
N ASP A 27 -13.76 -5.85 12.22
CA ASP A 27 -13.06 -6.95 12.89
C ASP A 27 -12.47 -6.49 14.22
N ALA A 28 -11.80 -5.34 14.20
CA ALA A 28 -11.20 -4.81 15.41
C ALA A 28 -12.27 -4.36 16.39
N ALA A 29 -13.32 -3.75 15.87
CA ALA A 29 -14.41 -3.27 16.72
C ALA A 29 -15.13 -4.46 17.37
N ASP A 30 -15.29 -5.54 16.62
CA ASP A 30 -15.96 -6.72 17.15
C ASP A 30 -15.17 -7.32 18.30
N ASN A 31 -13.85 -7.35 18.15
CA ASN A 31 -12.98 -7.91 19.18
C ASN A 31 -12.75 -6.89 20.28
N ASN A 32 -13.23 -5.67 20.07
CA ASN A 32 -13.09 -4.61 21.07
C ASN A 32 -11.62 -4.40 21.44
N VAL A 33 -10.74 -4.52 20.46
CA VAL A 33 -9.31 -4.34 20.69
C VAL A 33 -8.90 -2.90 20.42
N ASN A 34 -7.83 -2.47 21.09
CA ASN A 34 -7.35 -1.11 20.93
C ASN A 34 -6.88 -0.88 19.50
N PHE A 35 -7.75 -0.27 18.70
CA PHE A 35 -7.44 0.00 17.31
C PHE A 35 -6.38 1.11 17.21
N ALA A 36 -6.31 1.95 18.24
CA ALA A 36 -5.35 3.05 18.25
C ALA A 36 -3.92 2.52 18.10
N ALA A 37 -3.72 1.27 18.47
CA ALA A 37 -2.40 0.65 18.38
C ALA A 37 -1.92 0.62 16.93
N PHE A 38 -2.86 0.72 16.00
CA PHE A 38 -2.52 0.69 14.58
C PHE A 38 -1.55 1.81 14.23
N THR A 39 -1.82 2.99 14.78
CA THR A 39 -0.98 4.16 14.50
C THR A 39 0.24 4.15 15.41
N ASP A 40 0.24 3.25 16.39
CA ASP A 40 1.36 3.15 17.33
C ASP A 40 2.52 2.40 16.69
N SER A 41 3.45 3.14 16.08
CA SER A 41 4.61 2.54 15.43
C SER A 41 5.79 3.52 15.44
N GLU A 42 5.77 4.46 14.51
CA GLU A 42 6.85 5.45 14.42
C GLU A 42 6.72 6.47 15.53
N THR A 43 7.81 7.19 15.77
CA THR A 43 7.84 8.20 16.81
C THR A 43 7.40 7.59 18.15
N GLY A 44 8.37 7.04 18.88
CA GLY A 44 8.08 6.42 20.18
C GLY A 44 7.46 5.04 19.98
N SER A 45 6.97 4.46 21.08
CA SER A 45 6.35 3.14 21.03
C SER A 45 5.54 2.87 22.29
N LYS A 46 4.27 3.27 22.27
CA LYS A 46 3.40 3.06 23.43
C LYS A 46 3.16 1.57 23.64
N VAL A 47 2.32 0.99 22.79
CA VAL A 47 2.01 -0.43 22.88
C VAL A 47 1.41 -0.95 21.58
N SER A 48 1.82 -2.13 21.16
CA SER A 48 1.32 -2.73 19.92
C SER A 48 1.65 -4.21 19.88
N GLU A 49 1.69 -4.84 21.06
CA GLU A 49 2.00 -6.26 21.14
C GLU A 49 1.01 -7.06 20.29
N ASN A 50 1.00 -8.38 20.47
CA ASN A 50 0.11 -9.25 19.72
C ASN A 50 0.38 -9.13 18.22
N SER A 51 0.18 -10.23 17.50
CA SER A 51 0.38 -10.24 16.05
C SER A 51 -0.84 -9.69 15.34
N PHE A 52 -1.96 -9.60 16.05
CA PHE A 52 -3.18 -9.09 15.46
C PHE A 52 -2.96 -7.67 14.90
N ILE A 53 -2.42 -6.80 15.72
CA ILE A 53 -2.19 -5.42 15.31
C ILE A 53 -1.22 -5.36 14.14
N LEU A 54 -0.12 -6.07 14.27
CA LEU A 54 0.90 -6.08 13.21
C LEU A 54 0.38 -6.80 11.97
N GLU A 55 -0.29 -7.92 12.19
CA GLU A 55 -0.83 -8.70 11.08
C GLU A 55 -1.95 -7.94 10.38
N ALA A 56 -2.71 -7.18 11.14
CA ALA A 56 -3.80 -6.41 10.58
C ALA A 56 -3.29 -5.44 9.52
N LYS A 57 -2.12 -4.88 9.75
CA LYS A 57 -1.52 -3.95 8.80
C LYS A 57 -1.25 -4.65 7.48
N VAL A 58 -0.82 -5.90 7.56
CA VAL A 58 -0.52 -6.67 6.36
C VAL A 58 -1.79 -6.86 5.54
N ARG A 59 -2.89 -7.19 6.21
CA ARG A 59 -4.15 -7.43 5.52
C ARG A 59 -4.48 -6.25 4.61
N ALA A 60 -4.29 -5.04 5.10
CA ALA A 60 -4.55 -3.84 4.31
C ALA A 60 -3.52 -3.70 3.21
N THR A 61 -2.33 -4.25 3.46
CA THR A 61 -1.23 -4.17 2.51
C THR A 61 -1.51 -5.03 1.29
N THR A 62 -2.11 -6.21 1.51
CA THR A 62 -2.40 -7.14 0.43
C THR A 62 -3.04 -6.43 -0.77
N VAL A 63 -4.12 -5.70 -0.52
CA VAL A 63 -4.80 -4.98 -1.59
C VAL A 63 -3.88 -3.89 -2.15
N ALA A 64 -3.10 -3.27 -1.28
CA ALA A 64 -2.21 -2.20 -1.71
C ALA A 64 -1.21 -2.72 -2.74
N GLU A 65 -0.74 -3.95 -2.52
CA GLU A 65 0.22 -4.55 -3.43
C GLU A 65 -0.43 -4.81 -4.79
N LYS A 66 -1.68 -5.26 -4.76
CA LYS A 66 -2.40 -5.55 -5.99
C LYS A 66 -2.57 -4.27 -6.81
N PHE A 67 -2.90 -3.18 -6.14
CA PHE A 67 -3.10 -1.91 -6.81
C PHE A 67 -1.82 -1.46 -7.51
N VAL A 68 -0.70 -1.51 -6.79
CA VAL A 68 0.57 -1.10 -7.35
C VAL A 68 0.97 -2.03 -8.50
N THR A 69 0.85 -3.33 -8.26
CA THR A 69 1.20 -4.30 -9.29
C THR A 69 0.22 -4.24 -10.45
N ALA A 70 -1.03 -3.94 -10.13
CA ALA A 70 -2.07 -3.84 -11.15
C ALA A 70 -1.76 -2.71 -12.12
N ILE A 71 -1.22 -1.63 -11.60
CA ILE A 71 -0.91 -0.48 -12.45
C ILE A 71 0.10 -0.89 -13.53
N GLU A 72 1.11 -1.65 -13.14
CA GLU A 72 2.12 -2.07 -14.09
C GLU A 72 1.51 -2.91 -15.20
N GLY A 73 0.63 -3.83 -14.82
CA GLY A 73 -0.03 -4.71 -15.79
C GLY A 73 -1.12 -3.97 -16.56
N GLU A 74 -2.00 -3.30 -15.82
CA GLU A 74 -3.09 -2.55 -16.43
C GLU A 74 -2.54 -1.55 -17.45
N ALA A 75 -1.26 -1.21 -17.32
CA ALA A 75 -0.64 -0.26 -18.25
C ALA A 75 -1.01 -0.61 -19.69
N THR A 76 -0.98 -1.91 -20.00
CA THR A 76 -1.32 -2.40 -21.35
C THR A 76 -0.85 -1.43 -22.44
N LYS A 77 -1.80 -0.71 -23.03
CA LYS A 77 -1.47 0.27 -24.07
C LYS A 77 -2.46 1.42 -24.05
N LEU A 78 -3.73 1.09 -24.29
CA LEU A 78 -4.77 2.12 -24.29
C LEU A 78 -6.09 1.58 -23.79
N LYS A 79 -6.35 0.31 -24.07
CA LYS A 79 -7.61 -0.32 -23.65
C LYS A 79 -7.92 0.03 -22.19
N LYS A 80 -6.95 -0.20 -21.31
CA LYS A 80 -7.12 0.10 -19.89
C LYS A 80 -6.73 1.55 -19.60
N THR A 81 -5.65 2.01 -20.23
CA THR A 81 -5.18 3.38 -20.04
C THR A 81 -5.83 4.33 -21.03
N GLY A 82 -7.14 4.15 -21.24
CA GLY A 82 -7.90 5.00 -22.17
C GLY A 82 -7.46 6.46 -22.05
N SER A 83 -7.32 7.14 -23.17
CA SER A 83 -6.89 8.53 -23.15
C SER A 83 -5.53 8.66 -22.48
N SER A 84 -4.80 9.73 -22.82
CA SER A 84 -3.47 9.96 -22.25
C SER A 84 -3.58 10.51 -20.83
N GLY A 85 -4.80 10.79 -20.40
CA GLY A 85 -5.04 11.32 -19.06
C GLY A 85 -5.14 10.21 -18.01
N GLU A 86 -5.68 9.08 -18.41
CA GLU A 86 -5.84 7.96 -17.49
C GLU A 86 -4.49 7.48 -16.99
N PHE A 87 -3.50 7.46 -17.87
CA PHE A 87 -2.16 7.01 -17.49
C PHE A 87 -1.72 7.68 -16.18
N SER A 88 -1.78 8.99 -16.15
CA SER A 88 -1.38 9.72 -14.95
C SER A 88 -2.39 9.50 -13.82
N ALA A 89 -3.68 9.50 -14.18
CA ALA A 89 -4.74 9.31 -13.19
C ALA A 89 -4.55 8.00 -12.43
N MET A 90 -4.01 6.99 -13.11
CA MET A 90 -3.80 5.70 -12.50
C MET A 90 -2.85 5.82 -11.31
N TYR A 91 -1.79 6.57 -11.50
CA TYR A 91 -0.80 6.77 -10.44
C TYR A 91 -1.34 7.76 -9.41
N ASN A 92 -2.16 8.70 -9.87
CA ASN A 92 -2.71 9.70 -8.97
C ASN A 92 -3.41 9.04 -7.80
N MET A 93 -4.08 7.93 -8.07
CA MET A 93 -4.79 7.22 -7.03
C MET A 93 -3.81 6.73 -5.97
N MET A 94 -2.69 6.18 -6.40
CA MET A 94 -1.69 5.69 -5.46
C MET A 94 -1.35 6.74 -4.42
N LEU A 95 -1.21 7.97 -4.88
CA LEU A 95 -0.89 9.06 -3.97
C LEU A 95 -2.02 9.25 -2.96
N GLU A 96 -3.25 9.20 -3.44
CA GLU A 96 -4.41 9.40 -2.58
C GLU A 96 -4.62 8.18 -1.68
N VAL A 97 -4.44 6.99 -2.26
CA VAL A 97 -4.62 5.75 -1.51
C VAL A 97 -3.77 5.78 -0.23
N SER A 98 -2.85 6.72 -0.16
CA SER A 98 -2.00 6.84 1.01
C SER A 98 -2.84 7.09 2.27
N GLY A 99 -3.82 7.97 2.15
CA GLY A 99 -4.68 8.30 3.28
C GLY A 99 -5.30 7.04 3.88
N PRO A 100 -6.16 6.35 3.15
CA PRO A 100 -6.82 5.10 3.63
C PRO A 100 -5.82 4.18 4.35
N LEU A 101 -4.59 4.14 3.85
CA LEU A 101 -3.56 3.29 4.45
C LEU A 101 -2.87 4.03 5.59
N GLU A 102 -2.95 5.35 5.57
CA GLU A 102 -2.33 6.15 6.62
C GLU A 102 -3.00 5.89 7.96
N GLU A 103 -4.31 5.89 7.96
CA GLU A 103 -5.06 5.66 9.19
C GLU A 103 -4.81 4.25 9.70
N LEU A 104 -4.81 3.29 8.78
CA LEU A 104 -4.61 1.90 9.16
C LEU A 104 -3.16 1.67 9.58
N GLY A 105 -2.24 2.42 8.96
CA GLY A 105 -0.81 2.30 9.26
C GLY A 105 -0.05 1.81 8.04
N VAL A 106 0.99 2.55 7.66
CA VAL A 106 1.81 2.19 6.51
C VAL A 106 3.07 3.05 6.47
N LEU A 107 4.06 2.60 5.70
CA LEU A 107 5.30 3.34 5.58
C LEU A 107 5.04 4.66 4.85
N ARG A 108 5.67 5.72 5.36
CA ARG A 108 5.52 7.05 4.77
C ARG A 108 6.57 7.29 3.70
N MET A 109 6.93 6.22 2.99
CA MET A 109 7.94 6.33 1.93
C MET A 109 7.34 6.99 0.69
N THR A 110 6.31 7.81 0.90
CA THR A 110 5.66 8.49 -0.21
C THR A 110 6.55 9.58 -0.77
N LYS A 111 7.53 10.01 0.02
CA LYS A 111 8.45 11.05 -0.42
C LYS A 111 9.29 10.57 -1.59
N THR A 112 9.77 9.34 -1.49
CA THR A 112 10.60 8.77 -2.55
C THR A 112 9.79 8.64 -3.84
N VAL A 113 8.58 8.10 -3.72
CA VAL A 113 7.72 7.91 -4.88
C VAL A 113 7.32 9.26 -5.46
N THR A 114 6.93 10.18 -4.59
CA THR A 114 6.52 11.51 -5.04
C THR A 114 7.70 12.25 -5.66
N ASP A 115 8.86 12.14 -5.04
CA ASP A 115 10.05 12.80 -5.53
C ASP A 115 10.41 12.29 -6.93
N ALA A 116 10.13 11.02 -7.18
CA ALA A 116 10.42 10.42 -8.48
C ALA A 116 9.77 11.23 -9.59
N ALA A 117 8.67 11.92 -9.26
CA ALA A 117 7.96 12.72 -10.24
C ALA A 117 8.83 13.90 -10.71
N GLU A 118 9.63 14.44 -9.80
CA GLU A 118 10.48 15.56 -10.14
C GLU A 118 11.40 15.22 -11.30
N GLN A 119 12.21 14.18 -11.12
CA GLN A 119 13.14 13.77 -12.17
C GLN A 119 12.40 12.95 -13.22
N HIS A 120 11.95 11.77 -12.82
CA HIS A 120 11.25 10.88 -13.74
C HIS A 120 9.86 11.43 -14.09
N PRO A 121 9.35 11.16 -15.27
CA PRO A 121 7.99 11.63 -15.68
C PRO A 121 6.93 11.02 -14.80
N THR A 122 6.32 11.85 -13.94
CA THR A 122 5.26 11.41 -13.01
C THR A 122 4.94 9.93 -13.17
N THR A 123 4.23 9.61 -14.24
CA THR A 123 3.88 8.22 -14.54
C THR A 123 3.27 8.11 -15.94
N THR A 124 4.12 8.24 -16.94
CA THR A 124 3.70 8.13 -18.32
C THR A 124 3.79 6.68 -18.75
N ALA A 125 3.41 6.41 -20.00
CA ALA A 125 3.45 5.04 -20.53
C ALA A 125 4.73 4.33 -20.13
N GLU A 126 5.86 4.87 -20.58
CA GLU A 126 7.16 4.29 -20.24
C GLU A 126 7.59 4.72 -18.85
N GLY A 127 7.07 5.85 -18.38
CA GLY A 127 7.42 6.36 -17.06
C GLY A 127 7.01 5.39 -15.97
N ILE A 128 5.83 4.80 -16.11
CA ILE A 128 5.37 3.86 -15.11
C ILE A 128 6.29 2.66 -15.03
N LEU A 129 6.67 2.12 -16.18
CA LEU A 129 7.55 0.96 -16.21
C LEU A 129 8.89 1.29 -15.58
N GLU A 130 9.40 2.47 -15.87
CA GLU A 130 10.69 2.88 -15.34
C GLU A 130 10.57 3.23 -13.86
N ILE A 131 9.59 4.07 -13.54
CA ILE A 131 9.37 4.49 -12.16
C ILE A 131 8.86 3.32 -11.31
N ALA A 132 8.26 2.34 -11.97
CA ALA A 132 7.71 1.18 -11.25
C ALA A 132 8.80 0.53 -10.42
N LYS A 133 10.05 0.77 -10.78
CA LYS A 133 11.16 0.19 -10.06
C LYS A 133 11.16 0.67 -8.61
N ILE A 134 10.89 1.95 -8.42
CA ILE A 134 10.86 2.53 -7.08
C ILE A 134 9.64 2.00 -6.32
N MET A 135 8.56 1.73 -7.05
CA MET A 135 7.34 1.23 -6.43
C MET A 135 7.57 -0.15 -5.81
N LYS A 136 8.36 -0.96 -6.50
CA LYS A 136 8.66 -2.30 -6.02
C LYS A 136 9.39 -2.24 -4.69
N THR A 137 10.14 -1.17 -4.47
CA THR A 137 10.91 -1.02 -3.24
C THR A 137 10.01 -1.08 -2.01
N LYS A 138 8.92 -0.33 -2.05
CA LYS A 138 7.98 -0.29 -0.93
C LYS A 138 7.02 -1.47 -1.01
N LEU A 139 6.89 -2.01 -2.20
CA LEU A 139 5.96 -3.12 -2.40
C LEU A 139 6.35 -4.32 -1.57
N GLN A 140 7.65 -4.62 -1.53
CA GLN A 140 8.15 -5.77 -0.78
C GLN A 140 8.62 -5.37 0.61
N ARG A 141 9.37 -4.27 0.67
CA ARG A 141 9.89 -3.78 1.95
C ARG A 141 8.77 -3.65 2.97
N VAL A 142 7.62 -3.16 2.52
CA VAL A 142 6.49 -2.98 3.42
C VAL A 142 6.11 -4.31 4.07
N HIS A 143 6.03 -5.35 3.25
CA HIS A 143 5.66 -6.67 3.75
C HIS A 143 6.74 -7.23 4.66
N THR A 144 7.99 -7.02 4.26
CA THR A 144 9.11 -7.53 5.04
C THR A 144 9.13 -6.90 6.44
N LYS A 145 9.00 -5.59 6.50
CA LYS A 145 9.03 -4.90 7.78
C LYS A 145 7.94 -5.45 8.71
N ASN A 146 6.74 -5.58 8.21
CA ASN A 146 5.63 -6.10 9.01
C ASN A 146 5.89 -7.57 9.38
N TYR A 147 6.40 -8.32 8.41
CA TYR A 147 6.69 -9.73 8.64
C TYR A 147 7.77 -9.90 9.70
N CYS A 148 8.78 -9.03 9.64
CA CYS A 148 9.90 -9.10 10.59
C CYS A 148 9.39 -9.20 12.03
N ALA A 149 8.43 -8.36 12.38
CA ALA A 149 7.87 -8.35 13.73
C ALA A 149 6.82 -9.44 13.89
N LEU A 150 6.31 -9.93 12.77
CA LEU A 150 5.28 -10.96 12.82
C LEU A 150 5.82 -12.26 13.40
N GLU A 151 6.81 -12.84 12.74
CA GLU A 151 7.39 -14.10 13.19
C GLU A 151 8.14 -13.88 14.49
N LYS A 152 8.51 -12.65 14.75
CA LYS A 152 9.25 -12.33 15.98
C LYS A 152 8.43 -12.65 17.21
N LYS A 153 7.12 -12.46 17.11
CA LYS A 153 6.23 -12.75 18.25
C LYS A 153 6.51 -14.14 18.81
N LYS A 154 6.94 -15.05 17.94
CA LYS A 154 7.23 -16.41 18.37
C LYS A 154 8.41 -16.42 19.32
N ASN A 155 9.49 -15.72 18.94
CA ASN A 155 10.68 -15.66 19.79
C ASN A 155 11.56 -14.46 19.41
N PRO A 156 12.23 -13.84 20.37
CA PRO A 156 13.12 -12.67 20.10
C PRO A 156 14.40 -13.08 19.35
N ASN A 157 14.73 -14.37 19.41
CA ASN A 157 15.93 -14.86 18.75
C ASN A 157 15.76 -14.83 17.24
N PHE A 158 14.56 -14.51 16.79
CA PHE A 158 14.28 -14.45 15.37
C PHE A 158 15.00 -13.26 14.74
N THR A 159 15.85 -13.54 13.75
CA THR A 159 16.58 -12.49 13.06
C THR A 159 17.06 -12.98 11.70
N ASP A 160 17.22 -12.05 10.76
CA ASP A 160 17.69 -12.39 9.42
C ASP A 160 18.24 -11.17 8.71
N GLU A 161 18.92 -11.39 7.59
CA GLU A 161 19.50 -10.30 6.83
C GLU A 161 18.41 -9.39 6.27
N LYS A 162 17.29 -9.99 5.89
CA LYS A 162 16.17 -9.24 5.33
C LYS A 162 15.65 -8.24 6.36
N CYS A 163 15.60 -8.66 7.62
CA CYS A 163 15.10 -7.80 8.70
C CYS A 163 16.27 -7.08 9.37
N LYS A 164 16.01 -5.87 9.83
CA LYS A 164 17.04 -5.07 10.48
C LYS A 164 17.43 -5.70 11.80
N ASN A 165 18.73 -5.73 12.07
CA ASN A 165 19.24 -6.32 13.32
C ASN A 165 19.19 -5.29 14.45
N ASN A 166 18.32 -5.55 15.43
CA ASN A 166 18.17 -4.65 16.56
C ASN A 166 17.32 -5.31 17.65
N GLY A 1 -14.67 9.34 -25.71
CA GLY A 1 -15.41 9.03 -24.45
C GLY A 1 -15.29 7.54 -24.15
N LEU A 2 -14.94 7.22 -22.89
CA LEU A 2 -14.79 5.82 -22.47
C LEU A 2 -16.15 5.22 -22.16
N LYS A 3 -16.27 3.91 -22.36
CA LYS A 3 -17.52 3.18 -22.10
C LYS A 3 -17.21 1.80 -21.53
N GLY A 4 -18.19 1.22 -20.85
CA GLY A 4 -18.02 -0.10 -20.26
C GLY A 4 -17.24 -0.02 -18.96
N GLU A 5 -16.78 -1.17 -18.48
CA GLU A 5 -16.02 -1.23 -17.24
C GLU A 5 -14.67 -0.54 -17.39
N THR A 6 -14.10 -0.59 -18.59
CA THR A 6 -12.79 0.03 -18.84
C THR A 6 -12.72 1.44 -18.25
N LYS A 7 -13.87 2.06 -18.05
CA LYS A 7 -13.92 3.41 -17.49
C LYS A 7 -13.75 3.39 -15.97
N ILE A 8 -14.60 2.62 -15.30
CA ILE A 8 -14.58 2.50 -13.83
C ILE A 8 -13.59 1.43 -13.38
N ILE A 9 -13.07 0.64 -14.32
CA ILE A 9 -12.13 -0.43 -13.99
C ILE A 9 -11.12 0.03 -12.93
N LEU A 10 -10.63 1.25 -13.08
CA LEU A 10 -9.68 1.80 -12.12
C LEU A 10 -10.36 2.02 -10.77
N GLU A 11 -11.57 2.59 -10.81
CA GLU A 11 -12.31 2.88 -9.59
C GLU A 11 -12.70 1.60 -8.88
N ARG A 12 -13.04 0.57 -9.65
CA ARG A 12 -13.42 -0.71 -9.08
C ARG A 12 -12.28 -1.30 -8.26
N SER A 13 -11.07 -1.22 -8.78
CA SER A 13 -9.91 -1.76 -8.07
C SER A 13 -9.68 -1.02 -6.75
N ALA A 14 -9.76 0.31 -6.81
CA ALA A 14 -9.55 1.14 -5.62
C ALA A 14 -10.76 1.05 -4.68
N LYS A 15 -11.89 0.63 -5.21
CA LYS A 15 -13.11 0.52 -4.41
C LYS A 15 -12.91 -0.50 -3.29
N ASP A 16 -12.29 -1.63 -3.62
CA ASP A 16 -12.05 -2.67 -2.62
C ASP A 16 -11.21 -2.14 -1.48
N ILE A 17 -10.10 -1.49 -1.80
CA ILE A 17 -9.22 -0.94 -0.79
C ILE A 17 -9.94 0.13 0.03
N THR A 18 -10.87 0.82 -0.59
CA THR A 18 -11.61 1.87 0.11
C THR A 18 -12.43 1.28 1.26
N ASP A 19 -13.16 0.19 0.98
CA ASP A 19 -13.98 -0.46 2.00
C ASP A 19 -13.16 -1.39 2.89
N GLU A 20 -12.00 -1.82 2.39
CA GLU A 20 -11.13 -2.72 3.15
C GLU A 20 -10.79 -2.12 4.51
N ILE A 21 -10.43 -0.84 4.51
CA ILE A 21 -10.07 -0.16 5.76
C ILE A 21 -11.27 -0.14 6.71
N ASN A 22 -12.44 0.17 6.15
CA ASN A 22 -13.66 0.23 6.95
C ASN A 22 -13.99 -1.15 7.52
N LYS A 23 -13.68 -2.19 6.76
CA LYS A 23 -13.97 -3.55 7.20
C LYS A 23 -13.26 -3.87 8.52
N ILE A 24 -11.99 -3.47 8.61
CA ILE A 24 -11.19 -3.69 9.80
C ILE A 24 -11.74 -2.89 10.98
N LYS A 25 -12.13 -1.63 10.71
CA LYS A 25 -12.65 -0.77 11.76
C LYS A 25 -13.76 -1.47 12.53
N LYS A 26 -14.65 -2.12 11.80
CA LYS A 26 -15.75 -2.84 12.43
C LYS A 26 -15.21 -3.98 13.28
N ASP A 27 -14.24 -4.70 12.75
CA ASP A 27 -13.64 -5.81 13.47
C ASP A 27 -12.94 -5.31 14.74
N ALA A 28 -12.20 -4.21 14.61
CA ALA A 28 -11.49 -3.64 15.74
C ALA A 28 -12.48 -3.07 16.76
N ALA A 29 -13.51 -2.38 16.25
CA ALA A 29 -14.51 -1.78 17.13
C ALA A 29 -15.31 -2.87 17.85
N ASP A 30 -15.63 -3.93 17.13
CA ASP A 30 -16.40 -5.03 17.71
C ASP A 30 -15.62 -5.71 18.83
N ASN A 31 -14.30 -5.86 18.61
CA ASN A 31 -13.43 -6.51 19.61
C ASN A 31 -12.87 -5.46 20.58
N ASN A 32 -13.16 -4.19 20.30
CA ASN A 32 -12.69 -3.11 21.17
C ASN A 32 -11.19 -3.20 21.39
N VAL A 33 -10.43 -3.25 20.30
CA VAL A 33 -8.96 -3.35 20.36
C VAL A 33 -8.32 -2.01 20.03
N ASN A 34 -7.30 -1.64 20.79
CA ASN A 34 -6.60 -0.36 20.59
C ASN A 34 -6.26 -0.17 19.11
N PHE A 35 -7.19 0.42 18.37
CA PHE A 35 -6.98 0.66 16.95
C PHE A 35 -5.79 1.59 16.72
N ALA A 36 -5.70 2.64 17.53
CA ALA A 36 -4.61 3.60 17.42
C ALA A 36 -3.25 2.90 17.35
N ALA A 37 -3.24 1.63 17.73
CA ALA A 37 -2.02 0.84 17.70
C ALA A 37 -1.48 0.73 16.28
N PHE A 38 -2.38 0.84 15.29
CA PHE A 38 -1.97 0.74 13.88
C PHE A 38 -0.97 1.84 13.54
N THR A 39 -1.29 3.08 13.89
CA THR A 39 -0.41 4.23 13.59
C THR A 39 0.31 4.67 14.86
N ASP A 40 -0.43 4.77 15.97
CA ASP A 40 0.15 5.19 17.24
C ASP A 40 1.03 6.42 17.06
N SER A 41 2.33 6.26 17.32
CA SER A 41 3.27 7.36 17.17
C SER A 41 3.46 7.70 15.70
N GLU A 42 3.86 8.94 15.42
CA GLU A 42 4.06 9.37 14.04
C GLU A 42 5.06 8.45 13.34
N THR A 43 6.15 8.13 14.04
CA THR A 43 7.18 7.26 13.48
C THR A 43 7.99 6.60 14.60
N GLY A 44 8.25 5.30 14.44
CA GLY A 44 9.02 4.56 15.45
C GLY A 44 8.35 4.64 16.81
N SER A 45 8.94 3.97 17.79
CA SER A 45 8.40 3.98 19.15
C SER A 45 6.93 3.54 19.15
N LYS A 46 6.49 2.96 18.04
CA LYS A 46 5.11 2.51 17.94
C LYS A 46 4.88 1.29 18.83
N VAL A 47 3.76 1.28 19.55
CA VAL A 47 3.40 0.19 20.45
C VAL A 47 2.29 -0.66 19.84
N SER A 48 2.50 -1.98 19.85
CA SER A 48 1.52 -2.89 19.29
C SER A 48 1.82 -4.32 19.76
N GLU A 49 1.51 -4.60 21.01
CA GLU A 49 1.76 -5.92 21.57
C GLU A 49 0.86 -6.96 20.91
N ASN A 50 -0.37 -6.54 20.57
CA ASN A 50 -1.32 -7.44 19.94
C ASN A 50 -0.90 -7.75 18.50
N SER A 51 -0.82 -9.05 18.18
CA SER A 51 -0.43 -9.47 16.85
C SER A 51 -1.53 -9.15 15.82
N PHE A 52 -2.76 -9.02 16.31
CA PHE A 52 -3.88 -8.73 15.43
C PHE A 52 -3.60 -7.44 14.63
N ILE A 53 -2.82 -6.55 15.21
CA ILE A 53 -2.49 -5.29 14.54
C ILE A 53 -1.54 -5.52 13.38
N LEU A 54 -0.36 -6.05 13.68
CA LEU A 54 0.63 -6.30 12.63
C LEU A 54 0.11 -7.33 11.63
N GLU A 55 -0.53 -8.37 12.14
CA GLU A 55 -1.07 -9.42 11.26
C GLU A 55 -2.09 -8.83 10.30
N ALA A 56 -2.95 -7.95 10.83
CA ALA A 56 -3.97 -7.31 10.01
C ALA A 56 -3.32 -6.41 8.96
N LYS A 57 -2.13 -5.92 9.27
CA LYS A 57 -1.41 -5.03 8.37
C LYS A 57 -1.19 -5.74 7.02
N VAL A 58 -0.84 -7.01 7.09
CA VAL A 58 -0.60 -7.78 5.89
C VAL A 58 -1.84 -7.79 5.01
N ARG A 59 -3.00 -7.97 5.64
CA ARG A 59 -4.26 -8.02 4.90
C ARG A 59 -4.47 -6.71 4.14
N ALA A 60 -4.23 -5.60 4.82
CA ALA A 60 -4.41 -4.28 4.20
C ALA A 60 -3.39 -4.08 3.08
N THR A 61 -2.17 -4.54 3.32
CA THR A 61 -1.09 -4.41 2.35
C THR A 61 -1.30 -5.36 1.17
N THR A 62 -2.07 -6.43 1.39
CA THR A 62 -2.31 -7.41 0.34
C THR A 62 -2.97 -6.76 -0.87
N VAL A 63 -4.05 -6.03 -0.62
CA VAL A 63 -4.76 -5.34 -1.70
C VAL A 63 -3.95 -4.15 -2.23
N ALA A 64 -3.32 -3.40 -1.32
CA ALA A 64 -2.53 -2.25 -1.72
C ALA A 64 -1.36 -2.68 -2.59
N GLU A 65 -0.80 -3.84 -2.26
CA GLU A 65 0.33 -4.37 -3.04
C GLU A 65 -0.11 -4.70 -4.46
N LYS A 66 -1.29 -5.31 -4.57
CA LYS A 66 -1.83 -5.67 -5.88
C LYS A 66 -2.11 -4.44 -6.71
N PHE A 67 -2.65 -3.40 -6.07
CA PHE A 67 -2.97 -2.17 -6.78
C PHE A 67 -1.73 -1.60 -7.46
N VAL A 68 -0.64 -1.46 -6.71
CA VAL A 68 0.59 -0.91 -7.27
C VAL A 68 1.17 -1.86 -8.31
N THR A 69 1.20 -3.14 -8.01
CA THR A 69 1.75 -4.13 -8.93
C THR A 69 0.86 -4.21 -10.17
N ALA A 70 -0.43 -3.95 -10.00
CA ALA A 70 -1.36 -4.00 -11.12
C ALA A 70 -1.07 -2.88 -12.13
N ILE A 71 -0.50 -1.78 -11.66
CA ILE A 71 -0.20 -0.65 -12.54
C ILE A 71 0.79 -1.08 -13.63
N GLU A 72 1.81 -1.82 -13.24
CA GLU A 72 2.81 -2.27 -14.19
C GLU A 72 2.17 -3.13 -15.28
N GLY A 73 1.17 -3.94 -14.88
CA GLY A 73 0.49 -4.82 -15.84
C GLY A 73 -0.72 -4.14 -16.47
N GLU A 74 -1.28 -3.14 -15.79
CA GLU A 74 -2.43 -2.42 -16.31
C GLU A 74 -2.04 -1.56 -17.51
N ALA A 75 -0.77 -1.20 -17.59
CA ALA A 75 -0.31 -0.37 -18.70
C ALA A 75 -0.72 -0.98 -20.03
N THR A 76 -0.46 -2.28 -20.20
CA THR A 76 -0.81 -2.99 -21.43
C THR A 76 -0.59 -2.11 -22.66
N LYS A 77 -1.67 -1.55 -23.20
CA LYS A 77 -1.58 -0.67 -24.38
C LYS A 77 -2.58 0.47 -24.24
N LEU A 78 -3.80 0.26 -24.75
CA LEU A 78 -4.85 1.28 -24.69
C LEU A 78 -6.17 0.67 -24.25
N LYS A 79 -6.31 -0.63 -24.44
CA LYS A 79 -7.55 -1.31 -24.08
C LYS A 79 -7.83 -1.16 -22.60
N LYS A 80 -6.80 -1.36 -21.79
CA LYS A 80 -6.94 -1.28 -20.34
C LYS A 80 -6.78 0.17 -19.85
N THR A 81 -5.83 0.89 -20.46
CA THR A 81 -5.58 2.28 -20.06
C THR A 81 -6.63 3.21 -20.66
N GLY A 82 -7.36 2.71 -21.66
CA GLY A 82 -8.40 3.52 -22.31
C GLY A 82 -7.93 4.93 -22.60
N SER A 83 -8.19 5.84 -21.66
CA SER A 83 -7.78 7.23 -21.80
C SER A 83 -6.29 7.37 -21.53
N SER A 84 -5.71 8.45 -22.03
CA SER A 84 -4.27 8.69 -21.83
C SER A 84 -3.98 9.02 -20.36
N GLY A 85 -4.64 10.07 -19.86
CA GLY A 85 -4.45 10.47 -18.47
C GLY A 85 -4.70 9.30 -17.52
N GLU A 86 -5.36 8.26 -18.02
CA GLU A 86 -5.67 7.10 -17.19
C GLU A 86 -4.47 6.65 -16.36
N PHE A 87 -3.39 6.23 -17.02
CA PHE A 87 -2.21 5.79 -16.31
C PHE A 87 -1.65 6.90 -15.45
N SER A 88 -1.82 8.13 -15.92
CA SER A 88 -1.33 9.29 -15.19
C SER A 88 -2.12 9.49 -13.90
N ALA A 89 -3.36 9.00 -13.88
CA ALA A 89 -4.23 9.11 -12.71
C ALA A 89 -3.91 8.04 -11.67
N MET A 90 -3.52 6.86 -12.15
CA MET A 90 -3.20 5.76 -11.23
C MET A 90 -2.19 6.21 -10.19
N TYR A 91 -1.21 7.01 -10.61
CA TYR A 91 -0.21 7.51 -9.69
C TYR A 91 -0.88 8.43 -8.65
N ASN A 92 -1.82 9.24 -9.11
CA ASN A 92 -2.51 10.17 -8.22
C ASN A 92 -3.31 9.39 -7.18
N MET A 93 -3.87 8.24 -7.57
CA MET A 93 -4.66 7.43 -6.66
C MET A 93 -3.83 6.98 -5.46
N MET A 94 -2.79 6.19 -5.72
CA MET A 94 -1.93 5.69 -4.63
C MET A 94 -1.54 6.82 -3.68
N LEU A 95 -1.34 8.01 -4.23
CA LEU A 95 -0.96 9.16 -3.42
C LEU A 95 -2.10 9.50 -2.46
N GLU A 96 -3.32 9.52 -2.97
CA GLU A 96 -4.50 9.83 -2.17
C GLU A 96 -4.80 8.69 -1.20
N VAL A 97 -4.68 7.46 -1.69
CA VAL A 97 -4.96 6.28 -0.86
C VAL A 97 -4.00 6.27 0.33
N SER A 98 -2.98 7.10 0.29
CA SER A 98 -2.02 7.18 1.38
C SER A 98 -2.73 7.49 2.70
N GLY A 99 -3.79 8.30 2.62
CA GLY A 99 -4.55 8.67 3.82
C GLY A 99 -5.17 7.43 4.47
N PRO A 100 -6.14 6.81 3.83
CA PRO A 100 -6.79 5.59 4.37
C PRO A 100 -5.77 4.60 4.96
N LEU A 101 -4.67 4.40 4.24
CA LEU A 101 -3.62 3.49 4.69
C LEU A 101 -2.99 3.99 5.99
N GLU A 102 -2.81 5.31 6.09
CA GLU A 102 -2.20 5.90 7.28
C GLU A 102 -2.91 5.41 8.53
N GLU A 103 -4.21 5.22 8.42
CA GLU A 103 -5.02 4.76 9.54
C GLU A 103 -4.61 3.35 9.91
N LEU A 104 -4.34 2.53 8.89
CA LEU A 104 -3.94 1.13 9.09
C LEU A 104 -2.41 1.02 9.12
N GLY A 105 -1.75 2.16 9.27
CA GLY A 105 -0.30 2.20 9.32
C GLY A 105 0.31 1.81 7.98
N VAL A 106 1.39 2.49 7.61
CA VAL A 106 2.06 2.20 6.35
C VAL A 106 3.38 2.98 6.27
N LEU A 107 4.30 2.50 5.44
CA LEU A 107 5.58 3.18 5.29
C LEU A 107 5.39 4.53 4.61
N ARG A 108 6.07 5.55 5.13
CA ARG A 108 5.97 6.90 4.58
C ARG A 108 6.84 7.04 3.34
N MET A 109 7.04 5.93 2.64
CA MET A 109 7.86 5.93 1.42
C MET A 109 7.19 6.77 0.33
N THR A 110 6.06 7.39 0.66
CA THR A 110 5.34 8.20 -0.30
C THR A 110 6.19 9.40 -0.74
N LYS A 111 7.05 9.86 0.17
CA LYS A 111 7.91 11.00 -0.13
C LYS A 111 8.91 10.63 -1.22
N THR A 112 9.47 9.43 -1.13
CA THR A 112 10.44 8.97 -2.11
C THR A 112 9.80 8.87 -3.49
N VAL A 113 8.61 8.29 -3.54
CA VAL A 113 7.90 8.12 -4.80
C VAL A 113 7.56 9.49 -5.38
N THR A 114 7.08 10.39 -4.53
CA THR A 114 6.70 11.72 -4.97
C THR A 114 7.92 12.46 -5.54
N ASP A 115 9.07 12.28 -4.91
CA ASP A 115 10.29 12.94 -5.36
C ASP A 115 10.63 12.51 -6.79
N ALA A 116 10.06 11.39 -7.22
CA ALA A 116 10.31 10.90 -8.58
C ALA A 116 9.80 11.89 -9.61
N ALA A 117 8.79 12.67 -9.24
CA ALA A 117 8.22 13.65 -10.14
C ALA A 117 9.24 14.72 -10.51
N GLU A 118 10.23 14.92 -9.64
CA GLU A 118 11.26 15.92 -9.88
C GLU A 118 12.06 15.58 -11.14
N GLN A 119 12.73 14.43 -11.12
CA GLN A 119 13.52 13.98 -12.27
C GLN A 119 12.65 13.24 -13.27
N HIS A 120 12.14 12.09 -12.86
CA HIS A 120 11.31 11.27 -13.73
C HIS A 120 9.97 11.96 -14.00
N PRO A 121 9.34 11.73 -15.14
CA PRO A 121 8.01 12.34 -15.45
C PRO A 121 6.97 11.93 -14.41
N THR A 122 5.69 12.08 -14.75
CA THR A 122 4.60 11.73 -13.84
C THR A 122 4.00 10.39 -14.21
N THR A 123 4.78 9.32 -14.07
CA THR A 123 4.30 7.98 -14.38
C THR A 123 3.53 7.96 -15.71
N THR A 124 4.28 8.14 -16.79
CA THR A 124 3.71 8.10 -18.15
C THR A 124 4.00 6.75 -18.75
N ALA A 125 3.64 6.55 -20.03
CA ALA A 125 3.86 5.25 -20.69
C ALA A 125 5.20 4.62 -20.28
N GLU A 126 6.30 5.27 -20.61
CA GLU A 126 7.63 4.76 -20.25
C GLU A 126 7.95 5.10 -18.78
N GLY A 127 7.34 6.16 -18.27
CA GLY A 127 7.59 6.61 -16.89
C GLY A 127 7.09 5.60 -15.87
N ILE A 128 5.98 4.93 -16.18
CA ILE A 128 5.42 3.95 -15.24
C ILE A 128 6.46 2.86 -14.96
N LEU A 129 7.01 2.27 -16.02
CA LEU A 129 7.98 1.20 -15.85
C LEU A 129 9.24 1.72 -15.12
N GLU A 130 9.70 2.90 -15.49
CA GLU A 130 10.88 3.49 -14.85
C GLU A 130 10.60 3.84 -13.39
N ILE A 131 9.58 4.65 -13.16
CA ILE A 131 9.22 5.06 -11.80
C ILE A 131 8.69 3.89 -10.99
N ALA A 132 8.18 2.86 -11.67
CA ALA A 132 7.65 1.69 -10.97
C ALA A 132 8.73 1.06 -10.11
N LYS A 133 9.99 1.29 -10.48
CA LYS A 133 11.09 0.72 -9.73
C LYS A 133 11.08 1.24 -8.30
N ILE A 134 10.84 2.55 -8.15
CA ILE A 134 10.80 3.15 -6.83
C ILE A 134 9.60 2.63 -6.05
N MET A 135 8.44 2.58 -6.72
CA MET A 135 7.23 2.10 -6.07
C MET A 135 7.33 0.61 -5.76
N LYS A 136 7.96 -0.13 -6.66
CA LYS A 136 8.12 -1.57 -6.46
C LYS A 136 9.12 -1.85 -5.34
N THR A 137 10.04 -0.91 -5.12
CA THR A 137 11.05 -1.07 -4.08
C THR A 137 10.41 -1.18 -2.69
N LYS A 138 9.46 -0.30 -2.41
CA LYS A 138 8.79 -0.30 -1.11
C LYS A 138 7.81 -1.46 -0.97
N LEU A 139 7.34 -1.98 -2.10
CA LEU A 139 6.38 -3.09 -2.06
C LEU A 139 6.93 -4.26 -1.26
N GLN A 140 8.21 -4.54 -1.43
CA GLN A 140 8.84 -5.66 -0.72
C GLN A 140 9.26 -5.24 0.69
N ARG A 141 9.66 -3.99 0.85
CA ARG A 141 10.09 -3.49 2.15
C ARG A 141 8.96 -3.57 3.17
N VAL A 142 7.76 -3.15 2.77
CA VAL A 142 6.62 -3.19 3.67
C VAL A 142 6.23 -4.64 3.95
N HIS A 143 6.29 -5.48 2.92
CA HIS A 143 5.92 -6.88 3.07
C HIS A 143 6.85 -7.57 4.06
N THR A 144 8.14 -7.39 3.84
CA THR A 144 9.14 -8.00 4.69
C THR A 144 9.02 -7.47 6.11
N LYS A 145 8.82 -6.17 6.23
CA LYS A 145 8.70 -5.54 7.55
C LYS A 145 7.57 -6.20 8.35
N ASN A 146 6.41 -6.33 7.72
CA ASN A 146 5.27 -6.95 8.39
C ASN A 146 5.55 -8.42 8.68
N TYR A 147 6.04 -9.13 7.67
CA TYR A 147 6.36 -10.55 7.81
C TYR A 147 7.45 -10.75 8.84
N CYS A 148 8.22 -9.71 9.10
CA CYS A 148 9.31 -9.80 10.07
C CYS A 148 8.78 -10.26 11.43
N ALA A 149 7.57 -9.85 11.77
CA ALA A 149 6.95 -10.21 13.05
C ALA A 149 6.32 -11.59 13.01
N LEU A 150 5.76 -11.95 11.87
CA LEU A 150 5.10 -13.25 11.73
C LEU A 150 6.02 -14.41 12.13
N GLU A 151 7.14 -14.53 11.43
CA GLU A 151 8.07 -15.61 11.72
C GLU A 151 8.66 -15.45 13.12
N LYS A 152 8.82 -14.21 13.55
CA LYS A 152 9.39 -13.93 14.87
C LYS A 152 8.57 -14.59 15.97
N LYS A 153 7.26 -14.62 15.79
CA LYS A 153 6.37 -15.23 16.77
C LYS A 153 6.79 -16.68 17.02
N LYS A 154 7.41 -17.31 16.02
CA LYS A 154 7.87 -18.70 16.12
C LYS A 154 9.35 -18.77 16.48
N ASN A 155 9.98 -17.62 16.64
CA ASN A 155 11.40 -17.57 16.98
C ASN A 155 11.83 -16.12 17.27
N PRO A 156 11.72 -15.66 18.49
CA PRO A 156 12.12 -14.27 18.87
C PRO A 156 13.55 -13.93 18.41
N ASN A 157 14.37 -14.97 18.22
CA ASN A 157 15.75 -14.79 17.81
C ASN A 157 15.85 -14.63 16.29
N PHE A 158 14.73 -14.30 15.64
CA PHE A 158 14.71 -14.10 14.19
C PHE A 158 14.86 -12.62 13.86
N THR A 159 15.88 -12.30 13.05
CA THR A 159 16.12 -10.92 12.64
C THR A 159 16.76 -10.90 11.26
N ASP A 160 15.94 -10.68 10.24
CA ASP A 160 16.43 -10.62 8.87
C ASP A 160 17.20 -9.33 8.62
N GLU A 161 18.14 -9.35 7.69
CA GLU A 161 18.95 -8.17 7.39
C GLU A 161 18.06 -7.04 6.89
N LYS A 162 17.13 -7.36 6.00
CA LYS A 162 16.22 -6.36 5.46
C LYS A 162 15.28 -5.84 6.53
N CYS A 163 15.19 -6.58 7.63
CA CYS A 163 14.34 -6.19 8.76
C CYS A 163 15.15 -5.42 9.79
N LYS A 164 14.61 -4.28 10.21
CA LYS A 164 15.27 -3.43 11.21
C LYS A 164 14.82 -3.80 12.61
N ASN A 165 15.77 -3.97 13.51
CA ASN A 165 15.46 -4.33 14.90
C ASN A 165 14.84 -3.15 15.63
N ASN A 166 13.59 -3.31 16.05
CA ASN A 166 12.90 -2.24 16.76
C ASN A 166 13.60 -1.95 18.09
N GLY A 1 -14.89 10.05 -24.25
CA GLY A 1 -15.98 9.32 -23.54
C GLY A 1 -15.82 7.83 -23.74
N LEU A 2 -15.61 7.10 -22.64
CA LEU A 2 -15.44 5.64 -22.69
C LEU A 2 -16.61 4.97 -22.00
N LYS A 3 -16.95 3.78 -22.47
CA LYS A 3 -18.08 3.00 -21.93
C LYS A 3 -17.60 1.63 -21.48
N GLY A 4 -18.38 1.01 -20.59
CA GLY A 4 -18.03 -0.32 -20.06
C GLY A 4 -17.33 -0.18 -18.72
N GLU A 5 -16.93 -1.32 -18.16
CA GLU A 5 -16.24 -1.32 -16.87
C GLU A 5 -14.90 -0.59 -16.98
N THR A 6 -14.29 -0.63 -18.16
CA THR A 6 -13.00 0.03 -18.36
C THR A 6 -13.00 1.47 -17.81
N LYS A 7 -14.19 2.07 -17.69
CA LYS A 7 -14.30 3.43 -17.18
C LYS A 7 -14.18 3.45 -15.65
N ILE A 8 -15.03 2.66 -14.99
CA ILE A 8 -15.04 2.59 -13.52
C ILE A 8 -13.96 1.65 -12.99
N ILE A 9 -13.38 0.83 -13.87
CA ILE A 9 -12.34 -0.14 -13.47
C ILE A 9 -11.35 0.49 -12.49
N LEU A 10 -10.92 1.72 -12.80
CA LEU A 10 -9.99 2.42 -11.94
C LEU A 10 -10.62 2.74 -10.59
N GLU A 11 -11.85 3.23 -10.64
CA GLU A 11 -12.58 3.60 -9.43
C GLU A 11 -12.89 2.37 -8.59
N ARG A 12 -13.16 1.26 -9.26
CA ARG A 12 -13.48 0.02 -8.56
C ARG A 12 -12.32 -0.42 -7.67
N SER A 13 -11.10 -0.33 -8.20
CA SER A 13 -9.92 -0.71 -7.44
C SER A 13 -9.76 0.17 -6.20
N ALA A 14 -9.96 1.47 -6.38
CA ALA A 14 -9.84 2.42 -5.28
C ALA A 14 -10.92 2.20 -4.24
N LYS A 15 -12.15 1.94 -4.71
CA LYS A 15 -13.27 1.71 -3.80
C LYS A 15 -13.06 0.44 -2.99
N ASP A 16 -12.56 -0.62 -3.63
CA ASP A 16 -12.33 -1.87 -2.93
C ASP A 16 -11.31 -1.68 -1.80
N ILE A 17 -10.21 -1.02 -2.11
CA ILE A 17 -9.17 -0.78 -1.11
C ILE A 17 -9.69 0.16 -0.02
N THR A 18 -10.37 1.22 -0.43
CA THR A 18 -10.90 2.18 0.52
C THR A 18 -11.93 1.52 1.43
N ASP A 19 -12.84 0.75 0.82
CA ASP A 19 -13.89 0.07 1.58
C ASP A 19 -13.29 -1.01 2.49
N GLU A 20 -12.15 -1.57 2.09
CA GLU A 20 -11.49 -2.61 2.87
C GLU A 20 -11.06 -2.08 4.24
N ILE A 21 -10.62 -0.83 4.28
CA ILE A 21 -10.18 -0.24 5.55
C ILE A 21 -11.30 -0.30 6.58
N ASN A 22 -12.51 0.00 6.14
CA ASN A 22 -13.67 -0.03 7.02
C ASN A 22 -13.88 -1.43 7.58
N LYS A 23 -13.66 -2.45 6.74
CA LYS A 23 -13.85 -3.83 7.16
C LYS A 23 -12.94 -4.16 8.35
N ILE A 24 -11.70 -3.70 8.28
CA ILE A 24 -10.75 -3.94 9.36
C ILE A 24 -11.21 -3.27 10.64
N LYS A 25 -11.69 -2.03 10.52
CA LYS A 25 -12.16 -1.29 11.69
C LYS A 25 -13.35 -2.01 12.35
N LYS A 26 -14.27 -2.50 11.53
CA LYS A 26 -15.42 -3.21 12.06
C LYS A 26 -14.95 -4.47 12.79
N ASP A 27 -14.02 -5.20 12.17
CA ASP A 27 -13.49 -6.41 12.77
C ASP A 27 -12.66 -6.08 14.00
N ALA A 28 -11.87 -5.00 13.92
CA ALA A 28 -11.02 -4.59 15.02
C ALA A 28 -11.88 -4.16 16.22
N ALA A 29 -12.94 -3.41 15.94
CA ALA A 29 -13.82 -2.93 16.98
C ALA A 29 -14.60 -4.10 17.62
N ASP A 30 -14.96 -5.07 16.79
CA ASP A 30 -15.70 -6.23 17.27
C ASP A 30 -14.88 -7.00 18.29
N ASN A 31 -13.57 -7.07 18.07
CA ASN A 31 -12.67 -7.79 18.97
C ASN A 31 -12.25 -6.89 20.13
N ASN A 32 -12.73 -5.65 20.11
CA ASN A 32 -12.41 -4.69 21.17
C ASN A 32 -10.90 -4.57 21.35
N VAL A 33 -10.19 -4.31 20.25
CA VAL A 33 -8.73 -4.17 20.27
C VAL A 33 -8.31 -2.74 19.93
N ASN A 34 -7.13 -2.35 20.41
CA ASN A 34 -6.62 -1.01 20.16
C ASN A 34 -6.33 -0.82 18.68
N PHE A 35 -7.25 -0.16 17.98
CA PHE A 35 -7.08 0.10 16.56
C PHE A 35 -5.85 0.98 16.31
N ALA A 36 -5.71 2.03 17.12
CA ALA A 36 -4.58 2.94 16.97
C ALA A 36 -3.25 2.19 17.06
N ALA A 37 -3.32 0.92 17.42
CA ALA A 37 -2.12 0.10 17.55
C ALA A 37 -1.34 0.09 16.23
N PHE A 38 -2.05 0.25 15.12
CA PHE A 38 -1.39 0.25 13.82
C PHE A 38 -0.38 1.41 13.75
N THR A 39 -0.79 2.56 14.25
CA THR A 39 0.09 3.74 14.25
C THR A 39 1.10 3.65 15.39
N ASP A 40 0.78 2.84 16.39
CA ASP A 40 1.67 2.68 17.54
C ASP A 40 2.96 1.99 17.11
N SER A 41 4.07 2.38 17.75
CA SER A 41 5.37 1.80 17.44
C SER A 41 6.31 1.93 18.62
N GLU A 42 6.33 0.91 19.48
CA GLU A 42 7.20 0.92 20.65
C GLU A 42 7.22 -0.46 21.29
N THR A 43 8.31 -0.76 22.01
CA THR A 43 8.45 -2.05 22.68
C THR A 43 7.87 -2.00 24.08
N GLY A 44 7.11 -0.94 24.37
CA GLY A 44 6.49 -0.78 25.68
C GLY A 44 5.51 0.39 25.68
N SER A 45 4.78 0.54 26.78
CA SER A 45 3.81 1.62 26.90
C SER A 45 2.83 1.62 25.71
N LYS A 46 1.66 1.05 25.94
CA LYS A 46 0.63 0.97 24.89
C LYS A 46 1.22 0.34 23.63
N VAL A 47 1.10 -0.97 23.51
CA VAL A 47 1.63 -1.70 22.34
C VAL A 47 0.66 -2.81 21.93
N SER A 48 0.75 -3.21 20.67
CA SER A 48 -0.12 -4.27 20.15
C SER A 48 0.00 -5.53 20.98
N GLU A 49 1.17 -6.16 20.93
CA GLU A 49 1.43 -7.39 21.67
C GLU A 49 0.48 -8.49 21.18
N ASN A 50 0.19 -8.49 19.88
CA ASN A 50 -0.71 -9.49 19.30
C ASN A 50 -0.45 -9.65 17.80
N SER A 51 -0.62 -10.88 17.30
CA SER A 51 -0.42 -11.15 15.88
C SER A 51 -1.53 -10.52 15.05
N PHE A 52 -2.65 -10.18 15.69
CA PHE A 52 -3.77 -9.58 14.98
C PHE A 52 -3.34 -8.28 14.29
N ILE A 53 -2.74 -7.37 15.04
CA ILE A 53 -2.30 -6.10 14.49
C ILE A 53 -1.23 -6.32 13.42
N LEU A 54 -0.23 -7.12 13.76
CA LEU A 54 0.86 -7.38 12.85
C LEU A 54 0.39 -8.14 11.60
N GLU A 55 -0.45 -9.15 11.82
CA GLU A 55 -0.98 -9.94 10.72
C GLU A 55 -1.98 -9.13 9.90
N ALA A 56 -2.83 -8.37 10.59
CA ALA A 56 -3.83 -7.55 9.92
C ALA A 56 -3.17 -6.49 9.06
N LYS A 57 -2.03 -5.99 9.54
CA LYS A 57 -1.30 -4.97 8.80
C LYS A 57 -0.90 -5.51 7.43
N VAL A 58 -0.50 -6.77 7.39
CA VAL A 58 -0.11 -7.39 6.13
C VAL A 58 -1.29 -7.41 5.17
N ARG A 59 -2.47 -7.75 5.70
CA ARG A 59 -3.66 -7.81 4.86
C ARG A 59 -3.89 -6.47 4.19
N ALA A 60 -3.55 -5.39 4.90
CA ALA A 60 -3.69 -4.05 4.34
C ALA A 60 -2.73 -3.86 3.17
N THR A 61 -1.53 -4.42 3.30
CA THR A 61 -0.50 -4.31 2.26
C THR A 61 -0.79 -5.23 1.07
N THR A 62 -1.39 -6.40 1.34
CA THR A 62 -1.67 -7.36 0.27
C THR A 62 -2.55 -6.74 -0.80
N VAL A 63 -3.67 -6.15 -0.41
CA VAL A 63 -4.58 -5.55 -1.37
C VAL A 63 -3.91 -4.32 -2.01
N ALA A 64 -3.22 -3.53 -1.18
CA ALA A 64 -2.55 -2.33 -1.65
C ALA A 64 -1.46 -2.69 -2.66
N GLU A 65 -0.79 -3.82 -2.42
CA GLU A 65 0.26 -4.28 -3.32
C GLU A 65 -0.30 -4.51 -4.72
N LYS A 66 -1.55 -4.93 -4.78
CA LYS A 66 -2.19 -5.19 -6.06
C LYS A 66 -2.25 -3.92 -6.89
N PHE A 67 -2.58 -2.80 -6.25
CA PHE A 67 -2.70 -1.54 -6.98
C PHE A 67 -1.36 -1.16 -7.63
N VAL A 68 -0.29 -1.20 -6.84
CA VAL A 68 1.02 -0.84 -7.38
C VAL A 68 1.47 -1.84 -8.43
N THR A 69 1.32 -3.12 -8.12
CA THR A 69 1.69 -4.17 -9.06
C THR A 69 0.76 -4.14 -10.28
N ALA A 70 -0.50 -3.81 -10.05
CA ALA A 70 -1.47 -3.73 -11.15
C ALA A 70 -1.09 -2.61 -12.12
N ILE A 71 -0.55 -1.51 -11.60
CA ILE A 71 -0.17 -0.38 -12.46
C ILE A 71 0.85 -0.85 -13.49
N GLU A 72 1.85 -1.61 -13.05
CA GLU A 72 2.87 -2.10 -13.96
C GLU A 72 2.25 -3.00 -15.04
N GLY A 73 1.12 -3.63 -14.70
CA GLY A 73 0.44 -4.52 -15.64
C GLY A 73 -0.58 -3.76 -16.50
N GLU A 74 -1.33 -2.85 -15.88
CA GLU A 74 -2.33 -2.09 -16.61
C GLU A 74 -1.69 -1.17 -17.65
N ALA A 75 -0.53 -0.63 -17.31
CA ALA A 75 0.19 0.27 -18.22
C ALA A 75 0.36 -0.40 -19.59
N THR A 76 0.12 -1.72 -19.64
CA THR A 76 0.26 -2.49 -20.89
C THR A 76 -0.53 -1.86 -22.05
N LYS A 77 -0.98 -2.68 -22.98
CA LYS A 77 -1.73 -2.17 -24.14
C LYS A 77 -2.88 -1.27 -23.68
N LEU A 78 -3.34 -0.40 -24.57
CA LEU A 78 -4.42 0.51 -24.25
C LEU A 78 -5.64 -0.27 -23.79
N LYS A 79 -5.61 -1.58 -23.99
CA LYS A 79 -6.72 -2.44 -23.58
C LYS A 79 -7.19 -2.08 -22.16
N LYS A 80 -6.24 -1.93 -21.26
CA LYS A 80 -6.55 -1.60 -19.86
C LYS A 80 -6.75 -0.10 -19.70
N THR A 81 -5.79 0.66 -20.21
CA THR A 81 -5.81 2.12 -20.11
C THR A 81 -6.72 2.74 -21.17
N GLY A 82 -7.91 2.13 -21.36
CA GLY A 82 -8.90 2.60 -22.35
C GLY A 82 -8.70 4.07 -22.75
N SER A 83 -9.00 4.99 -21.83
CA SER A 83 -8.80 6.42 -22.10
C SER A 83 -7.34 6.78 -21.86
N SER A 84 -6.88 7.89 -22.42
CA SER A 84 -5.50 8.31 -22.24
C SER A 84 -5.23 8.71 -20.80
N GLY A 85 -6.00 9.66 -20.31
CA GLY A 85 -5.85 10.15 -18.95
C GLY A 85 -5.89 9.01 -17.94
N GLU A 86 -6.43 7.86 -18.36
CA GLU A 86 -6.54 6.71 -17.48
C GLU A 86 -5.24 6.44 -16.71
N PHE A 87 -4.18 6.11 -17.45
CA PHE A 87 -2.90 5.80 -16.81
C PHE A 87 -2.32 7.03 -16.10
N SER A 88 -2.48 8.20 -16.73
CA SER A 88 -1.98 9.44 -16.14
C SER A 88 -2.65 9.69 -14.79
N ALA A 89 -3.96 9.46 -14.74
CA ALA A 89 -4.73 9.66 -13.51
C ALA A 89 -4.61 8.44 -12.59
N MET A 90 -4.22 7.30 -13.15
CA MET A 90 -4.08 6.08 -12.35
C MET A 90 -3.07 6.29 -11.24
N TYR A 91 -1.93 6.88 -11.59
CA TYR A 91 -0.90 7.15 -10.60
C TYR A 91 -1.37 8.21 -9.60
N ASN A 92 -2.16 9.16 -10.05
CA ASN A 92 -2.66 10.22 -9.17
C ASN A 92 -3.45 9.60 -8.00
N MET A 93 -4.25 8.59 -8.31
CA MET A 93 -5.06 7.92 -7.28
C MET A 93 -4.16 7.25 -6.24
N MET A 94 -3.10 6.62 -6.71
CA MET A 94 -2.17 5.95 -5.81
C MET A 94 -1.64 6.92 -4.77
N LEU A 95 -1.36 8.14 -5.20
CA LEU A 95 -0.88 9.14 -4.27
C LEU A 95 -1.93 9.40 -3.20
N GLU A 96 -3.19 9.47 -3.61
CA GLU A 96 -4.29 9.71 -2.68
C GLU A 96 -4.49 8.51 -1.74
N VAL A 97 -4.33 7.30 -2.26
CA VAL A 97 -4.50 6.10 -1.44
C VAL A 97 -3.51 6.13 -0.27
N SER A 98 -2.49 6.98 -0.37
CA SER A 98 -1.50 7.08 0.69
C SER A 98 -2.16 7.49 2.01
N GLY A 99 -3.32 8.13 1.92
CA GLY A 99 -4.05 8.58 3.11
C GLY A 99 -4.70 7.40 3.83
N PRO A 100 -5.70 6.79 3.23
CA PRO A 100 -6.41 5.62 3.83
C PRO A 100 -5.43 4.63 4.49
N LEU A 101 -4.32 4.39 3.81
CA LEU A 101 -3.31 3.47 4.33
C LEU A 101 -2.73 3.99 5.63
N GLU A 102 -2.54 5.30 5.70
CA GLU A 102 -1.96 5.91 6.91
C GLU A 102 -2.80 5.55 8.13
N GLU A 103 -4.12 5.50 7.95
CA GLU A 103 -5.03 5.18 9.04
C GLU A 103 -4.75 3.78 9.58
N LEU A 104 -4.49 2.84 8.66
CA LEU A 104 -4.20 1.45 9.03
C LEU A 104 -2.70 1.29 9.30
N GLY A 105 -2.02 2.42 9.50
CA GLY A 105 -0.57 2.42 9.76
C GLY A 105 0.21 2.55 8.47
N VAL A 106 0.97 1.50 8.13
CA VAL A 106 1.78 1.51 6.92
C VAL A 106 2.79 2.66 6.95
N LEU A 107 4.03 2.36 6.59
CA LEU A 107 5.07 3.38 6.59
C LEU A 107 4.81 4.40 5.49
N ARG A 108 5.04 5.68 5.81
CA ARG A 108 4.82 6.76 4.85
C ARG A 108 6.14 7.09 4.15
N MET A 109 6.13 7.02 2.82
CA MET A 109 7.34 7.31 2.04
C MET A 109 6.95 7.86 0.67
N THR A 110 5.69 8.26 0.53
CA THR A 110 5.19 8.82 -0.72
C THR A 110 6.14 9.90 -1.25
N LYS A 111 6.98 10.40 -0.35
CA LYS A 111 7.93 11.45 -0.71
C LYS A 111 8.91 10.91 -1.75
N THR A 112 9.37 9.69 -1.53
CA THR A 112 10.32 9.08 -2.45
C THR A 112 9.71 8.90 -3.83
N VAL A 113 8.50 8.35 -3.87
CA VAL A 113 7.81 8.14 -5.13
C VAL A 113 7.47 9.47 -5.79
N THR A 114 6.94 10.40 -4.98
CA THR A 114 6.58 11.73 -5.48
C THR A 114 7.81 12.46 -6.00
N ASP A 115 8.91 12.33 -5.28
CA ASP A 115 10.15 12.99 -5.67
C ASP A 115 10.54 12.59 -7.10
N ALA A 116 10.17 11.37 -7.47
CA ALA A 116 10.49 10.87 -8.81
C ALA A 116 9.89 11.81 -9.86
N ALA A 117 8.71 12.34 -9.57
CA ALA A 117 8.03 13.24 -10.50
C ALA A 117 8.91 14.45 -10.83
N GLU A 118 9.74 14.86 -9.87
CA GLU A 118 10.61 16.00 -10.08
C GLU A 118 11.54 15.76 -11.26
N GLN A 119 12.37 14.71 -11.15
CA GLN A 119 13.32 14.36 -12.21
C GLN A 119 12.64 13.51 -13.27
N HIS A 120 12.16 12.34 -12.86
CA HIS A 120 11.49 11.41 -13.78
C HIS A 120 10.10 11.92 -14.15
N PRO A 121 9.61 11.64 -15.33
CA PRO A 121 8.25 12.08 -15.75
C PRO A 121 7.20 11.43 -14.84
N THR A 122 6.42 12.26 -14.14
CA THR A 122 5.36 11.78 -13.21
C THR A 122 5.18 10.26 -13.24
N THR A 123 4.75 9.77 -14.39
CA THR A 123 4.58 8.33 -14.59
C THR A 123 4.43 8.05 -16.08
N THR A 124 3.61 8.84 -16.75
CA THR A 124 3.40 8.68 -18.18
C THR A 124 3.26 7.19 -18.55
N ALA A 125 3.48 6.86 -19.80
CA ALA A 125 3.41 5.46 -20.22
C ALA A 125 4.70 4.74 -19.86
N GLU A 126 5.83 5.25 -20.37
CA GLU A 126 7.14 4.66 -20.10
C GLU A 126 7.63 4.95 -18.67
N GLY A 127 7.33 6.15 -18.17
CA GLY A 127 7.77 6.52 -16.82
C GLY A 127 7.31 5.47 -15.81
N ILE A 128 6.10 4.96 -15.98
CA ILE A 128 5.60 3.94 -15.06
C ILE A 128 6.50 2.72 -15.09
N LEU A 129 6.91 2.30 -16.27
CA LEU A 129 7.76 1.12 -16.39
C LEU A 129 9.09 1.33 -15.67
N GLU A 130 9.66 2.53 -15.78
CA GLU A 130 10.94 2.85 -15.14
C GLU A 130 10.75 3.26 -13.67
N ILE A 131 9.93 4.27 -13.45
CA ILE A 131 9.66 4.77 -12.09
C ILE A 131 9.13 3.65 -11.19
N ALA A 132 8.57 2.62 -11.80
CA ALA A 132 8.02 1.50 -11.04
C ALA A 132 9.10 0.89 -10.15
N LYS A 133 10.34 1.09 -10.52
CA LYS A 133 11.45 0.55 -9.74
C LYS A 133 11.40 1.13 -8.33
N ILE A 134 11.13 2.42 -8.23
CA ILE A 134 11.04 3.09 -6.94
C ILE A 134 9.80 2.61 -6.19
N MET A 135 8.71 2.43 -6.92
CA MET A 135 7.45 2.00 -6.32
C MET A 135 7.62 0.64 -5.63
N LYS A 136 8.35 -0.27 -6.28
CA LYS A 136 8.58 -1.61 -5.72
C LYS A 136 9.28 -1.52 -4.38
N THR A 137 10.13 -0.51 -4.22
CA THR A 137 10.85 -0.34 -2.97
C THR A 137 9.88 -0.34 -1.79
N LYS A 138 8.75 0.33 -1.97
CA LYS A 138 7.73 0.39 -0.93
C LYS A 138 7.16 -1.00 -0.64
N LEU A 139 6.95 -1.78 -1.69
CA LEU A 139 6.38 -3.13 -1.54
C LEU A 139 7.29 -4.00 -0.67
N GLN A 140 8.60 -3.77 -0.77
CA GLN A 140 9.57 -4.55 0.00
C GLN A 140 9.68 -4.02 1.43
N ARG A 141 9.95 -2.72 1.56
CA ARG A 141 10.11 -2.12 2.89
C ARG A 141 8.84 -2.25 3.73
N VAL A 142 7.69 -2.04 3.11
CA VAL A 142 6.43 -2.13 3.85
C VAL A 142 6.24 -3.55 4.41
N HIS A 143 6.48 -4.55 3.57
CA HIS A 143 6.33 -5.94 3.97
C HIS A 143 7.49 -6.37 4.89
N THR A 144 8.66 -5.78 4.68
CA THR A 144 9.82 -6.15 5.48
C THR A 144 9.55 -5.91 6.96
N LYS A 145 9.08 -4.71 7.30
CA LYS A 145 8.79 -4.38 8.69
C LYS A 145 7.66 -5.24 9.21
N ASN A 146 6.58 -5.34 8.45
CA ASN A 146 5.42 -6.11 8.88
C ASN A 146 5.79 -7.58 9.03
N TYR A 147 6.51 -8.12 8.05
CA TYR A 147 6.92 -9.52 8.10
C TYR A 147 7.93 -9.75 9.22
N CYS A 148 8.86 -8.81 9.38
CA CYS A 148 9.87 -8.95 10.42
C CYS A 148 9.21 -9.17 11.78
N ALA A 149 8.18 -8.37 12.09
CA ALA A 149 7.47 -8.49 13.36
C ALA A 149 6.40 -9.58 13.32
N LEU A 150 6.07 -10.06 12.12
CA LEU A 150 5.03 -11.09 12.00
C LEU A 150 5.46 -12.41 12.63
N GLU A 151 6.37 -13.11 11.98
CA GLU A 151 6.83 -14.40 12.49
C GLU A 151 7.46 -14.25 13.87
N LYS A 152 7.86 -13.02 14.20
CA LYS A 152 8.46 -12.73 15.49
C LYS A 152 7.49 -13.02 16.62
N LYS A 153 6.22 -12.74 16.38
CA LYS A 153 5.20 -12.95 17.40
C LYS A 153 5.19 -14.43 17.80
N LYS A 154 5.43 -15.31 16.83
CA LYS A 154 5.46 -16.74 17.11
C LYS A 154 6.58 -17.08 18.09
N ASN A 155 7.78 -16.53 17.85
CA ASN A 155 8.93 -16.78 18.74
C ASN A 155 10.02 -15.72 18.50
N PRO A 156 10.76 -15.33 19.54
CA PRO A 156 11.85 -14.31 19.40
C PRO A 156 13.06 -14.86 18.65
N ASN A 157 13.14 -16.18 18.55
CA ASN A 157 14.26 -16.83 17.86
C ASN A 157 14.20 -16.56 16.36
N PHE A 158 13.16 -15.86 15.93
CA PHE A 158 13.00 -15.54 14.51
C PHE A 158 13.98 -14.46 14.10
N THR A 159 15.03 -14.86 13.38
CA THR A 159 16.04 -13.91 12.91
C THR A 159 15.67 -13.39 11.53
N ASP A 160 16.30 -12.29 11.12
CA ASP A 160 16.03 -11.71 9.81
C ASP A 160 17.15 -10.73 9.42
N GLU A 161 17.85 -11.06 8.34
CA GLU A 161 18.94 -10.21 7.88
C GLU A 161 18.41 -8.86 7.39
N LYS A 162 17.21 -8.87 6.82
CA LYS A 162 16.61 -7.65 6.30
C LYS A 162 16.42 -6.63 7.43
N CYS A 163 15.97 -7.10 8.59
CA CYS A 163 15.74 -6.23 9.75
C CYS A 163 16.88 -6.38 10.74
N LYS A 164 17.30 -5.26 11.32
CA LYS A 164 18.38 -5.27 12.29
C LYS A 164 17.98 -6.04 13.54
N ASN A 165 18.96 -6.64 14.20
CA ASN A 165 18.69 -7.41 15.41
C ASN A 165 18.27 -6.49 16.55
N ASN A 166 17.02 -6.62 16.99
CA ASN A 166 16.53 -5.80 18.08
C ASN A 166 17.36 -6.00 19.34
N GLY A 1 -14.00 9.45 -23.02
CA GLY A 1 -13.59 8.58 -24.15
C GLY A 1 -13.66 7.12 -23.73
N LEU A 2 -14.03 6.89 -22.46
CA LEU A 2 -14.13 5.53 -21.92
C LEU A 2 -15.58 5.07 -21.96
N LYS A 3 -15.78 3.78 -22.24
CA LYS A 3 -17.12 3.19 -22.32
C LYS A 3 -17.18 1.90 -21.51
N GLY A 4 -18.34 1.67 -20.88
CA GLY A 4 -18.53 0.48 -20.07
C GLY A 4 -17.78 0.61 -18.74
N GLU A 5 -17.30 -0.52 -18.24
CA GLU A 5 -16.56 -0.52 -16.98
C GLU A 5 -15.23 0.22 -17.13
N THR A 6 -14.63 0.13 -18.31
CA THR A 6 -13.34 0.80 -18.57
C THR A 6 -13.29 2.19 -17.96
N LYS A 7 -14.46 2.80 -17.77
CA LYS A 7 -14.54 4.14 -17.19
C LYS A 7 -14.40 4.11 -15.67
N ILE A 8 -15.28 3.36 -15.01
CA ILE A 8 -15.29 3.25 -13.54
C ILE A 8 -14.26 2.23 -13.05
N ILE A 9 -13.74 1.41 -13.97
CA ILE A 9 -12.77 0.38 -13.61
C ILE A 9 -11.74 0.92 -12.61
N LEU A 10 -11.29 2.15 -12.86
CA LEU A 10 -10.31 2.78 -11.99
C LEU A 10 -10.93 3.02 -10.60
N GLU A 11 -12.15 3.56 -10.59
CA GLU A 11 -12.83 3.85 -9.33
C GLU A 11 -13.16 2.55 -8.59
N ARG A 12 -13.52 1.52 -9.33
CA ARG A 12 -13.84 0.24 -8.72
C ARG A 12 -12.66 -0.29 -7.91
N SER A 13 -11.47 -0.25 -8.51
CA SER A 13 -10.27 -0.73 -7.82
C SER A 13 -9.97 0.09 -6.58
N ALA A 14 -10.04 1.42 -6.73
CA ALA A 14 -9.77 2.33 -5.63
C ALA A 14 -10.86 2.22 -4.57
N LYS A 15 -12.10 2.04 -5.00
CA LYS A 15 -13.21 1.95 -4.07
C LYS A 15 -13.03 0.78 -3.13
N ASP A 16 -12.60 -0.35 -3.66
CA ASP A 16 -12.41 -1.54 -2.85
C ASP A 16 -11.38 -1.26 -1.75
N ILE A 17 -10.26 -0.64 -2.12
CA ILE A 17 -9.21 -0.33 -1.14
C ILE A 17 -9.74 0.63 -0.09
N THR A 18 -10.44 1.66 -0.53
CA THR A 18 -10.97 2.65 0.39
C THR A 18 -11.96 2.01 1.37
N ASP A 19 -12.88 1.22 0.83
CA ASP A 19 -13.88 0.55 1.65
C ASP A 19 -13.25 -0.54 2.53
N GLU A 20 -12.24 -1.21 2.00
CA GLU A 20 -11.57 -2.28 2.73
C GLU A 20 -11.16 -1.83 4.12
N ILE A 21 -10.81 -0.55 4.25
CA ILE A 21 -10.40 0.00 5.53
C ILE A 21 -11.57 -0.05 6.52
N ASN A 22 -12.76 0.30 6.05
CA ASN A 22 -13.95 0.30 6.89
C ASN A 22 -14.22 -1.11 7.43
N LYS A 23 -13.97 -2.12 6.61
CA LYS A 23 -14.21 -3.50 7.02
C LYS A 23 -13.38 -3.86 8.25
N ILE A 24 -12.15 -3.38 8.29
CA ILE A 24 -11.26 -3.65 9.42
C ILE A 24 -11.82 -3.04 10.70
N LYS A 25 -12.34 -1.81 10.57
CA LYS A 25 -12.90 -1.13 11.73
C LYS A 25 -14.03 -1.96 12.33
N LYS A 26 -14.88 -2.51 11.47
CA LYS A 26 -15.99 -3.35 11.93
C LYS A 26 -15.45 -4.62 12.57
N ASP A 27 -14.45 -5.23 11.94
CA ASP A 27 -13.85 -6.46 12.45
C ASP A 27 -13.28 -6.24 13.84
N ALA A 28 -12.53 -5.15 14.00
CA ALA A 28 -11.94 -4.84 15.29
C ALA A 28 -13.01 -4.52 16.32
N ALA A 29 -14.02 -3.76 15.90
CA ALA A 29 -15.10 -3.39 16.81
C ALA A 29 -15.85 -4.62 17.31
N ASP A 30 -16.15 -5.53 16.39
CA ASP A 30 -16.86 -6.76 16.74
C ASP A 30 -16.00 -7.61 17.67
N ASN A 31 -14.70 -7.66 17.40
CA ASN A 31 -13.77 -8.44 18.21
C ASN A 31 -13.54 -7.77 19.56
N ASN A 32 -13.99 -6.52 19.70
CA ASN A 32 -13.83 -5.80 20.95
C ASN A 32 -12.36 -5.74 21.35
N VAL A 33 -11.51 -5.21 20.46
CA VAL A 33 -10.07 -5.09 20.71
C VAL A 33 -9.60 -3.64 20.53
N ASN A 34 -8.51 -3.31 21.21
CA ASN A 34 -7.97 -1.96 21.14
C ASN A 34 -7.66 -1.58 19.70
N PHE A 35 -8.53 -0.76 19.12
CA PHE A 35 -8.35 -0.30 17.74
C PHE A 35 -7.33 0.83 17.69
N ALA A 36 -7.25 1.60 18.76
CA ALA A 36 -6.31 2.72 18.82
C ALA A 36 -4.87 2.23 18.68
N ALA A 37 -4.63 0.98 19.04
CA ALA A 37 -3.30 0.41 18.95
C ALA A 37 -2.83 0.38 17.51
N PHE A 38 -3.73 0.70 16.59
CA PHE A 38 -3.38 0.71 15.18
C PHE A 38 -2.23 1.68 14.92
N THR A 39 -2.29 2.86 15.53
CA THR A 39 -1.27 3.89 15.37
C THR A 39 -0.35 3.92 16.59
N ASP A 40 -0.96 3.93 17.78
CA ASP A 40 -0.19 3.96 19.01
C ASP A 40 0.77 5.15 19.01
N SER A 41 0.26 6.31 18.64
CA SER A 41 1.09 7.52 18.58
C SER A 41 1.38 8.03 19.99
N GLU A 42 0.76 7.40 20.98
CA GLU A 42 0.96 7.79 22.37
C GLU A 42 2.46 7.81 22.71
N THR A 43 2.77 8.04 23.98
CA THR A 43 4.16 8.08 24.42
C THR A 43 4.76 6.68 24.43
N GLY A 44 6.09 6.62 24.55
CA GLY A 44 6.79 5.34 24.56
C GLY A 44 6.91 4.77 23.15
N SER A 45 7.59 3.64 23.02
CA SER A 45 7.77 3.01 21.72
C SER A 45 6.46 2.37 21.26
N LYS A 46 6.40 2.06 19.97
CA LYS A 46 5.20 1.44 19.41
C LYS A 46 4.83 0.18 20.19
N VAL A 47 3.86 0.31 21.07
CA VAL A 47 3.43 -0.84 21.88
C VAL A 47 2.80 -1.91 20.98
N SER A 48 1.48 -1.85 20.82
CA SER A 48 0.76 -2.84 19.98
C SER A 48 1.29 -4.25 20.24
N GLU A 49 1.15 -4.71 21.47
CA GLU A 49 1.62 -6.04 21.84
C GLU A 49 0.87 -7.10 21.05
N ASN A 50 -0.42 -6.87 20.83
CA ASN A 50 -1.24 -7.81 20.09
C ASN A 50 -0.80 -7.87 18.63
N SER A 51 -0.59 -9.09 18.13
CA SER A 51 -0.17 -9.28 16.75
C SER A 51 -1.34 -9.02 15.80
N PHE A 52 -2.52 -8.79 16.36
CA PHE A 52 -3.69 -8.53 15.54
C PHE A 52 -3.44 -7.30 14.66
N ILE A 53 -2.93 -6.23 15.26
CA ILE A 53 -2.66 -4.99 14.53
C ILE A 53 -1.61 -5.22 13.45
N LEU A 54 -0.48 -5.81 13.85
CA LEU A 54 0.61 -6.06 12.91
C LEU A 54 0.17 -7.04 11.82
N GLU A 55 -0.52 -8.10 12.23
CA GLU A 55 -0.97 -9.10 11.29
C GLU A 55 -2.04 -8.50 10.37
N ALA A 56 -2.90 -7.68 10.95
CA ALA A 56 -3.96 -7.03 10.18
C ALA A 56 -3.37 -6.05 9.16
N LYS A 57 -2.22 -5.48 9.50
CA LYS A 57 -1.56 -4.52 8.61
C LYS A 57 -1.23 -5.19 7.28
N VAL A 58 -0.89 -6.46 7.33
CA VAL A 58 -0.55 -7.20 6.13
C VAL A 58 -1.74 -7.22 5.18
N ARG A 59 -2.93 -7.41 5.74
CA ARG A 59 -4.14 -7.45 4.93
C ARG A 59 -4.29 -6.15 4.15
N ALA A 60 -4.08 -5.02 4.82
CA ALA A 60 -4.18 -3.71 4.17
C ALA A 60 -3.08 -3.57 3.12
N THR A 61 -1.98 -4.30 3.33
CA THR A 61 -0.84 -4.27 2.41
C THR A 61 -1.07 -5.22 1.24
N THR A 62 -1.81 -6.30 1.49
CA THR A 62 -2.09 -7.28 0.46
C THR A 62 -2.85 -6.64 -0.70
N VAL A 63 -3.92 -5.91 -0.38
CA VAL A 63 -4.72 -5.25 -1.41
C VAL A 63 -3.92 -4.12 -2.06
N ALA A 64 -3.21 -3.35 -1.22
CA ALA A 64 -2.43 -2.24 -1.71
C ALA A 64 -1.39 -2.72 -2.72
N GLU A 65 -0.95 -3.96 -2.56
CA GLU A 65 0.02 -4.54 -3.49
C GLU A 65 -0.61 -4.74 -4.86
N LYS A 66 -1.89 -5.06 -4.87
CA LYS A 66 -2.59 -5.29 -6.13
C LYS A 66 -2.56 -4.03 -6.98
N PHE A 67 -2.79 -2.89 -6.35
CA PHE A 67 -2.80 -1.63 -7.08
C PHE A 67 -1.44 -1.37 -7.72
N VAL A 68 -0.37 -1.47 -6.93
CA VAL A 68 0.97 -1.23 -7.44
C VAL A 68 1.30 -2.23 -8.54
N THR A 69 1.08 -3.50 -8.27
CA THR A 69 1.36 -4.55 -9.24
C THR A 69 0.45 -4.43 -10.45
N ALA A 70 -0.84 -4.17 -10.20
CA ALA A 70 -1.81 -4.04 -11.28
C ALA A 70 -1.43 -2.91 -12.22
N ILE A 71 -0.93 -1.80 -11.67
CA ILE A 71 -0.54 -0.66 -12.49
C ILE A 71 0.45 -1.09 -13.57
N GLU A 72 1.40 -1.94 -13.20
CA GLU A 72 2.41 -2.40 -14.14
C GLU A 72 1.79 -3.21 -15.28
N GLY A 73 0.82 -4.08 -14.95
CA GLY A 73 0.17 -4.91 -15.97
C GLY A 73 -1.07 -4.24 -16.55
N GLU A 74 -1.61 -3.25 -15.85
CA GLU A 74 -2.79 -2.52 -16.30
C GLU A 74 -2.45 -1.64 -17.48
N ALA A 75 -1.19 -1.23 -17.58
CA ALA A 75 -0.77 -0.37 -18.68
C ALA A 75 -1.19 -0.97 -20.02
N THR A 76 -0.94 -2.27 -20.18
CA THR A 76 -1.31 -2.99 -21.41
C THR A 76 -1.03 -2.14 -22.65
N LYS A 77 -2.07 -1.46 -23.15
CA LYS A 77 -1.93 -0.61 -24.33
C LYS A 77 -2.99 0.49 -24.29
N LEU A 78 -4.24 0.11 -24.62
CA LEU A 78 -5.35 1.07 -24.64
C LEU A 78 -6.60 0.48 -24.02
N LYS A 79 -6.69 -0.84 -23.98
CA LYS A 79 -7.87 -1.47 -23.42
C LYS A 79 -8.09 -1.05 -21.98
N LYS A 80 -7.03 -1.07 -21.19
CA LYS A 80 -7.11 -0.69 -19.78
C LYS A 80 -6.87 0.82 -19.61
N THR A 81 -5.88 1.35 -20.33
CA THR A 81 -5.54 2.75 -20.21
C THR A 81 -6.56 3.62 -20.94
N GLY A 82 -7.26 3.06 -21.92
CA GLY A 82 -8.27 3.82 -22.65
C GLY A 82 -7.73 5.19 -23.07
N SER A 83 -7.96 6.18 -22.22
CA SER A 83 -7.48 7.55 -22.48
C SER A 83 -6.00 7.64 -22.13
N SER A 84 -5.40 8.79 -22.44
CA SER A 84 -3.97 8.99 -22.15
C SER A 84 -3.75 9.33 -20.68
N GLY A 85 -4.40 10.38 -20.22
CA GLY A 85 -4.27 10.80 -18.83
C GLY A 85 -4.63 9.67 -17.87
N GLU A 86 -5.34 8.66 -18.39
CA GLU A 86 -5.79 7.54 -17.56
C GLU A 86 -4.67 7.04 -16.65
N PHE A 87 -3.59 6.54 -17.24
CA PHE A 87 -2.48 6.04 -16.45
C PHE A 87 -1.81 7.16 -15.67
N SER A 88 -1.80 8.35 -16.26
CA SER A 88 -1.17 9.49 -15.61
C SER A 88 -1.84 9.79 -14.28
N ALA A 89 -3.17 9.74 -14.26
CA ALA A 89 -3.94 10.00 -13.04
C ALA A 89 -4.02 8.76 -12.17
N MET A 90 -3.75 7.59 -12.76
CA MET A 90 -3.80 6.34 -12.02
C MET A 90 -2.79 6.35 -10.88
N TYR A 91 -1.59 6.83 -11.16
CA TYR A 91 -0.57 6.92 -10.13
C TYR A 91 -0.97 7.87 -9.02
N ASN A 92 -1.53 9.02 -9.42
CA ASN A 92 -1.96 10.03 -8.44
C ASN A 92 -2.82 9.39 -7.36
N MET A 93 -3.63 8.41 -7.75
CA MET A 93 -4.49 7.73 -6.79
C MET A 93 -3.64 7.05 -5.73
N MET A 94 -2.51 6.48 -6.14
CA MET A 94 -1.63 5.80 -5.20
C MET A 94 -1.15 6.79 -4.14
N LEU A 95 -0.80 7.99 -4.58
CA LEU A 95 -0.33 9.01 -3.65
C LEU A 95 -1.48 9.50 -2.77
N GLU A 96 -2.65 9.68 -3.37
CA GLU A 96 -3.82 10.16 -2.62
C GLU A 96 -4.33 9.10 -1.65
N VAL A 97 -4.58 7.90 -2.15
CA VAL A 97 -5.08 6.80 -1.32
C VAL A 97 -4.11 6.54 -0.16
N SER A 98 -2.97 7.22 -0.18
CA SER A 98 -1.97 7.05 0.86
C SER A 98 -2.58 7.32 2.23
N GLY A 99 -3.50 8.28 2.28
CA GLY A 99 -4.15 8.62 3.55
C GLY A 99 -4.82 7.38 4.15
N PRO A 100 -5.87 6.88 3.54
CA PRO A 100 -6.60 5.67 4.04
C PRO A 100 -5.62 4.59 4.55
N LEU A 101 -4.63 4.28 3.75
CA LEU A 101 -3.63 3.28 4.13
C LEU A 101 -2.84 3.77 5.35
N GLU A 102 -2.49 5.04 5.36
CA GLU A 102 -1.73 5.60 6.47
C GLU A 102 -2.50 5.43 7.78
N GLU A 103 -3.82 5.55 7.69
CA GLU A 103 -4.66 5.42 8.88
C GLU A 103 -4.53 4.01 9.45
N LEU A 104 -4.41 3.01 8.57
CA LEU A 104 -4.29 1.62 9.01
C LEU A 104 -2.82 1.29 9.36
N GLY A 105 -2.01 2.33 9.52
CA GLY A 105 -0.60 2.15 9.85
C GLY A 105 0.17 1.53 8.69
N VAL A 106 0.85 2.36 7.92
CA VAL A 106 1.64 1.90 6.76
C VAL A 106 2.90 2.75 6.63
N LEU A 107 3.87 2.23 5.90
CA LEU A 107 5.13 2.94 5.70
C LEU A 107 4.89 4.20 4.87
N ARG A 108 5.56 5.28 5.26
CA ARG A 108 5.42 6.57 4.58
C ARG A 108 6.50 6.71 3.51
N MET A 109 7.22 5.62 3.24
CA MET A 109 8.29 5.64 2.25
C MET A 109 7.77 6.17 0.91
N THR A 110 6.44 6.26 0.79
CA THR A 110 5.83 6.77 -0.44
C THR A 110 6.54 8.02 -0.94
N LYS A 111 7.31 8.65 -0.06
CA LYS A 111 8.04 9.85 -0.41
C LYS A 111 9.08 9.53 -1.49
N THR A 112 9.71 8.38 -1.37
CA THR A 112 10.72 7.96 -2.33
C THR A 112 10.10 7.83 -3.72
N VAL A 113 8.97 7.16 -3.81
CA VAL A 113 8.30 6.97 -5.08
C VAL A 113 7.89 8.32 -5.66
N THR A 114 7.33 9.17 -4.81
CA THR A 114 6.89 10.49 -5.25
C THR A 114 8.08 11.30 -5.76
N ASP A 115 9.20 11.22 -5.05
CA ASP A 115 10.40 11.94 -5.44
C ASP A 115 10.78 11.64 -6.88
N ALA A 116 10.35 10.47 -7.37
CA ALA A 116 10.64 10.07 -8.74
C ALA A 116 10.05 11.08 -9.71
N ALA A 117 8.88 11.60 -9.40
CA ALA A 117 8.22 12.58 -10.25
C ALA A 117 9.12 13.78 -10.49
N GLU A 118 10.05 14.02 -9.56
CA GLU A 118 10.95 15.15 -9.69
C GLU A 118 11.78 15.04 -10.96
N GLN A 119 12.59 13.98 -11.04
CA GLN A 119 13.43 13.75 -12.22
C GLN A 119 12.66 12.96 -13.27
N HIS A 120 12.19 11.78 -12.88
CA HIS A 120 11.45 10.90 -13.80
C HIS A 120 10.06 11.48 -14.10
N PRO A 121 9.51 11.22 -15.27
CA PRO A 121 8.15 11.73 -15.63
C PRO A 121 7.09 11.20 -14.66
N THR A 122 6.08 12.01 -14.37
CA THR A 122 5.04 11.59 -13.44
C THR A 122 4.35 10.33 -13.92
N THR A 123 4.98 9.18 -13.66
CA THR A 123 4.42 7.88 -14.05
C THR A 123 3.73 7.96 -15.42
N THR A 124 4.53 8.01 -16.49
CA THR A 124 4.02 8.08 -17.85
C THR A 124 4.09 6.69 -18.49
N ALA A 125 3.57 6.56 -19.70
CA ALA A 125 3.57 5.27 -20.40
C ALA A 125 4.86 4.50 -20.15
N GLU A 126 5.99 5.10 -20.54
CA GLU A 126 7.29 4.47 -20.32
C GLU A 126 7.75 4.69 -18.88
N GLY A 127 7.33 5.81 -18.29
CA GLY A 127 7.71 6.14 -16.91
C GLY A 127 7.21 5.09 -15.94
N ILE A 128 6.07 4.50 -16.22
CA ILE A 128 5.51 3.49 -15.32
C ILE A 128 6.48 2.31 -15.21
N LEU A 129 6.96 1.84 -16.34
CA LEU A 129 7.87 0.69 -16.34
C LEU A 129 9.17 1.01 -15.61
N GLU A 130 9.70 2.21 -15.85
CA GLU A 130 10.94 2.64 -15.21
C GLU A 130 10.72 2.96 -13.73
N ILE A 131 9.75 3.84 -13.47
CA ILE A 131 9.44 4.25 -12.10
C ILE A 131 8.93 3.06 -11.28
N ALA A 132 8.39 2.06 -11.97
CA ALA A 132 7.87 0.86 -11.29
C ALA A 132 8.98 0.19 -10.50
N LYS A 133 10.21 0.41 -10.92
CA LYS A 133 11.36 -0.19 -10.24
C LYS A 133 11.41 0.29 -8.78
N ILE A 134 11.18 1.57 -8.58
CA ILE A 134 11.18 2.14 -7.23
C ILE A 134 10.03 1.56 -6.42
N MET A 135 8.87 1.41 -7.07
CA MET A 135 7.69 0.89 -6.39
C MET A 135 7.94 -0.52 -5.86
N LYS A 136 8.67 -1.32 -6.63
CA LYS A 136 8.97 -2.69 -6.23
C LYS A 136 9.66 -2.71 -4.87
N THR A 137 10.54 -1.75 -4.64
CA THR A 137 11.24 -1.67 -3.37
C THR A 137 10.25 -1.53 -2.23
N LYS A 138 9.32 -0.59 -2.40
CA LYS A 138 8.29 -0.35 -1.39
C LYS A 138 7.33 -1.54 -1.31
N LEU A 139 7.17 -2.23 -2.43
CA LEU A 139 6.24 -3.36 -2.50
C LEU A 139 6.68 -4.47 -1.53
N GLN A 140 7.96 -4.77 -1.49
CA GLN A 140 8.50 -5.82 -0.61
C GLN A 140 8.87 -5.27 0.77
N ARG A 141 9.27 -4.02 0.82
CA ARG A 141 9.68 -3.40 2.08
C ARG A 141 8.55 -3.49 3.11
N VAL A 142 7.33 -3.20 2.66
CA VAL A 142 6.17 -3.23 3.55
C VAL A 142 5.98 -4.64 4.12
N HIS A 143 6.11 -5.65 3.28
CA HIS A 143 5.93 -7.03 3.72
C HIS A 143 7.13 -7.47 4.56
N THR A 144 8.32 -7.08 4.15
CA THR A 144 9.53 -7.47 4.87
C THR A 144 9.50 -6.93 6.29
N LYS A 145 9.18 -5.65 6.43
CA LYS A 145 9.13 -5.03 7.75
C LYS A 145 8.06 -5.70 8.63
N ASN A 146 6.87 -5.86 8.07
CA ASN A 146 5.77 -6.46 8.81
C ASN A 146 6.08 -7.92 9.14
N TYR A 147 6.66 -8.63 8.17
CA TYR A 147 7.00 -10.03 8.36
C TYR A 147 8.05 -10.18 9.45
N CYS A 148 9.04 -9.29 9.44
CA CYS A 148 10.11 -9.34 10.43
C CYS A 148 9.55 -9.44 11.85
N ALA A 149 8.27 -9.10 12.00
CA ALA A 149 7.62 -9.15 13.32
C ALA A 149 7.09 -10.55 13.64
N LEU A 150 6.42 -11.17 12.68
CA LEU A 150 5.82 -12.50 12.87
C LEU A 150 6.86 -13.53 13.32
N GLU A 151 7.71 -13.94 12.39
CA GLU A 151 8.73 -14.95 12.70
C GLU A 151 9.52 -14.57 13.96
N LYS A 152 9.83 -13.29 14.09
CA LYS A 152 10.56 -12.82 15.25
C LYS A 152 9.77 -13.02 16.53
N LYS A 153 8.46 -12.78 16.46
CA LYS A 153 7.62 -12.95 17.63
C LYS A 153 7.73 -14.38 18.16
N LYS A 154 7.88 -15.34 17.23
CA LYS A 154 7.99 -16.76 17.60
C LYS A 154 9.45 -17.21 17.62
N ASN A 155 10.36 -16.30 17.26
CA ASN A 155 11.78 -16.61 17.23
C ASN A 155 12.60 -15.32 17.40
N PRO A 156 12.79 -14.84 18.62
CA PRO A 156 13.56 -13.60 18.88
C PRO A 156 14.92 -13.59 18.17
N ASN A 157 15.48 -14.78 17.99
CA ASN A 157 16.78 -14.90 17.32
C ASN A 157 16.68 -14.52 15.85
N PHE A 158 15.48 -14.61 15.29
CA PHE A 158 15.27 -14.26 13.88
C PHE A 158 15.37 -12.75 13.69
N THR A 159 16.22 -12.34 12.76
CA THR A 159 16.40 -10.92 12.47
C THR A 159 16.96 -10.75 11.06
N ASP A 160 16.07 -10.45 10.11
CA ASP A 160 16.49 -10.26 8.73
C ASP A 160 17.34 -8.99 8.62
N GLU A 161 18.42 -9.08 7.86
CA GLU A 161 19.32 -7.93 7.68
C GLU A 161 18.54 -6.74 7.12
N LYS A 162 17.49 -7.03 6.36
CA LYS A 162 16.68 -5.98 5.76
C LYS A 162 16.01 -5.14 6.85
N CYS A 163 15.58 -5.80 7.92
CA CYS A 163 14.93 -5.10 9.03
C CYS A 163 15.97 -4.74 10.10
N LYS A 164 15.76 -3.59 10.72
CA LYS A 164 16.67 -3.12 11.75
C LYS A 164 16.73 -4.11 12.91
N ASN A 165 17.81 -4.05 13.68
CA ASN A 165 17.98 -4.95 14.81
C ASN A 165 16.98 -4.61 15.92
N ASN A 166 16.61 -5.63 16.70
CA ASN A 166 15.65 -5.42 17.79
C ASN A 166 14.37 -4.78 17.27
#